data_1TOL
# 
_entry.id   1TOL 
# 
_audit_conform.dict_name       mmcif_pdbx.dic 
_audit_conform.dict_version    5.397 
_audit_conform.dict_location   http://mmcif.pdb.org/dictionaries/ascii/mmcif_pdbx.dic 
# 
loop_
_database_2.database_id 
_database_2.database_code 
_database_2.pdbx_database_accession 
_database_2.pdbx_DOI 
PDB   1TOL         pdb_00001tol 10.2210/pdb1tol/pdb 
RCSB  RCSB001076   ?            ?                   
WWPDB D_1000001076 ?            ?                   
# 
loop_
_pdbx_audit_revision_history.ordinal 
_pdbx_audit_revision_history.data_content_type 
_pdbx_audit_revision_history.major_revision 
_pdbx_audit_revision_history.minor_revision 
_pdbx_audit_revision_history.revision_date 
1 'Structure model' 1 0 1999-05-20 
2 'Structure model' 1 1 2008-04-26 
3 'Structure model' 1 2 2011-07-13 
4 'Structure model' 1 3 2017-06-21 
5 'Structure model' 1 4 2023-12-27 
6 'Structure model' 1 5 2024-10-30 
# 
_pdbx_audit_revision_details.ordinal             1 
_pdbx_audit_revision_details.revision_ordinal    1 
_pdbx_audit_revision_details.data_content_type   'Structure model' 
_pdbx_audit_revision_details.provider            repository 
_pdbx_audit_revision_details.type                'Initial release' 
_pdbx_audit_revision_details.description         ? 
_pdbx_audit_revision_details.details             ? 
# 
loop_
_pdbx_audit_revision_group.ordinal 
_pdbx_audit_revision_group.revision_ordinal 
_pdbx_audit_revision_group.data_content_type 
_pdbx_audit_revision_group.group 
1 2 'Structure model' 'Version format compliance' 
2 3 'Structure model' 'Version format compliance' 
3 4 'Structure model' Advisory                    
4 4 'Structure model' 'Database references'       
5 4 'Structure model' 'Source and taxonomy'       
6 4 'Structure model' 'Structure summary'         
7 5 'Structure model' 'Data collection'           
8 5 'Structure model' 'Database references'       
9 6 'Structure model' 'Structure summary'         
# 
loop_
_pdbx_audit_revision_category.ordinal 
_pdbx_audit_revision_category.revision_ordinal 
_pdbx_audit_revision_category.data_content_type 
_pdbx_audit_revision_category.category 
1  4 'Structure model' entity_name_com            
2  4 'Structure model' entity_src_gen             
3  4 'Structure model' pdbx_distant_solvent_atoms 
4  4 'Structure model' struct_ref                 
5  4 'Structure model' struct_ref_seq             
6  4 'Structure model' struct_ref_seq_dif         
7  5 'Structure model' chem_comp_atom             
8  5 'Structure model' chem_comp_bond             
9  5 'Structure model' database_2                 
10 6 'Structure model' pdbx_entry_details         
11 6 'Structure model' pdbx_modification_feature  
# 
loop_
_pdbx_audit_revision_item.ordinal 
_pdbx_audit_revision_item.revision_ordinal 
_pdbx_audit_revision_item.data_content_type 
_pdbx_audit_revision_item.item 
1  4 'Structure model' '_struct_ref.db_code'                     
2  4 'Structure model' '_struct_ref.db_name'                     
3  4 'Structure model' '_struct_ref.pdbx_align_begin'            
4  4 'Structure model' '_struct_ref.pdbx_db_accession'           
5  4 'Structure model' '_struct_ref.pdbx_seq_one_letter_code'    
6  4 'Structure model' '_struct_ref_seq.db_align_beg'            
7  4 'Structure model' '_struct_ref_seq.db_align_end'            
8  4 'Structure model' '_struct_ref_seq.pdbx_auth_seq_align_end' 
9  4 'Structure model' '_struct_ref_seq.pdbx_db_accession'       
10 4 'Structure model' '_struct_ref_seq.seq_align_end'           
11 5 'Structure model' '_database_2.pdbx_DOI'                    
12 5 'Structure model' '_database_2.pdbx_database_accession'     
# 
_pdbx_database_status.status_code                     REL 
_pdbx_database_status.entry_id                        1TOL 
_pdbx_database_status.recvd_initial_deposition_date   1999-05-17 
_pdbx_database_status.deposit_site                    BNL 
_pdbx_database_status.process_site                    RCSB 
_pdbx_database_status.status_code_sf                  REL 
_pdbx_database_status.SG_entry                        . 
_pdbx_database_status.pdb_format_compatible           Y 
_pdbx_database_status.status_code_mr                  ? 
_pdbx_database_status.status_code_cs                  ? 
_pdbx_database_status.methods_development_category    ? 
_pdbx_database_status.status_code_nmr_data            ? 
# 
loop_
_audit_author.name 
_audit_author.pdbx_ordinal 
'Lubkowski, J.'  1 
'Wlodawer, A.'   2 
'Hennecke, F.'   3 
'Plueckthun, A.' 4 
# 
_citation.id                        primary 
_citation.title                     
'Filamentous phage infection: crystal structure of g3p in complex with its coreceptor, the C-terminal domain of TolA.' 
_citation.journal_abbrev            'Structure Fold.Des.' 
_citation.journal_volume            7 
_citation.page_first                711 
_citation.page_last                 722 
_citation.year                      1999 
_citation.journal_id_ASTM           FODEFH 
_citation.country                   UK 
_citation.journal_id_ISSN           0969-2126 
_citation.journal_id_CSD            1263 
_citation.book_publisher            ? 
_citation.pdbx_database_id_PubMed   10404600 
_citation.pdbx_database_id_DOI      '10.1016/S0969-2126(99)80092-6' 
# 
loop_
_citation_author.citation_id 
_citation_author.name 
_citation_author.ordinal 
_citation_author.identifier_ORCID 
primary 'Lubkowski, J.' 1 ? 
primary 'Hennecke, F.'  2 ? 
primary 'Pluckthun, A.' 3 ? 
primary 'Wlodawer, A.'  4 ? 
# 
loop_
_entity.id 
_entity.type 
_entity.src_method 
_entity.pdbx_description 
_entity.formula_weight 
_entity.pdbx_number_of_molecules 
_entity.pdbx_ec 
_entity.pdbx_mutation 
_entity.pdbx_fragment 
_entity.details 
1 polymer man 'PROTEIN (FUSION PROTEIN CONSISTING OF MINOR COAT PROTEIN, GLYCINE RICH LINKER, TOLA, AND A HIS TAG)' 22851.123 1   
? ? 'N-TERMINAL DOMAIN OF MINOR COAT PROTEIN AND C-TERMINAL DOMAIN OF TOLA' 
;FUSION PROTEIN COMPRISES RESIDUES 1-86 OF MATURE MINOR COAT PROTEIN FROM GENE III, INCLUDING GLYCINE-RICH LINKER (GGGSEGGGSEGGGSEGGG), AND RESIDUES 295-421 OF TOLA, AND C-TERMINAL TAIL WITH SEQUENCE AAAHHHHHH
;
2 water   nat water                                                                                                 18.015    159 
? ? ?                                                                       ? 
# 
_entity_poly.entity_id                      1 
_entity_poly.type                           'polypeptide(L)' 
_entity_poly.nstd_linkage                   no 
_entity_poly.nstd_monomer                   no 
_entity_poly.pdbx_seq_one_letter_code       
;AETVESCLAKSHTENSFTNVWKDDKTLDRYANYEGCLWNATGVVVCTGDETQCYGTWVPIGLAIPENEGGGSEGGGSEGG
GSEGGGDDIFGELSSGKNAPKTGGGAKGNNASPAGSGNTKNNGASGADINNYAGQIKSAIESKFYDASSYAGKTCTLRIK
LAPDGMLLDIKPEGGDPALCQAALAAAKLAKIPKPPSQAVYEVFKNAPLDFKPAAAHHHHHH
;
_entity_poly.pdbx_seq_one_letter_code_can   
;AETVESCLAKSHTENSFTNVWKDDKTLDRYANYEGCLWNATGVVVCTGDETQCYGTWVPIGLAIPENEGGGSEGGGSEGG
GSEGGGDDIFGELSSGKNAPKTGGGAKGNNASPAGSGNTKNNGASGADINNYAGQIKSAIESKFYDASSYAGKTCTLRIK
LAPDGMLLDIKPEGGDPALCQAALAAAKLAKIPKPPSQAVYEVFKNAPLDFKPAAAHHHHHH
;
_entity_poly.pdbx_strand_id                 A 
_entity_poly.pdbx_target_identifier         ? 
# 
_pdbx_entity_nonpoly.entity_id   2 
_pdbx_entity_nonpoly.name        water 
_pdbx_entity_nonpoly.comp_id     HOH 
# 
loop_
_entity_poly_seq.entity_id 
_entity_poly_seq.num 
_entity_poly_seq.mon_id 
_entity_poly_seq.hetero 
1 1   ALA n 
1 2   GLU n 
1 3   THR n 
1 4   VAL n 
1 5   GLU n 
1 6   SER n 
1 7   CYS n 
1 8   LEU n 
1 9   ALA n 
1 10  LYS n 
1 11  SER n 
1 12  HIS n 
1 13  THR n 
1 14  GLU n 
1 15  ASN n 
1 16  SER n 
1 17  PHE n 
1 18  THR n 
1 19  ASN n 
1 20  VAL n 
1 21  TRP n 
1 22  LYS n 
1 23  ASP n 
1 24  ASP n 
1 25  LYS n 
1 26  THR n 
1 27  LEU n 
1 28  ASP n 
1 29  ARG n 
1 30  TYR n 
1 31  ALA n 
1 32  ASN n 
1 33  TYR n 
1 34  GLU n 
1 35  GLY n 
1 36  CYS n 
1 37  LEU n 
1 38  TRP n 
1 39  ASN n 
1 40  ALA n 
1 41  THR n 
1 42  GLY n 
1 43  VAL n 
1 44  VAL n 
1 45  VAL n 
1 46  CYS n 
1 47  THR n 
1 48  GLY n 
1 49  ASP n 
1 50  GLU n 
1 51  THR n 
1 52  GLN n 
1 53  CYS n 
1 54  TYR n 
1 55  GLY n 
1 56  THR n 
1 57  TRP n 
1 58  VAL n 
1 59  PRO n 
1 60  ILE n 
1 61  GLY n 
1 62  LEU n 
1 63  ALA n 
1 64  ILE n 
1 65  PRO n 
1 66  GLU n 
1 67  ASN n 
1 68  GLU n 
1 69  GLY n 
1 70  GLY n 
1 71  GLY n 
1 72  SER n 
1 73  GLU n 
1 74  GLY n 
1 75  GLY n 
1 76  GLY n 
1 77  SER n 
1 78  GLU n 
1 79  GLY n 
1 80  GLY n 
1 81  GLY n 
1 82  SER n 
1 83  GLU n 
1 84  GLY n 
1 85  GLY n 
1 86  GLY n 
1 87  ASP n 
1 88  ASP n 
1 89  ILE n 
1 90  PHE n 
1 91  GLY n 
1 92  GLU n 
1 93  LEU n 
1 94  SER n 
1 95  SER n 
1 96  GLY n 
1 97  LYS n 
1 98  ASN n 
1 99  ALA n 
1 100 PRO n 
1 101 LYS n 
1 102 THR n 
1 103 GLY n 
1 104 GLY n 
1 105 GLY n 
1 106 ALA n 
1 107 LYS n 
1 108 GLY n 
1 109 ASN n 
1 110 ASN n 
1 111 ALA n 
1 112 SER n 
1 113 PRO n 
1 114 ALA n 
1 115 GLY n 
1 116 SER n 
1 117 GLY n 
1 118 ASN n 
1 119 THR n 
1 120 LYS n 
1 121 ASN n 
1 122 ASN n 
1 123 GLY n 
1 124 ALA n 
1 125 SER n 
1 126 GLY n 
1 127 ALA n 
1 128 ASP n 
1 129 ILE n 
1 130 ASN n 
1 131 ASN n 
1 132 TYR n 
1 133 ALA n 
1 134 GLY n 
1 135 GLN n 
1 136 ILE n 
1 137 LYS n 
1 138 SER n 
1 139 ALA n 
1 140 ILE n 
1 141 GLU n 
1 142 SER n 
1 143 LYS n 
1 144 PHE n 
1 145 TYR n 
1 146 ASP n 
1 147 ALA n 
1 148 SER n 
1 149 SER n 
1 150 TYR n 
1 151 ALA n 
1 152 GLY n 
1 153 LYS n 
1 154 THR n 
1 155 CYS n 
1 156 THR n 
1 157 LEU n 
1 158 ARG n 
1 159 ILE n 
1 160 LYS n 
1 161 LEU n 
1 162 ALA n 
1 163 PRO n 
1 164 ASP n 
1 165 GLY n 
1 166 MET n 
1 167 LEU n 
1 168 LEU n 
1 169 ASP n 
1 170 ILE n 
1 171 LYS n 
1 172 PRO n 
1 173 GLU n 
1 174 GLY n 
1 175 GLY n 
1 176 ASP n 
1 177 PRO n 
1 178 ALA n 
1 179 LEU n 
1 180 CYS n 
1 181 GLN n 
1 182 ALA n 
1 183 ALA n 
1 184 LEU n 
1 185 ALA n 
1 186 ALA n 
1 187 ALA n 
1 188 LYS n 
1 189 LEU n 
1 190 ALA n 
1 191 LYS n 
1 192 ILE n 
1 193 PRO n 
1 194 LYS n 
1 195 PRO n 
1 196 PRO n 
1 197 SER n 
1 198 GLN n 
1 199 ALA n 
1 200 VAL n 
1 201 TYR n 
1 202 GLU n 
1 203 VAL n 
1 204 PHE n 
1 205 LYS n 
1 206 ASN n 
1 207 ALA n 
1 208 PRO n 
1 209 LEU n 
1 210 ASP n 
1 211 PHE n 
1 212 LYS n 
1 213 PRO n 
1 214 ALA n 
1 215 ALA n 
1 216 ALA n 
1 217 HIS n 
1 218 HIS n 
1 219 HIS n 
1 220 HIS n 
1 221 HIS n 
1 222 HIS n 
# 
loop_
_entity_src_gen.entity_id 
_entity_src_gen.pdbx_src_id 
_entity_src_gen.pdbx_alt_source_flag 
_entity_src_gen.pdbx_seq_type 
_entity_src_gen.pdbx_beg_seq_num 
_entity_src_gen.pdbx_end_seq_num 
_entity_src_gen.gene_src_common_name 
_entity_src_gen.gene_src_genus 
_entity_src_gen.pdbx_gene_src_gene 
_entity_src_gen.gene_src_species 
_entity_src_gen.gene_src_strain 
_entity_src_gen.gene_src_tissue 
_entity_src_gen.gene_src_tissue_fraction 
_entity_src_gen.gene_src_details 
_entity_src_gen.pdbx_gene_src_fragment 
_entity_src_gen.pdbx_gene_src_scientific_name 
_entity_src_gen.pdbx_gene_src_ncbi_taxonomy_id 
_entity_src_gen.pdbx_gene_src_variant 
_entity_src_gen.pdbx_gene_src_cell_line 
_entity_src_gen.pdbx_gene_src_atcc 
_entity_src_gen.pdbx_gene_src_organ 
_entity_src_gen.pdbx_gene_src_organelle 
_entity_src_gen.pdbx_gene_src_cell 
_entity_src_gen.pdbx_gene_src_cellular_location 
_entity_src_gen.host_org_common_name 
_entity_src_gen.pdbx_host_org_scientific_name 
_entity_src_gen.pdbx_host_org_ncbi_taxonomy_id 
_entity_src_gen.host_org_genus 
_entity_src_gen.pdbx_host_org_gene 
_entity_src_gen.pdbx_host_org_organ 
_entity_src_gen.host_org_species 
_entity_src_gen.pdbx_host_org_tissue 
_entity_src_gen.pdbx_host_org_tissue_fraction 
_entity_src_gen.pdbx_host_org_strain 
_entity_src_gen.pdbx_host_org_variant 
_entity_src_gen.pdbx_host_org_cell_line 
_entity_src_gen.pdbx_host_org_atcc 
_entity_src_gen.pdbx_host_org_culture_collection 
_entity_src_gen.pdbx_host_org_cell 
_entity_src_gen.pdbx_host_org_organelle 
_entity_src_gen.pdbx_host_org_cellular_location 
_entity_src_gen.pdbx_host_org_vector_type 
_entity_src_gen.pdbx_host_org_vector 
_entity_src_gen.host_org_details 
_entity_src_gen.expression_system_id 
_entity_src_gen.plasmid_name 
_entity_src_gen.plasmid_details 
_entity_src_gen.pdbx_description 
1 1 sample 'Biological sequence' 1  86  ? 'Inovirus, Escherichia' ? , ? ? ? ? ? 'Enterobacteria phage M13' 10870 ? ? ? ? ? ? ? ? 
'Escherichia coli' 469008 Escherichia ? ? ? ? ? 'BL21(DE3)' ? ? ? ? ? ? ? ? ? ? ? PTFT74 ? 'FUSION GENE' 
1 2 sample 'Biological sequence' 87 222 ? 'Inovirus, Escherichia' ? , ? ? ? ? ? 'Escherichia coli'         562   ? ? ? ? ? ? ? ? 
'Escherichia coli' 469008 Escherichia ? ? ? ? ? 'BL21(DE3)' ? ? ? ? ? ? ? ? ? ? ? PTFT74 ? 'FUSION GENE' 
# 
loop_
_chem_comp.id 
_chem_comp.type 
_chem_comp.mon_nstd_flag 
_chem_comp.name 
_chem_comp.pdbx_synonyms 
_chem_comp.formula 
_chem_comp.formula_weight 
ALA 'L-peptide linking' y ALANINE         ? 'C3 H7 N O2'     89.093  
ARG 'L-peptide linking' y ARGININE        ? 'C6 H15 N4 O2 1' 175.209 
ASN 'L-peptide linking' y ASPARAGINE      ? 'C4 H8 N2 O3'    132.118 
ASP 'L-peptide linking' y 'ASPARTIC ACID' ? 'C4 H7 N O4'     133.103 
CYS 'L-peptide linking' y CYSTEINE        ? 'C3 H7 N O2 S'   121.158 
GLN 'L-peptide linking' y GLUTAMINE       ? 'C5 H10 N2 O3'   146.144 
GLU 'L-peptide linking' y 'GLUTAMIC ACID' ? 'C5 H9 N O4'     147.129 
GLY 'peptide linking'   y GLYCINE         ? 'C2 H5 N O2'     75.067  
HIS 'L-peptide linking' y HISTIDINE       ? 'C6 H10 N3 O2 1' 156.162 
HOH non-polymer         . WATER           ? 'H2 O'           18.015  
ILE 'L-peptide linking' y ISOLEUCINE      ? 'C6 H13 N O2'    131.173 
LEU 'L-peptide linking' y LEUCINE         ? 'C6 H13 N O2'    131.173 
LYS 'L-peptide linking' y LYSINE          ? 'C6 H15 N2 O2 1' 147.195 
MET 'L-peptide linking' y METHIONINE      ? 'C5 H11 N O2 S'  149.211 
PHE 'L-peptide linking' y PHENYLALANINE   ? 'C9 H11 N O2'    165.189 
PRO 'L-peptide linking' y PROLINE         ? 'C5 H9 N O2'     115.130 
SER 'L-peptide linking' y SERINE          ? 'C3 H7 N O3'     105.093 
THR 'L-peptide linking' y THREONINE       ? 'C4 H9 N O3'     119.119 
TRP 'L-peptide linking' y TRYPTOPHAN      ? 'C11 H12 N2 O2'  204.225 
TYR 'L-peptide linking' y TYROSINE        ? 'C9 H11 N O3'    181.189 
VAL 'L-peptide linking' y VALINE          ? 'C5 H11 N O2'    117.146 
# 
loop_
_pdbx_poly_seq_scheme.asym_id 
_pdbx_poly_seq_scheme.entity_id 
_pdbx_poly_seq_scheme.seq_id 
_pdbx_poly_seq_scheme.mon_id 
_pdbx_poly_seq_scheme.ndb_seq_num 
_pdbx_poly_seq_scheme.pdb_seq_num 
_pdbx_poly_seq_scheme.auth_seq_num 
_pdbx_poly_seq_scheme.pdb_mon_id 
_pdbx_poly_seq_scheme.auth_mon_id 
_pdbx_poly_seq_scheme.pdb_strand_id 
_pdbx_poly_seq_scheme.pdb_ins_code 
_pdbx_poly_seq_scheme.hetero 
A 1 1   ALA 1   1   1   ALA ALA A . n 
A 1 2   GLU 2   2   2   GLU GLU A . n 
A 1 3   THR 3   3   3   THR THR A . n 
A 1 4   VAL 4   4   4   VAL VAL A . n 
A 1 5   GLU 5   5   5   GLU GLU A . n 
A 1 6   SER 6   6   6   SER SER A . n 
A 1 7   CYS 7   7   7   CYS CYS A . n 
A 1 8   LEU 8   8   8   LEU LEU A . n 
A 1 9   ALA 9   9   9   ALA ALA A . n 
A 1 10  LYS 10  10  10  LYS LYS A . n 
A 1 11  SER 11  11  11  SER SER A . n 
A 1 12  HIS 12  12  12  HIS HIS A . n 
A 1 13  THR 13  13  13  THR THR A . n 
A 1 14  GLU 14  14  14  GLU GLU A . n 
A 1 15  ASN 15  15  15  ASN ASN A . n 
A 1 16  SER 16  16  16  SER SER A . n 
A 1 17  PHE 17  17  17  PHE PHE A . n 
A 1 18  THR 18  18  18  THR THR A . n 
A 1 19  ASN 19  19  19  ASN ASN A . n 
A 1 20  VAL 20  20  20  VAL VAL A . n 
A 1 21  TRP 21  21  21  TRP TRP A . n 
A 1 22  LYS 22  22  22  LYS LYS A . n 
A 1 23  ASP 23  23  23  ASP ASP A . n 
A 1 24  ASP 24  24  24  ASP ASP A . n 
A 1 25  LYS 25  25  25  LYS LYS A . n 
A 1 26  THR 26  26  26  THR THR A . n 
A 1 27  LEU 27  27  27  LEU LEU A . n 
A 1 28  ASP 28  28  28  ASP ASP A . n 
A 1 29  ARG 29  29  29  ARG ARG A . n 
A 1 30  TYR 30  30  30  TYR TYR A . n 
A 1 31  ALA 31  31  31  ALA ALA A . n 
A 1 32  ASN 32  32  32  ASN ASN A . n 
A 1 33  TYR 33  33  33  TYR TYR A . n 
A 1 34  GLU 34  34  34  GLU GLU A . n 
A 1 35  GLY 35  35  35  GLY GLY A . n 
A 1 36  CYS 36  36  36  CYS CYS A . n 
A 1 37  LEU 37  37  37  LEU LEU A . n 
A 1 38  TRP 38  38  38  TRP TRP A . n 
A 1 39  ASN 39  39  39  ASN ASN A . n 
A 1 40  ALA 40  40  40  ALA ALA A . n 
A 1 41  THR 41  41  41  THR THR A . n 
A 1 42  GLY 42  42  42  GLY GLY A . n 
A 1 43  VAL 43  43  43  VAL VAL A . n 
A 1 44  VAL 44  44  44  VAL VAL A . n 
A 1 45  VAL 45  45  45  VAL VAL A . n 
A 1 46  CYS 46  46  46  CYS CYS A . n 
A 1 47  THR 47  47  47  THR THR A . n 
A 1 48  GLY 48  48  48  GLY GLY A . n 
A 1 49  ASP 49  49  49  ASP ASP A . n 
A 1 50  GLU 50  50  50  GLU GLU A . n 
A 1 51  THR 51  51  51  THR THR A . n 
A 1 52  GLN 52  52  52  GLN GLN A . n 
A 1 53  CYS 53  53  53  CYS CYS A . n 
A 1 54  TYR 54  54  54  TYR TYR A . n 
A 1 55  GLY 55  55  55  GLY GLY A . n 
A 1 56  THR 56  56  56  THR THR A . n 
A 1 57  TRP 57  57  57  TRP TRP A . n 
A 1 58  VAL 58  58  58  VAL VAL A . n 
A 1 59  PRO 59  59  59  PRO PRO A . n 
A 1 60  ILE 60  60  60  ILE ILE A . n 
A 1 61  GLY 61  61  61  GLY GLY A . n 
A 1 62  LEU 62  62  62  LEU LEU A . n 
A 1 63  ALA 63  63  63  ALA ALA A . n 
A 1 64  ILE 64  64  64  ILE ILE A . n 
A 1 65  PRO 65  65  65  PRO PRO A . n 
A 1 66  GLU 66  66  ?   ?   ?   A . n 
A 1 67  ASN 67  67  ?   ?   ?   A . n 
A 1 68  GLU 68  68  ?   ?   ?   A . n 
A 1 69  GLY 69  69  ?   ?   ?   A . n 
A 1 70  GLY 70  70  ?   ?   ?   A . n 
A 1 71  GLY 71  71  ?   ?   ?   A . n 
A 1 72  SER 72  72  ?   ?   ?   A . n 
A 1 73  GLU 73  73  ?   ?   ?   A . n 
A 1 74  GLY 74  74  ?   ?   ?   A . n 
A 1 75  GLY 75  75  ?   ?   ?   A . n 
A 1 76  GLY 76  76  ?   ?   ?   A . n 
A 1 77  SER 77  77  ?   ?   ?   A . n 
A 1 78  GLU 78  78  ?   ?   ?   A . n 
A 1 79  GLY 79  79  ?   ?   ?   A . n 
A 1 80  GLY 80  80  ?   ?   ?   A . n 
A 1 81  GLY 81  81  ?   ?   ?   A . n 
A 1 82  SER 82  82  ?   ?   ?   A . n 
A 1 83  GLU 83  83  ?   ?   ?   A . n 
A 1 84  GLY 84  84  ?   ?   ?   A . n 
A 1 85  GLY 85  85  ?   ?   ?   A . n 
A 1 86  GLY 86  86  ?   ?   ?   A . n 
A 1 87  ASP 87  87  ?   ?   ?   A . n 
A 1 88  ASP 88  88  ?   ?   ?   A . n 
A 1 89  ILE 89  89  ?   ?   ?   A . n 
A 1 90  PHE 90  90  ?   ?   ?   A . n 
A 1 91  GLY 91  91  ?   ?   ?   A . n 
A 1 92  GLU 92  92  ?   ?   ?   A . n 
A 1 93  LEU 93  93  ?   ?   ?   A . n 
A 1 94  SER 94  94  ?   ?   ?   A . n 
A 1 95  SER 95  95  ?   ?   ?   A . n 
A 1 96  GLY 96  96  ?   ?   ?   A . n 
A 1 97  LYS 97  97  ?   ?   ?   A . n 
A 1 98  ASN 98  98  ?   ?   ?   A . n 
A 1 99  ALA 99  99  ?   ?   ?   A . n 
A 1 100 PRO 100 100 ?   ?   ?   A . n 
A 1 101 LYS 101 101 ?   ?   ?   A . n 
A 1 102 THR 102 102 ?   ?   ?   A . n 
A 1 103 GLY 103 103 ?   ?   ?   A . n 
A 1 104 GLY 104 104 ?   ?   ?   A . n 
A 1 105 GLY 105 105 ?   ?   ?   A . n 
A 1 106 ALA 106 106 ?   ?   ?   A . n 
A 1 107 LYS 107 107 ?   ?   ?   A . n 
A 1 108 GLY 108 108 ?   ?   ?   A . n 
A 1 109 ASN 109 109 ?   ?   ?   A . n 
A 1 110 ASN 110 110 ?   ?   ?   A . n 
A 1 111 ALA 111 111 ?   ?   ?   A . n 
A 1 112 SER 112 112 ?   ?   ?   A . n 
A 1 113 PRO 113 113 ?   ?   ?   A . n 
A 1 114 ALA 114 114 ?   ?   ?   A . n 
A 1 115 GLY 115 115 ?   ?   ?   A . n 
A 1 116 SER 116 116 ?   ?   ?   A . n 
A 1 117 GLY 117 117 ?   ?   ?   A . n 
A 1 118 ASN 118 118 ?   ?   ?   A . n 
A 1 119 THR 119 119 ?   ?   ?   A . n 
A 1 120 LYS 120 120 ?   ?   ?   A . n 
A 1 121 ASN 121 121 ?   ?   ?   A . n 
A 1 122 ASN 122 122 ?   ?   ?   A . n 
A 1 123 GLY 123 123 ?   ?   ?   A . n 
A 1 124 ALA 124 124 ?   ?   ?   A . n 
A 1 125 SER 125 125 125 SER SER A . n 
A 1 126 GLY 126 126 126 GLY GLY A . n 
A 1 127 ALA 127 127 127 ALA ALA A . n 
A 1 128 ASP 128 128 128 ASP ASP A . n 
A 1 129 ILE 129 129 129 ILE ILE A . n 
A 1 130 ASN 130 130 130 ASN ASN A . n 
A 1 131 ASN 131 131 131 ASN ASN A . n 
A 1 132 TYR 132 132 132 TYR TYR A . n 
A 1 133 ALA 133 133 133 ALA ALA A . n 
A 1 134 GLY 134 134 134 GLY GLY A . n 
A 1 135 GLN 135 135 135 GLN GLN A . n 
A 1 136 ILE 136 136 136 ILE ILE A . n 
A 1 137 LYS 137 137 137 LYS LYS A . n 
A 1 138 SER 138 138 138 SER SER A . n 
A 1 139 ALA 139 139 139 ALA ALA A . n 
A 1 140 ILE 140 140 140 ILE ILE A . n 
A 1 141 GLU 141 141 141 GLU GLU A . n 
A 1 142 SER 142 142 142 SER SER A . n 
A 1 143 LYS 143 143 143 LYS LYS A . n 
A 1 144 PHE 144 144 144 PHE PHE A . n 
A 1 145 TYR 145 145 145 TYR TYR A . n 
A 1 146 ASP 146 146 146 ASP ASP A . n 
A 1 147 ALA 147 147 147 ALA ALA A . n 
A 1 148 SER 148 148 148 SER SER A . n 
A 1 149 SER 149 149 149 SER SER A . n 
A 1 150 TYR 150 150 150 TYR TYR A . n 
A 1 151 ALA 151 151 151 ALA ALA A . n 
A 1 152 GLY 152 152 152 GLY GLY A . n 
A 1 153 LYS 153 153 153 LYS LYS A . n 
A 1 154 THR 154 154 154 THR THR A . n 
A 1 155 CYS 155 155 155 CYS CYS A . n 
A 1 156 THR 156 156 156 THR THR A . n 
A 1 157 LEU 157 157 157 LEU LEU A . n 
A 1 158 ARG 158 158 158 ARG ARG A . n 
A 1 159 ILE 159 159 159 ILE ILE A . n 
A 1 160 LYS 160 160 160 LYS LYS A . n 
A 1 161 LEU 161 161 161 LEU LEU A . n 
A 1 162 ALA 162 162 162 ALA ALA A . n 
A 1 163 PRO 163 163 163 PRO PRO A . n 
A 1 164 ASP 164 164 164 ASP ASP A . n 
A 1 165 GLY 165 165 165 GLY GLY A . n 
A 1 166 MET 166 166 166 MET MET A . n 
A 1 167 LEU 167 167 167 LEU LEU A . n 
A 1 168 LEU 168 168 168 LEU LEU A . n 
A 1 169 ASP 169 169 169 ASP ASP A . n 
A 1 170 ILE 170 170 170 ILE ILE A . n 
A 1 171 LYS 171 171 171 LYS LYS A . n 
A 1 172 PRO 172 172 172 PRO PRO A . n 
A 1 173 GLU 173 173 173 GLU GLU A . n 
A 1 174 GLY 174 174 174 GLY GLY A . n 
A 1 175 GLY 175 175 175 GLY GLY A . n 
A 1 176 ASP 176 176 176 ASP ASP A . n 
A 1 177 PRO 177 177 177 PRO PRO A . n 
A 1 178 ALA 178 178 178 ALA ALA A . n 
A 1 179 LEU 179 179 179 LEU LEU A . n 
A 1 180 CYS 180 180 180 CYS CYS A . n 
A 1 181 GLN 181 181 181 GLN GLN A . n 
A 1 182 ALA 182 182 182 ALA ALA A . n 
A 1 183 ALA 183 183 183 ALA ALA A . n 
A 1 184 LEU 184 184 184 LEU LEU A . n 
A 1 185 ALA 185 185 185 ALA ALA A . n 
A 1 186 ALA 186 186 186 ALA ALA A . n 
A 1 187 ALA 187 187 187 ALA ALA A . n 
A 1 188 LYS 188 188 188 LYS LYS A . n 
A 1 189 LEU 189 189 189 LEU LEU A . n 
A 1 190 ALA 190 190 190 ALA ALA A . n 
A 1 191 LYS 191 191 191 LYS LYS A . n 
A 1 192 ILE 192 192 192 ILE ILE A . n 
A 1 193 PRO 193 193 193 PRO PRO A . n 
A 1 194 LYS 194 194 194 LYS LYS A . n 
A 1 195 PRO 195 195 195 PRO PRO A . n 
A 1 196 PRO 196 196 196 PRO PRO A . n 
A 1 197 SER 197 197 197 SER SER A . n 
A 1 198 GLN 198 198 198 GLN GLN A . n 
A 1 199 ALA 199 199 199 ALA ALA A . n 
A 1 200 VAL 200 200 200 VAL VAL A . n 
A 1 201 TYR 201 201 201 TYR TYR A . n 
A 1 202 GLU 202 202 202 GLU GLU A . n 
A 1 203 VAL 203 203 203 VAL VAL A . n 
A 1 204 PHE 204 204 204 PHE PHE A . n 
A 1 205 LYS 205 205 205 LYS LYS A . n 
A 1 206 ASN 206 206 206 ASN ASN A . n 
A 1 207 ALA 207 207 207 ALA ALA A . n 
A 1 208 PRO 208 208 208 PRO PRO A . n 
A 1 209 LEU 209 209 209 LEU LEU A . n 
A 1 210 ASP 210 210 210 ASP ASP A . n 
A 1 211 PHE 211 211 211 PHE PHE A . n 
A 1 212 LYS 212 212 212 LYS LYS A . n 
A 1 213 PRO 213 213 213 PRO PRO A . n 
A 1 214 ALA 214 214 214 ALA ALA A . n 
A 1 215 ALA 215 215 215 ALA ALA A . n 
A 1 216 ALA 216 216 215 ALA ALA A . n 
A 1 217 HIS 217 217 ?   ?   ?   A . n 
A 1 218 HIS 218 218 ?   ?   ?   A . n 
A 1 219 HIS 219 219 ?   ?   ?   A . n 
A 1 220 HIS 220 220 ?   ?   ?   A . n 
A 1 221 HIS 221 221 ?   ?   ?   A . n 
A 1 222 HIS 222 222 ?   ?   ?   A . n 
# 
loop_
_pdbx_nonpoly_scheme.asym_id 
_pdbx_nonpoly_scheme.entity_id 
_pdbx_nonpoly_scheme.mon_id 
_pdbx_nonpoly_scheme.ndb_seq_num 
_pdbx_nonpoly_scheme.pdb_seq_num 
_pdbx_nonpoly_scheme.auth_seq_num 
_pdbx_nonpoly_scheme.pdb_mon_id 
_pdbx_nonpoly_scheme.auth_mon_id 
_pdbx_nonpoly_scheme.pdb_strand_id 
_pdbx_nonpoly_scheme.pdb_ins_code 
B 2 HOH 1   301 301 HOH HOH A . 
B 2 HOH 2   302 302 HOH HOH A . 
B 2 HOH 3   303 303 HOH HOH A . 
B 2 HOH 4   304 304 HOH HOH A . 
B 2 HOH 5   305 305 HOH HOH A . 
B 2 HOH 6   306 306 HOH HOH A . 
B 2 HOH 7   307 307 HOH HOH A . 
B 2 HOH 8   308 308 HOH HOH A . 
B 2 HOH 9   309 309 HOH HOH A . 
B 2 HOH 10  310 310 HOH HOH A . 
B 2 HOH 11  311 311 HOH HOH A . 
B 2 HOH 12  312 312 HOH HOH A . 
B 2 HOH 13  313 313 HOH HOH A . 
B 2 HOH 14  314 314 HOH HOH A . 
B 2 HOH 15  315 315 HOH HOH A . 
B 2 HOH 16  316 316 HOH HOH A . 
B 2 HOH 17  317 317 HOH HOH A . 
B 2 HOH 18  318 318 HOH HOH A . 
B 2 HOH 19  319 319 HOH HOH A . 
B 2 HOH 20  320 320 HOH HOH A . 
B 2 HOH 21  321 321 HOH HOH A . 
B 2 HOH 22  322 322 HOH HOH A . 
B 2 HOH 23  323 323 HOH HOH A . 
B 2 HOH 24  324 324 HOH HOH A . 
B 2 HOH 25  325 325 HOH HOH A . 
B 2 HOH 26  326 326 HOH HOH A . 
B 2 HOH 27  327 327 HOH HOH A . 
B 2 HOH 28  328 328 HOH HOH A . 
B 2 HOH 29  329 329 HOH HOH A . 
B 2 HOH 30  330 330 HOH HOH A . 
B 2 HOH 31  331 331 HOH HOH A . 
B 2 HOH 32  332 332 HOH HOH A . 
B 2 HOH 33  333 333 HOH HOH A . 
B 2 HOH 34  334 334 HOH HOH A . 
B 2 HOH 35  335 335 HOH HOH A . 
B 2 HOH 36  336 336 HOH HOH A . 
B 2 HOH 37  337 337 HOH HOH A . 
B 2 HOH 38  338 338 HOH HOH A . 
B 2 HOH 39  339 339 HOH HOH A . 
B 2 HOH 40  340 340 HOH HOH A . 
B 2 HOH 41  341 341 HOH HOH A . 
B 2 HOH 42  342 342 HOH HOH A . 
B 2 HOH 43  343 343 HOH HOH A . 
B 2 HOH 44  344 344 HOH HOH A . 
B 2 HOH 45  345 345 HOH HOH A . 
B 2 HOH 46  346 346 HOH HOH A . 
B 2 HOH 47  347 347 HOH HOH A . 
B 2 HOH 48  348 348 HOH HOH A . 
B 2 HOH 49  349 349 HOH HOH A . 
B 2 HOH 50  350 350 HOH HOH A . 
B 2 HOH 51  351 351 HOH HOH A . 
B 2 HOH 52  352 352 HOH HOH A . 
B 2 HOH 53  353 353 HOH HOH A . 
B 2 HOH 54  354 354 HOH HOH A . 
B 2 HOH 55  355 355 HOH HOH A . 
B 2 HOH 56  356 356 HOH HOH A . 
B 2 HOH 57  357 357 HOH HOH A . 
B 2 HOH 58  358 358 HOH HOH A . 
B 2 HOH 59  359 359 HOH HOH A . 
B 2 HOH 60  360 360 HOH HOH A . 
B 2 HOH 61  361 361 HOH HOH A . 
B 2 HOH 62  362 362 HOH HOH A . 
B 2 HOH 63  363 363 HOH HOH A . 
B 2 HOH 64  364 364 HOH HOH A . 
B 2 HOH 65  365 365 HOH HOH A . 
B 2 HOH 66  366 366 HOH HOH A . 
B 2 HOH 67  367 367 HOH HOH A . 
B 2 HOH 68  368 368 HOH HOH A . 
B 2 HOH 69  369 369 HOH HOH A . 
B 2 HOH 70  370 370 HOH HOH A . 
B 2 HOH 71  371 371 HOH HOH A . 
B 2 HOH 72  372 372 HOH HOH A . 
B 2 HOH 73  373 373 HOH HOH A . 
B 2 HOH 74  374 374 HOH HOH A . 
B 2 HOH 75  375 375 HOH HOH A . 
B 2 HOH 76  376 376 HOH HOH A . 
B 2 HOH 77  377 377 HOH HOH A . 
B 2 HOH 78  378 378 HOH HOH A . 
B 2 HOH 79  379 379 HOH HOH A . 
B 2 HOH 80  380 380 HOH HOH A . 
B 2 HOH 81  381 381 HOH HOH A . 
B 2 HOH 82  382 382 HOH HOH A . 
B 2 HOH 83  383 383 HOH HOH A . 
B 2 HOH 84  384 384 HOH HOH A . 
B 2 HOH 85  385 385 HOH HOH A . 
B 2 HOH 86  386 386 HOH HOH A . 
B 2 HOH 87  387 387 HOH HOH A . 
B 2 HOH 88  388 388 HOH HOH A . 
B 2 HOH 89  389 389 HOH HOH A . 
B 2 HOH 90  390 390 HOH HOH A . 
B 2 HOH 91  391 391 HOH HOH A . 
B 2 HOH 92  392 392 HOH HOH A . 
B 2 HOH 93  393 393 HOH HOH A . 
B 2 HOH 94  394 394 HOH HOH A . 
B 2 HOH 95  395 395 HOH HOH A . 
B 2 HOH 96  396 396 HOH HOH A . 
B 2 HOH 97  397 397 HOH HOH A . 
B 2 HOH 98  398 398 HOH HOH A . 
B 2 HOH 99  399 399 HOH HOH A . 
B 2 HOH 100 400 400 HOH HOH A . 
B 2 HOH 101 401 401 HOH HOH A . 
B 2 HOH 102 402 402 HOH HOH A . 
B 2 HOH 103 403 403 HOH HOH A . 
B 2 HOH 104 404 404 HOH HOH A . 
B 2 HOH 105 405 405 HOH HOH A . 
B 2 HOH 106 406 406 HOH HOH A . 
B 2 HOH 107 407 407 HOH HOH A . 
B 2 HOH 108 408 408 HOH HOH A . 
B 2 HOH 109 409 409 HOH HOH A . 
B 2 HOH 110 410 410 HOH HOH A . 
B 2 HOH 111 411 411 HOH HOH A . 
B 2 HOH 112 412 412 HOH HOH A . 
B 2 HOH 113 413 413 HOH HOH A . 
B 2 HOH 114 414 414 HOH HOH A . 
B 2 HOH 115 415 415 HOH HOH A . 
B 2 HOH 116 416 416 HOH HOH A . 
B 2 HOH 117 417 417 HOH HOH A . 
B 2 HOH 118 418 418 HOH HOH A . 
B 2 HOH 119 419 419 HOH HOH A . 
B 2 HOH 120 420 420 HOH HOH A . 
B 2 HOH 121 421 421 HOH HOH A . 
B 2 HOH 122 422 422 HOH HOH A . 
B 2 HOH 123 423 423 HOH HOH A . 
B 2 HOH 124 424 424 HOH HOH A . 
B 2 HOH 125 425 425 HOH HOH A . 
B 2 HOH 126 426 426 HOH HOH A . 
B 2 HOH 127 427 427 HOH HOH A . 
B 2 HOH 128 428 428 HOH HOH A . 
B 2 HOH 129 429 429 HOH HOH A . 
B 2 HOH 130 430 430 HOH HOH A . 
B 2 HOH 131 431 431 HOH HOH A . 
B 2 HOH 132 432 432 HOH HOH A . 
B 2 HOH 133 433 433 HOH HOH A . 
B 2 HOH 134 434 434 HOH HOH A . 
B 2 HOH 135 435 435 HOH HOH A . 
B 2 HOH 136 436 436 HOH HOH A . 
B 2 HOH 137 437 437 HOH HOH A . 
B 2 HOH 138 438 438 HOH HOH A . 
B 2 HOH 139 439 439 HOH HOH A . 
B 2 HOH 140 440 440 HOH HOH A . 
B 2 HOH 141 441 441 HOH HOH A . 
B 2 HOH 142 442 442 HOH HOH A . 
B 2 HOH 143 443 443 HOH HOH A . 
B 2 HOH 144 444 444 HOH HOH A . 
B 2 HOH 145 445 445 HOH HOH A . 
B 2 HOH 146 446 446 HOH HOH A . 
B 2 HOH 147 447 447 HOH HOH A . 
B 2 HOH 148 448 448 HOH HOH A . 
B 2 HOH 149 449 449 HOH HOH A . 
B 2 HOH 150 450 450 HOH HOH A . 
B 2 HOH 151 451 451 HOH HOH A . 
B 2 HOH 152 452 452 HOH HOH A . 
B 2 HOH 153 453 453 HOH HOH A . 
B 2 HOH 154 454 454 HOH HOH A . 
B 2 HOH 155 455 455 HOH HOH A . 
B 2 HOH 156 456 456 HOH HOH A . 
B 2 HOH 157 457 457 HOH HOH A . 
B 2 HOH 158 458 458 HOH HOH A . 
B 2 HOH 159 459 459 HOH HOH A . 
# 
loop_
_pdbx_unobs_or_zero_occ_atoms.id 
_pdbx_unobs_or_zero_occ_atoms.PDB_model_num 
_pdbx_unobs_or_zero_occ_atoms.polymer_flag 
_pdbx_unobs_or_zero_occ_atoms.occupancy_flag 
_pdbx_unobs_or_zero_occ_atoms.auth_asym_id 
_pdbx_unobs_or_zero_occ_atoms.auth_comp_id 
_pdbx_unobs_or_zero_occ_atoms.auth_seq_id 
_pdbx_unobs_or_zero_occ_atoms.PDB_ins_code 
_pdbx_unobs_or_zero_occ_atoms.auth_atom_id 
_pdbx_unobs_or_zero_occ_atoms.label_alt_id 
_pdbx_unobs_or_zero_occ_atoms.label_asym_id 
_pdbx_unobs_or_zero_occ_atoms.label_comp_id 
_pdbx_unobs_or_zero_occ_atoms.label_seq_id 
_pdbx_unobs_or_zero_occ_atoms.label_atom_id 
1 1 Y 1 A ALA 216 ? CA ? A ALA 216 CA 
2 1 Y 1 A ALA 216 ? C  ? A ALA 216 C  
3 1 Y 1 A ALA 216 ? O  ? A ALA 216 O  
4 1 Y 1 A ALA 216 ? CB ? A ALA 216 CB 
# 
loop_
_software.name 
_software.classification 
_software.version 
_software.citation_id 
_software.pdbx_ordinal 
HKL-2000  'data collection' . ? 1 
HKL-2000  'data reduction'  . ? 2 
PHASES    phasing           . ? 3 
SHARP     phasing           . ? 4 
SHELXL-97 refinement        . ? 5 
HKL-2000  'data scaling'    . ? 6 
# 
_cell.entry_id           1TOL 
_cell.length_a           88.880 
_cell.length_b           88.880 
_cell.length_c           63.556 
_cell.angle_alpha        90.00 
_cell.angle_beta         90.00 
_cell.angle_gamma        90.00 
_cell.Z_PDB              8 
_cell.pdbx_unique_axis   ? 
# 
_symmetry.entry_id                         1TOL 
_symmetry.space_group_name_H-M             'P 43 21 2' 
_symmetry.pdbx_full_space_group_name_H-M   ? 
_symmetry.cell_setting                     ? 
_symmetry.Int_Tables_number                96 
# 
_exptl.entry_id          1TOL 
_exptl.method            'X-RAY DIFFRACTION' 
_exptl.crystals_number   1 
# 
_exptl_crystal.id                    1 
_exptl_crystal.density_meas          ? 
_exptl_crystal.density_Matthews      3.22 
_exptl_crystal.density_percent_sol   61.8 
_exptl_crystal.description           
;MIRAS WAS SUPPORTED BY MOLECULAR REPLACEMENT USING N-TERMINAL DOMAIN FROM PREVIOUSLY SOLVED STRUCTURE OF G3P (1G3P) AS A STARTING MODEL
;
# 
_exptl_crystal_grow.crystal_id      1 
_exptl_crystal_grow.method          ? 
_exptl_crystal_grow.temp            ? 
_exptl_crystal_grow.temp_details    ? 
_exptl_crystal_grow.pH              7.5 
_exptl_crystal_grow.pdbx_details    
;PROTEIN AT CONCENTRATION 8-12 MG/ML IN 50 MM HEPES (PH=7.5) WITH ADDITION OF DTT C=2MM, WAS CRYSTALLIZED USING VAPOR DIFFUSION FROM THE SITTING OR HANGING DROP, WITH THE SOLUTION CONTAINING 25% PEG4000, 0.08M TRIS (PH=8.5), AND 0.15 M SODIUM ACETATE AS A PRECIPITANT. BEFORE SETTING THE DROPS, PROTEIN SOLUTION WAS MIXED WITH THE PRECIPITANT IN THE RATIO 1:1. CRYSTALS WERE GROWING BEST AT TEMPERATURE 15 DEGREES CELSIUS.
;
_exptl_crystal_grow.pdbx_pH_range   ? 
# 
_diffrn.id                     1 
_diffrn.ambient_temp           100 
_diffrn.ambient_temp_details   ? 
_diffrn.crystal_id             1 
# 
_diffrn_detector.diffrn_id              1 
_diffrn_detector.detector               CCD 
_diffrn_detector.type                   ADSC 
_diffrn_detector.pdbx_collection_date   1998-04-01 
_diffrn_detector.details                MIRROR 
# 
_diffrn_radiation.diffrn_id                        1 
_diffrn_radiation.wavelength_id                    1 
_diffrn_radiation.pdbx_monochromatic_or_laue_m_l   M 
_diffrn_radiation.monochromator                    'SI CRYSTAL' 
_diffrn_radiation.pdbx_diffrn_protocol             'SINGLE WAVELENGTH' 
_diffrn_radiation.pdbx_scattering_type             x-ray 
# 
_diffrn_radiation_wavelength.id           1 
_diffrn_radiation_wavelength.wavelength   0.98 
_diffrn_radiation_wavelength.wt           1.0 
# 
_diffrn_source.diffrn_id                   1 
_diffrn_source.source                      SYNCHROTRON 
_diffrn_source.type                        'CHESS BEAMLINE F2' 
_diffrn_source.pdbx_synchrotron_site       CHESS 
_diffrn_source.pdbx_synchrotron_beamline   F2 
_diffrn_source.pdbx_wavelength             0.98 
_diffrn_source.pdbx_wavelength_list        ? 
# 
_reflns.entry_id                     1TOL 
_reflns.observed_criterion_sigma_I   -3.0 
_reflns.observed_criterion_sigma_F   ? 
_reflns.d_resolution_low             25.0 
_reflns.d_resolution_high            1.85 
_reflns.number_obs                   22243 
_reflns.number_all                   ? 
_reflns.percent_possible_obs         99.6 
_reflns.pdbx_Rmerge_I_obs            0.042 
_reflns.pdbx_Rsym_value              ? 
_reflns.pdbx_netI_over_sigmaI        36.4 
_reflns.B_iso_Wilson_estimate        ? 
_reflns.pdbx_redundancy              15.1 
_reflns.R_free_details               ? 
_reflns.pdbx_diffrn_id               1 
_reflns.pdbx_ordinal                 1 
# 
_reflns_shell.d_res_high             1.85 
_reflns_shell.d_res_low              1.92 
_reflns_shell.percent_possible_all   100 
_reflns_shell.Rmerge_I_obs           0.446 
_reflns_shell.pdbx_Rsym_value        ? 
_reflns_shell.meanI_over_sigI_obs    5.85 
_reflns_shell.pdbx_redundancy        8.05 
_reflns_shell.percent_possible_obs   ? 
_reflns_shell.number_unique_all      ? 
_reflns_shell.pdbx_diffrn_id         ? 
_reflns_shell.pdbx_ordinal           1 
# 
_refine.entry_id                                 1TOL 
_refine.ls_number_reflns_obs                     ? 
_refine.ls_number_reflns_all                     22065 
_refine.pdbx_ls_sigma_I                          ? 
_refine.pdbx_ls_sigma_F                          0.0 
_refine.pdbx_data_cutoff_high_absF               ? 
_refine.pdbx_data_cutoff_low_absF                ? 
_refine.pdbx_data_cutoff_high_rms_absF           ? 
_refine.ls_d_res_low                             10.0 
_refine.ls_d_res_high                            1.85 
_refine.ls_percent_reflns_obs                    99.7 
_refine.ls_R_factor_obs                          0.2275 
_refine.ls_R_factor_all                          0.2297 
_refine.ls_R_factor_R_work                       ? 
_refine.ls_R_factor_R_free                       0.293 
_refine.ls_R_factor_R_free_error                 ? 
_refine.ls_R_factor_R_free_error_details         ? 
_refine.ls_percent_reflns_R_free                 7.0 
_refine.ls_number_reflns_R_free                  1534 
_refine.ls_number_parameters                     5335 
_refine.ls_number_restraints                     4829 
_refine.occupancy_min                            ? 
_refine.occupancy_max                            ? 
_refine.B_iso_mean                               ? 
_refine.aniso_B[1][1]                            ? 
_refine.aniso_B[2][2]                            ? 
_refine.aniso_B[3][3]                            ? 
_refine.aniso_B[1][2]                            ? 
_refine.aniso_B[1][3]                            ? 
_refine.aniso_B[2][3]                            ? 
_refine.solvent_model_details                    'MOEWS & KRETSINGER, J.MOL.BIOL.91(1973)201-228' 
_refine.solvent_model_param_ksol                 ? 
_refine.solvent_model_param_bsol                 ? 
_refine.pdbx_ls_cross_valid_method               FREE-R 
_refine.details                                  
'ANISOTROPIC SCALING APPLIED BY THE METHOD OF PARKIN, MOEZZI & HOPE, J.APPL.CRYST.28 (1995)53-56' 
_refine.pdbx_starting_model                      ? 
_refine.pdbx_method_to_determine_struct          MIRAS 
_refine.pdbx_isotropic_thermal_model             ? 
_refine.pdbx_stereochemistry_target_values       'ENGH AND HUBER' 
_refine.pdbx_stereochem_target_val_spec_case     ? 
_refine.pdbx_R_Free_selection_details            RANDOM 
_refine.pdbx_overall_ESU_R                       ? 
_refine.pdbx_overall_ESU_R_Free                  ? 
_refine.overall_SU_ML                            ? 
_refine.overall_SU_B                             ? 
_refine.ls_redundancy_reflns_obs                 ? 
_refine.pdbx_refine_id                           'X-RAY DIFFRACTION' 
_refine.pdbx_diffrn_id                           1 
_refine.pdbx_TLS_residual_ADP_flag               ? 
_refine.correlation_coeff_Fo_to_Fc               ? 
_refine.correlation_coeff_Fo_to_Fc_free          ? 
_refine.pdbx_solvent_vdw_probe_radii             ? 
_refine.pdbx_solvent_ion_probe_radii             ? 
_refine.pdbx_solvent_shrinkage_radii             ? 
_refine.pdbx_overall_phase_error                 ? 
_refine.overall_SU_R_Cruickshank_DPI             ? 
_refine.pdbx_overall_SU_R_free_Cruickshank_DPI   ? 
_refine.pdbx_overall_SU_R_Blow_DPI               ? 
_refine.pdbx_overall_SU_R_free_Blow_DPI          ? 
# 
_refine_analyze.entry_id                        1TOL 
_refine_analyze.Luzzati_coordinate_error_obs    ? 
_refine_analyze.Luzzati_sigma_a_obs             ? 
_refine_analyze.Luzzati_d_res_low_obs           ? 
_refine_analyze.Luzzati_coordinate_error_free   ? 
_refine_analyze.Luzzati_sigma_a_free            ? 
_refine_analyze.Luzzati_d_res_low_free          ? 
_refine_analyze.number_disordered_residues      0 
_refine_analyze.occupancy_sum_hydrogen          0.0 
_refine_analyze.occupancy_sum_non_hydrogen      1325 
_refine_analyze.pdbx_refine_id                  'X-RAY DIFFRACTION' 
# 
_refine_hist.pdbx_refine_id                   'X-RAY DIFFRACTION' 
_refine_hist.cycle_id                         LAST 
_refine_hist.pdbx_number_atoms_protein        1172 
_refine_hist.pdbx_number_atoms_nucleic_acid   0 
_refine_hist.pdbx_number_atoms_ligand         0 
_refine_hist.number_atoms_solvent             159 
_refine_hist.number_atoms_total               1331 
_refine_hist.d_res_high                       1.85 
_refine_hist.d_res_low                        10.0 
# 
loop_
_refine_ls_restr.type 
_refine_ls_restr.dev_ideal 
_refine_ls_restr.dev_ideal_target 
_refine_ls_restr.weight 
_refine_ls_restr.number 
_refine_ls_restr.pdbx_refine_id 
_refine_ls_restr.pdbx_restraint_function 
s_bond_d               0.007 ? ? ? 'X-RAY DIFFRACTION' ? 
s_angle_d              0.024 ? ? ? 'X-RAY DIFFRACTION' ? 
s_similar_dist         0.000 ? ? ? 'X-RAY DIFFRACTION' ? 
s_from_restr_planes    0.030 ? ? ? 'X-RAY DIFFRACTION' ? 
s_zero_chiral_vol      0.040 ? ? ? 'X-RAY DIFFRACTION' ? 
s_non_zero_chiral_vol  0.047 ? ? ? 'X-RAY DIFFRACTION' ? 
s_anti_bump_dis_restr  0.005 ? ? ? 'X-RAY DIFFRACTION' ? 
s_rigid_bond_adp_cmpnt 0.000 ? ? ? 'X-RAY DIFFRACTION' ? 
s_similar_adp_cmpnt    0.085 ? ? ? 'X-RAY DIFFRACTION' ? 
s_approx_iso_adps      0.000 ? ? ? 'X-RAY DIFFRACTION' ? 
# 
_pdbx_refine.entry_id                                    1TOL 
_pdbx_refine.R_factor_all_no_cutoff                      0.2297 
_pdbx_refine.R_factor_obs_no_cutoff                      0.2275 
_pdbx_refine.free_R_factor_no_cutoff                     0.293 
_pdbx_refine.free_R_val_test_set_size_perc_no_cutoff     7.0 
_pdbx_refine.free_R_val_test_set_ct_no_cutoff            1534 
_pdbx_refine.R_factor_all_4sig_cutoff                    0.2221 
_pdbx_refine.R_factor_obs_4sig_cutoff                    0.2198 
_pdbx_refine.free_R_factor_4sig_cutoff                   0.2835 
_pdbx_refine.free_R_val_test_set_size_perc_4sig_cutoff   7.0 
_pdbx_refine.free_R_val_test_set_ct_4sig_cutoff          1415 
_pdbx_refine.number_reflns_obs_4sig_cutoff               20172 
_pdbx_refine.number_reflns_obs_no_cutoff                 ? 
_pdbx_refine.pdbx_refine_id                              'X-RAY DIFFRACTION' 
_pdbx_refine.free_R_error_no_cutoff                      ? 
# 
_struct.entry_id                  1TOL 
_struct.title                     
'FUSION OF N-TERMINAL DOMAIN OF THE MINOR COAT PROTEIN FROM GENE III IN PHAGE M13, AND C-TERMINAL DOMAIN OF E. COLI PROTEIN-TOLA' 
_struct.pdbx_model_details        ? 
_struct.pdbx_CASP_flag            ? 
_struct.pdbx_model_type_details   ? 
# 
_struct_keywords.entry_id        1TOL 
_struct_keywords.pdbx_keywords   'VIRAL PROTEIN' 
_struct_keywords.text            'BACTERIOPHAGE M13, PHAGE INFECTION, TOL PATHWAY, FUSION PROTEIN, Viral protein' 
# 
loop_
_struct_asym.id 
_struct_asym.pdbx_blank_PDB_chainid_flag 
_struct_asym.pdbx_modified 
_struct_asym.entity_id 
_struct_asym.details 
A N N 1 ? 
B N N 2 ? 
# 
loop_
_struct_ref.id 
_struct_ref.db_name 
_struct_ref.db_code 
_struct_ref.pdbx_db_accession 
_struct_ref.pdbx_db_isoform 
_struct_ref.entity_id 
_struct_ref.pdbx_seq_one_letter_code 
_struct_ref.pdbx_align_begin 
1 UNP A0A0N8P2C2_9PROT A0A0N8P2C2 ? 1 
;AETVESCLAKSHTENSFTNVWKDDKTLDRYANYEGCLWNATGVVVCTGDETQCYGTWVPIGLAIPENEGGGSEGGGSEGG
GSEGGG
;
19  
2 UNP TOLA_ECOLI       P19934     ? 1 
;DDIFGELSSGKNAPKTGGGAKGNNASPAGSGNTKNNGASGADINNYAGQIKSAIESKFYDASSYAGKTCTLRIKLAPDGM
LLDIKPEGGDPALCQAALAAAKLAKIPKPPSQAVYEVFKNAPLDFKP
;
295 
# 
loop_
_struct_ref_seq.align_id 
_struct_ref_seq.ref_id 
_struct_ref_seq.pdbx_PDB_id_code 
_struct_ref_seq.pdbx_strand_id 
_struct_ref_seq.seq_align_beg 
_struct_ref_seq.pdbx_seq_align_beg_ins_code 
_struct_ref_seq.seq_align_end 
_struct_ref_seq.pdbx_seq_align_end_ins_code 
_struct_ref_seq.pdbx_db_accession 
_struct_ref_seq.db_align_beg 
_struct_ref_seq.pdbx_db_align_beg_ins_code 
_struct_ref_seq.db_align_end 
_struct_ref_seq.pdbx_db_align_end_ins_code 
_struct_ref_seq.pdbx_auth_seq_align_beg 
_struct_ref_seq.pdbx_auth_seq_align_end 
1 1 1TOL A 1  ? 86  ? A0A0N8P2C2 19  ? 104 ? 1  86  
2 2 1TOL A 87 ? 213 ? P19934     295 ? 421 ? 87 213 
# 
loop_
_struct_ref_seq_dif.align_id 
_struct_ref_seq_dif.pdbx_pdb_id_code 
_struct_ref_seq_dif.mon_id 
_struct_ref_seq_dif.pdbx_pdb_strand_id 
_struct_ref_seq_dif.seq_num 
_struct_ref_seq_dif.pdbx_pdb_ins_code 
_struct_ref_seq_dif.pdbx_seq_db_name 
_struct_ref_seq_dif.pdbx_seq_db_accession_code 
_struct_ref_seq_dif.db_mon_id 
_struct_ref_seq_dif.pdbx_seq_db_seq_num 
_struct_ref_seq_dif.details 
_struct_ref_seq_dif.pdbx_auth_seq_num 
_struct_ref_seq_dif.pdbx_ordinal 
2 1TOL ALA A 214 ? UNP P19934 ? ? 'expression tag' 214 1 
2 1TOL ALA A 215 ? UNP P19934 ? ? 'expression tag' 215 2 
2 1TOL ALA A 216 ? UNP P19934 ? ? 'expression tag' 216 3 
2 1TOL HIS A 217 ? UNP P19934 ? ? 'expression tag' 217 4 
2 1TOL HIS A 218 ? UNP P19934 ? ? 'expression tag' 218 5 
2 1TOL HIS A 219 ? UNP P19934 ? ? 'expression tag' 219 6 
2 1TOL HIS A 220 ? UNP P19934 ? ? 'expression tag' 220 7 
2 1TOL HIS A 221 ? UNP P19934 ? ? 'expression tag' 221 8 
2 1TOL HIS A 222 ? UNP P19934 ? ? 'expression tag' 222 9 
# 
_pdbx_struct_assembly.id                   1 
_pdbx_struct_assembly.details              author_defined_assembly 
_pdbx_struct_assembly.method_details       ? 
_pdbx_struct_assembly.oligomeric_details   monomeric 
_pdbx_struct_assembly.oligomeric_count     1 
# 
_pdbx_struct_assembly_gen.assembly_id       1 
_pdbx_struct_assembly_gen.oper_expression   1 
_pdbx_struct_assembly_gen.asym_id_list      A,B 
# 
_pdbx_struct_oper_list.id                   1 
_pdbx_struct_oper_list.type                 'identity operation' 
_pdbx_struct_oper_list.name                 1_555 
_pdbx_struct_oper_list.symmetry_operation   x,y,z 
_pdbx_struct_oper_list.matrix[1][1]         1.0000000000 
_pdbx_struct_oper_list.matrix[1][2]         0.0000000000 
_pdbx_struct_oper_list.matrix[1][3]         0.0000000000 
_pdbx_struct_oper_list.vector[1]            0.0000000000 
_pdbx_struct_oper_list.matrix[2][1]         0.0000000000 
_pdbx_struct_oper_list.matrix[2][2]         1.0000000000 
_pdbx_struct_oper_list.matrix[2][3]         0.0000000000 
_pdbx_struct_oper_list.vector[2]            0.0000000000 
_pdbx_struct_oper_list.matrix[3][1]         0.0000000000 
_pdbx_struct_oper_list.matrix[3][2]         0.0000000000 
_pdbx_struct_oper_list.matrix[3][3]         1.0000000000 
_pdbx_struct_oper_list.vector[3]            0.0000000000 
# 
loop_
_struct_conf.conf_type_id 
_struct_conf.id 
_struct_conf.pdbx_PDB_helix_id 
_struct_conf.beg_label_comp_id 
_struct_conf.beg_label_asym_id 
_struct_conf.beg_label_seq_id 
_struct_conf.pdbx_beg_PDB_ins_code 
_struct_conf.end_label_comp_id 
_struct_conf.end_label_asym_id 
_struct_conf.end_label_seq_id 
_struct_conf.pdbx_end_PDB_ins_code 
_struct_conf.beg_auth_comp_id 
_struct_conf.beg_auth_asym_id 
_struct_conf.beg_auth_seq_id 
_struct_conf.end_auth_comp_id 
_struct_conf.end_auth_asym_id 
_struct_conf.end_auth_seq_id 
_struct_conf.pdbx_PDB_helix_class 
_struct_conf.details 
_struct_conf.pdbx_PDB_helix_length 
HELX_P HELX_P1 1 VAL A 4   ? ALA A 9   ? VAL A 4   ALA A 9   1 ? 6  
HELX_P HELX_P2 2 ALA A 127 ? LYS A 143 ? ALA A 127 LYS A 143 1 ? 17 
HELX_P HELX_P3 3 ALA A 147 ? TYR A 150 ? ALA A 147 TYR A 150 5 ? 4  
HELX_P HELX_P4 4 PRO A 177 ? LEU A 189 ? PRO A 177 LEU A 189 1 ? 13 
HELX_P HELX_P5 5 GLN A 198 ? PHE A 204 ? GLN A 198 PHE A 204 1 ? 7  
# 
_struct_conf_type.id          HELX_P 
_struct_conf_type.criteria    ? 
_struct_conf_type.reference   ? 
# 
loop_
_struct_conn.id 
_struct_conn.conn_type_id 
_struct_conn.pdbx_leaving_atom_flag 
_struct_conn.pdbx_PDB_id 
_struct_conn.ptnr1_label_asym_id 
_struct_conn.ptnr1_label_comp_id 
_struct_conn.ptnr1_label_seq_id 
_struct_conn.ptnr1_label_atom_id 
_struct_conn.pdbx_ptnr1_label_alt_id 
_struct_conn.pdbx_ptnr1_PDB_ins_code 
_struct_conn.pdbx_ptnr1_standard_comp_id 
_struct_conn.ptnr1_symmetry 
_struct_conn.ptnr2_label_asym_id 
_struct_conn.ptnr2_label_comp_id 
_struct_conn.ptnr2_label_seq_id 
_struct_conn.ptnr2_label_atom_id 
_struct_conn.pdbx_ptnr2_label_alt_id 
_struct_conn.pdbx_ptnr2_PDB_ins_code 
_struct_conn.ptnr1_auth_asym_id 
_struct_conn.ptnr1_auth_comp_id 
_struct_conn.ptnr1_auth_seq_id 
_struct_conn.ptnr2_auth_asym_id 
_struct_conn.ptnr2_auth_comp_id 
_struct_conn.ptnr2_auth_seq_id 
_struct_conn.ptnr2_symmetry 
_struct_conn.pdbx_ptnr3_label_atom_id 
_struct_conn.pdbx_ptnr3_label_seq_id 
_struct_conn.pdbx_ptnr3_label_comp_id 
_struct_conn.pdbx_ptnr3_label_asym_id 
_struct_conn.pdbx_ptnr3_label_alt_id 
_struct_conn.pdbx_ptnr3_PDB_ins_code 
_struct_conn.details 
_struct_conn.pdbx_dist_value 
_struct_conn.pdbx_value_order 
_struct_conn.pdbx_role 
disulf1 disulf ? ? A CYS 7   SG ? ? ? 1_555 A CYS 36  SG ? ? A CYS 7   A CYS 36  1_555 ? ? ? ? ? ? ? 2.042 ? ? 
disulf2 disulf ? ? A CYS 46  SG ? ? ? 1_555 A CYS 53  SG ? ? A CYS 46  A CYS 53  1_555 ? ? ? ? ? ? ? 2.060 ? ? 
disulf3 disulf ? ? A CYS 155 SG ? ? ? 1_555 A CYS 180 SG ? ? A CYS 155 A CYS 180 1_555 ? ? ? ? ? ? ? 2.042 ? ? 
# 
_struct_conn_type.id          disulf 
_struct_conn_type.criteria    ? 
_struct_conn_type.reference   ? 
# 
loop_
_pdbx_modification_feature.ordinal 
_pdbx_modification_feature.label_comp_id 
_pdbx_modification_feature.label_asym_id 
_pdbx_modification_feature.label_seq_id 
_pdbx_modification_feature.label_alt_id 
_pdbx_modification_feature.modified_residue_label_comp_id 
_pdbx_modification_feature.modified_residue_label_asym_id 
_pdbx_modification_feature.modified_residue_label_seq_id 
_pdbx_modification_feature.modified_residue_label_alt_id 
_pdbx_modification_feature.auth_comp_id 
_pdbx_modification_feature.auth_asym_id 
_pdbx_modification_feature.auth_seq_id 
_pdbx_modification_feature.PDB_ins_code 
_pdbx_modification_feature.symmetry 
_pdbx_modification_feature.modified_residue_auth_comp_id 
_pdbx_modification_feature.modified_residue_auth_asym_id 
_pdbx_modification_feature.modified_residue_auth_seq_id 
_pdbx_modification_feature.modified_residue_PDB_ins_code 
_pdbx_modification_feature.modified_residue_symmetry 
_pdbx_modification_feature.comp_id_linking_atom 
_pdbx_modification_feature.modified_residue_id_linking_atom 
_pdbx_modification_feature.modified_residue_id 
_pdbx_modification_feature.ref_pcm_id 
_pdbx_modification_feature.ref_comp_id 
_pdbx_modification_feature.type 
_pdbx_modification_feature.category 
1 CYS A 7   ? CYS A 36  ? CYS A 7   ? 1_555 CYS A 36  ? 1_555 SG SG . . . None 'Disulfide bridge' 
2 CYS A 46  ? CYS A 53  ? CYS A 46  ? 1_555 CYS A 53  ? 1_555 SG SG . . . None 'Disulfide bridge' 
3 CYS A 155 ? CYS A 180 ? CYS A 155 ? 1_555 CYS A 180 ? 1_555 SG SG . . . None 'Disulfide bridge' 
# 
loop_
_struct_sheet.id 
_struct_sheet.type 
_struct_sheet.number_strands 
_struct_sheet.details 
A ? 4 ? 
B ? 4 ? 
# 
loop_
_struct_sheet_order.sheet_id 
_struct_sheet_order.range_id_1 
_struct_sheet_order.range_id_2 
_struct_sheet_order.offset 
_struct_sheet_order.sense 
A 1 2 ? anti-parallel 
A 2 3 ? anti-parallel 
A 3 4 ? anti-parallel 
B 1 2 ? anti-parallel 
B 2 3 ? anti-parallel 
B 3 4 ? anti-parallel 
# 
loop_
_struct_sheet_range.sheet_id 
_struct_sheet_range.id 
_struct_sheet_range.beg_label_comp_id 
_struct_sheet_range.beg_label_asym_id 
_struct_sheet_range.beg_label_seq_id 
_struct_sheet_range.pdbx_beg_PDB_ins_code 
_struct_sheet_range.end_label_comp_id 
_struct_sheet_range.end_label_asym_id 
_struct_sheet_range.end_label_seq_id 
_struct_sheet_range.pdbx_end_PDB_ins_code 
_struct_sheet_range.beg_auth_comp_id 
_struct_sheet_range.beg_auth_asym_id 
_struct_sheet_range.beg_auth_seq_id 
_struct_sheet_range.end_auth_comp_id 
_struct_sheet_range.end_auth_asym_id 
_struct_sheet_range.end_auth_seq_id 
A 1 THR A 13  ? PHE A 17  ? THR A 13  PHE A 17  
A 2 CYS A 53  ? LEU A 62  ? CYS A 53  LEU A 62  
A 3 CYS A 36  ? THR A 41  ? CYS A 36  THR A 41  
A 4 TYR A 30  ? TYR A 33  ? TYR A 30  TYR A 33  
B 1 GLY A 42  ? VAL A 45  ? GLY A 42  VAL A 45  
B 2 PRO A 208 ? LYS A 212 ? PRO A 208 LYS A 212 
B 3 CYS A 155 ? LYS A 160 ? CYS A 155 LYS A 160 
B 4 ASP A 169 ? GLY A 175 ? ASP A 169 GLY A 175 
# 
loop_
_pdbx_struct_sheet_hbond.sheet_id 
_pdbx_struct_sheet_hbond.range_id_1 
_pdbx_struct_sheet_hbond.range_id_2 
_pdbx_struct_sheet_hbond.range_1_label_atom_id 
_pdbx_struct_sheet_hbond.range_1_label_comp_id 
_pdbx_struct_sheet_hbond.range_1_label_asym_id 
_pdbx_struct_sheet_hbond.range_1_label_seq_id 
_pdbx_struct_sheet_hbond.range_1_PDB_ins_code 
_pdbx_struct_sheet_hbond.range_1_auth_atom_id 
_pdbx_struct_sheet_hbond.range_1_auth_comp_id 
_pdbx_struct_sheet_hbond.range_1_auth_asym_id 
_pdbx_struct_sheet_hbond.range_1_auth_seq_id 
_pdbx_struct_sheet_hbond.range_2_label_atom_id 
_pdbx_struct_sheet_hbond.range_2_label_comp_id 
_pdbx_struct_sheet_hbond.range_2_label_asym_id 
_pdbx_struct_sheet_hbond.range_2_label_seq_id 
_pdbx_struct_sheet_hbond.range_2_PDB_ins_code 
_pdbx_struct_sheet_hbond.range_2_auth_atom_id 
_pdbx_struct_sheet_hbond.range_2_auth_comp_id 
_pdbx_struct_sheet_hbond.range_2_auth_asym_id 
_pdbx_struct_sheet_hbond.range_2_auth_seq_id 
A 1 2 O THR A 13  ? O THR A 13  N TRP A 57  ? N TRP A 57  
A 2 3 O THR A 56  ? O THR A 56  N THR A 41  ? N THR A 41  
A 3 4 O CYS A 36  ? O CYS A 36  N TYR A 33  ? N TYR A 33  
B 1 2 O GLY A 42  ? O GLY A 42  N LYS A 212 ? N LYS A 212 
B 2 3 O LEU A 209 ? O LEU A 209 N LEU A 157 ? N LEU A 157 
B 3 4 O THR A 156 ? O THR A 156 N GLY A 174 ? N GLY A 174 
# 
_pdbx_entry_details.entry_id                   1TOL 
_pdbx_entry_details.compound_details           ? 
_pdbx_entry_details.source_details             ? 
_pdbx_entry_details.nonpolymer_details         ? 
_pdbx_entry_details.sequence_details           ? 
_pdbx_entry_details.has_ligand_of_interest     ? 
_pdbx_entry_details.has_protein_modification   Y 
# 
loop_
_pdbx_validate_rmsd_angle.id 
_pdbx_validate_rmsd_angle.PDB_model_num 
_pdbx_validate_rmsd_angle.auth_atom_id_1 
_pdbx_validate_rmsd_angle.auth_asym_id_1 
_pdbx_validate_rmsd_angle.auth_comp_id_1 
_pdbx_validate_rmsd_angle.auth_seq_id_1 
_pdbx_validate_rmsd_angle.PDB_ins_code_1 
_pdbx_validate_rmsd_angle.label_alt_id_1 
_pdbx_validate_rmsd_angle.auth_atom_id_2 
_pdbx_validate_rmsd_angle.auth_asym_id_2 
_pdbx_validate_rmsd_angle.auth_comp_id_2 
_pdbx_validate_rmsd_angle.auth_seq_id_2 
_pdbx_validate_rmsd_angle.PDB_ins_code_2 
_pdbx_validate_rmsd_angle.label_alt_id_2 
_pdbx_validate_rmsd_angle.auth_atom_id_3 
_pdbx_validate_rmsd_angle.auth_asym_id_3 
_pdbx_validate_rmsd_angle.auth_comp_id_3 
_pdbx_validate_rmsd_angle.auth_seq_id_3 
_pdbx_validate_rmsd_angle.PDB_ins_code_3 
_pdbx_validate_rmsd_angle.label_alt_id_3 
_pdbx_validate_rmsd_angle.angle_value 
_pdbx_validate_rmsd_angle.angle_target_value 
_pdbx_validate_rmsd_angle.angle_deviation 
_pdbx_validate_rmsd_angle.angle_standard_deviation 
_pdbx_validate_rmsd_angle.linker_flag 
1 1 NE A ARG 158 ? ? CZ A ARG 158 ? ? NH1 A ARG 158 ? ? 123.45 120.30 3.15  0.50 N 
2 1 C  A PRO 163 ? ? N  A ASP 164 ? ? CA  A ASP 164 ? ? 142.80 121.70 21.10 2.50 Y 
# 
_pdbx_validate_torsion.id              1 
_pdbx_validate_torsion.PDB_model_num   1 
_pdbx_validate_torsion.auth_comp_id    LYS 
_pdbx_validate_torsion.auth_asym_id    A 
_pdbx_validate_torsion.auth_seq_id     25 
_pdbx_validate_torsion.PDB_ins_code    ? 
_pdbx_validate_torsion.label_alt_id    ? 
_pdbx_validate_torsion.phi             -87.18 
_pdbx_validate_torsion.psi             -78.49 
# 
loop_
_pdbx_distant_solvent_atoms.id 
_pdbx_distant_solvent_atoms.PDB_model_num 
_pdbx_distant_solvent_atoms.auth_atom_id 
_pdbx_distant_solvent_atoms.label_alt_id 
_pdbx_distant_solvent_atoms.auth_asym_id 
_pdbx_distant_solvent_atoms.auth_comp_id 
_pdbx_distant_solvent_atoms.auth_seq_id 
_pdbx_distant_solvent_atoms.PDB_ins_code 
_pdbx_distant_solvent_atoms.neighbor_macromolecule_distance 
_pdbx_distant_solvent_atoms.neighbor_ligand_distance 
1 1 O ? A HOH 418 ? 6.64 . 
2 1 O ? A HOH 427 ? 9.09 . 
3 1 O ? A HOH 436 ? 5.95 . 
4 1 O ? A HOH 446 ? 6.93 . 
5 1 O ? A HOH 447 ? 8.39 . 
6 1 O ? A HOH 449 ? 6.68 . 
# 
loop_
_pdbx_unobs_or_zero_occ_residues.id 
_pdbx_unobs_or_zero_occ_residues.PDB_model_num 
_pdbx_unobs_or_zero_occ_residues.polymer_flag 
_pdbx_unobs_or_zero_occ_residues.occupancy_flag 
_pdbx_unobs_or_zero_occ_residues.auth_asym_id 
_pdbx_unobs_or_zero_occ_residues.auth_comp_id 
_pdbx_unobs_or_zero_occ_residues.auth_seq_id 
_pdbx_unobs_or_zero_occ_residues.PDB_ins_code 
_pdbx_unobs_or_zero_occ_residues.label_asym_id 
_pdbx_unobs_or_zero_occ_residues.label_comp_id 
_pdbx_unobs_or_zero_occ_residues.label_seq_id 
1  1 Y 1 A GLU 66  ? A GLU 66  
2  1 Y 1 A ASN 67  ? A ASN 67  
3  1 Y 1 A GLU 68  ? A GLU 68  
4  1 Y 1 A GLY 69  ? A GLY 69  
5  1 Y 1 A GLY 70  ? A GLY 70  
6  1 Y 1 A GLY 71  ? A GLY 71  
7  1 Y 1 A SER 72  ? A SER 72  
8  1 Y 1 A GLU 73  ? A GLU 73  
9  1 Y 1 A GLY 74  ? A GLY 74  
10 1 Y 1 A GLY 75  ? A GLY 75  
11 1 Y 1 A GLY 76  ? A GLY 76  
12 1 Y 1 A SER 77  ? A SER 77  
13 1 Y 1 A GLU 78  ? A GLU 78  
14 1 Y 1 A GLY 79  ? A GLY 79  
15 1 Y 1 A GLY 80  ? A GLY 80  
16 1 Y 1 A GLY 81  ? A GLY 81  
17 1 Y 1 A SER 82  ? A SER 82  
18 1 Y 1 A GLU 83  ? A GLU 83  
19 1 Y 1 A GLY 84  ? A GLY 84  
20 1 Y 1 A GLY 85  ? A GLY 85  
21 1 Y 1 A GLY 86  ? A GLY 86  
22 1 Y 1 A ASP 87  ? A ASP 87  
23 1 Y 1 A ASP 88  ? A ASP 88  
24 1 Y 1 A ILE 89  ? A ILE 89  
25 1 Y 1 A PHE 90  ? A PHE 90  
26 1 Y 1 A GLY 91  ? A GLY 91  
27 1 Y 1 A GLU 92  ? A GLU 92  
28 1 Y 1 A LEU 93  ? A LEU 93  
29 1 Y 1 A SER 94  ? A SER 94  
30 1 Y 1 A SER 95  ? A SER 95  
31 1 Y 1 A GLY 96  ? A GLY 96  
32 1 Y 1 A LYS 97  ? A LYS 97  
33 1 Y 1 A ASN 98  ? A ASN 98  
34 1 Y 1 A ALA 99  ? A ALA 99  
35 1 Y 1 A PRO 100 ? A PRO 100 
36 1 Y 1 A LYS 101 ? A LYS 101 
37 1 Y 1 A THR 102 ? A THR 102 
38 1 Y 1 A GLY 103 ? A GLY 103 
39 1 Y 1 A GLY 104 ? A GLY 104 
40 1 Y 1 A GLY 105 ? A GLY 105 
41 1 Y 1 A ALA 106 ? A ALA 106 
42 1 Y 1 A LYS 107 ? A LYS 107 
43 1 Y 1 A GLY 108 ? A GLY 108 
44 1 Y 1 A ASN 109 ? A ASN 109 
45 1 Y 1 A ASN 110 ? A ASN 110 
46 1 Y 1 A ALA 111 ? A ALA 111 
47 1 Y 1 A SER 112 ? A SER 112 
48 1 Y 1 A PRO 113 ? A PRO 113 
49 1 Y 1 A ALA 114 ? A ALA 114 
50 1 Y 1 A GLY 115 ? A GLY 115 
51 1 Y 1 A SER 116 ? A SER 116 
52 1 Y 1 A GLY 117 ? A GLY 117 
53 1 Y 1 A ASN 118 ? A ASN 118 
54 1 Y 1 A THR 119 ? A THR 119 
55 1 Y 1 A LYS 120 ? A LYS 120 
56 1 Y 1 A ASN 121 ? A ASN 121 
57 1 Y 1 A ASN 122 ? A ASN 122 
58 1 Y 1 A GLY 123 ? A GLY 123 
59 1 Y 1 A ALA 124 ? A ALA 124 
60 1 Y 1 A HIS 217 ? A HIS 217 
61 1 Y 1 A HIS 218 ? A HIS 218 
62 1 Y 1 A HIS 219 ? A HIS 219 
63 1 Y 1 A HIS 220 ? A HIS 220 
64 1 Y 1 A HIS 221 ? A HIS 221 
65 1 Y 1 A HIS 222 ? A HIS 222 
# 
loop_
_chem_comp_atom.comp_id 
_chem_comp_atom.atom_id 
_chem_comp_atom.type_symbol 
_chem_comp_atom.pdbx_aromatic_flag 
_chem_comp_atom.pdbx_stereo_config 
_chem_comp_atom.pdbx_ordinal 
ALA N    N N N 1   
ALA CA   C N S 2   
ALA C    C N N 3   
ALA O    O N N 4   
ALA CB   C N N 5   
ALA OXT  O N N 6   
ALA H    H N N 7   
ALA H2   H N N 8   
ALA HA   H N N 9   
ALA HB1  H N N 10  
ALA HB2  H N N 11  
ALA HB3  H N N 12  
ALA HXT  H N N 13  
ARG N    N N N 14  
ARG CA   C N S 15  
ARG C    C N N 16  
ARG O    O N N 17  
ARG CB   C N N 18  
ARG CG   C N N 19  
ARG CD   C N N 20  
ARG NE   N N N 21  
ARG CZ   C N N 22  
ARG NH1  N N N 23  
ARG NH2  N N N 24  
ARG OXT  O N N 25  
ARG H    H N N 26  
ARG H2   H N N 27  
ARG HA   H N N 28  
ARG HB2  H N N 29  
ARG HB3  H N N 30  
ARG HG2  H N N 31  
ARG HG3  H N N 32  
ARG HD2  H N N 33  
ARG HD3  H N N 34  
ARG HE   H N N 35  
ARG HH11 H N N 36  
ARG HH12 H N N 37  
ARG HH21 H N N 38  
ARG HH22 H N N 39  
ARG HXT  H N N 40  
ASN N    N N N 41  
ASN CA   C N S 42  
ASN C    C N N 43  
ASN O    O N N 44  
ASN CB   C N N 45  
ASN CG   C N N 46  
ASN OD1  O N N 47  
ASN ND2  N N N 48  
ASN OXT  O N N 49  
ASN H    H N N 50  
ASN H2   H N N 51  
ASN HA   H N N 52  
ASN HB2  H N N 53  
ASN HB3  H N N 54  
ASN HD21 H N N 55  
ASN HD22 H N N 56  
ASN HXT  H N N 57  
ASP N    N N N 58  
ASP CA   C N S 59  
ASP C    C N N 60  
ASP O    O N N 61  
ASP CB   C N N 62  
ASP CG   C N N 63  
ASP OD1  O N N 64  
ASP OD2  O N N 65  
ASP OXT  O N N 66  
ASP H    H N N 67  
ASP H2   H N N 68  
ASP HA   H N N 69  
ASP HB2  H N N 70  
ASP HB3  H N N 71  
ASP HD2  H N N 72  
ASP HXT  H N N 73  
CYS N    N N N 74  
CYS CA   C N R 75  
CYS C    C N N 76  
CYS O    O N N 77  
CYS CB   C N N 78  
CYS SG   S N N 79  
CYS OXT  O N N 80  
CYS H    H N N 81  
CYS H2   H N N 82  
CYS HA   H N N 83  
CYS HB2  H N N 84  
CYS HB3  H N N 85  
CYS HG   H N N 86  
CYS HXT  H N N 87  
GLN N    N N N 88  
GLN CA   C N S 89  
GLN C    C N N 90  
GLN O    O N N 91  
GLN CB   C N N 92  
GLN CG   C N N 93  
GLN CD   C N N 94  
GLN OE1  O N N 95  
GLN NE2  N N N 96  
GLN OXT  O N N 97  
GLN H    H N N 98  
GLN H2   H N N 99  
GLN HA   H N N 100 
GLN HB2  H N N 101 
GLN HB3  H N N 102 
GLN HG2  H N N 103 
GLN HG3  H N N 104 
GLN HE21 H N N 105 
GLN HE22 H N N 106 
GLN HXT  H N N 107 
GLU N    N N N 108 
GLU CA   C N S 109 
GLU C    C N N 110 
GLU O    O N N 111 
GLU CB   C N N 112 
GLU CG   C N N 113 
GLU CD   C N N 114 
GLU OE1  O N N 115 
GLU OE2  O N N 116 
GLU OXT  O N N 117 
GLU H    H N N 118 
GLU H2   H N N 119 
GLU HA   H N N 120 
GLU HB2  H N N 121 
GLU HB3  H N N 122 
GLU HG2  H N N 123 
GLU HG3  H N N 124 
GLU HE2  H N N 125 
GLU HXT  H N N 126 
GLY N    N N N 127 
GLY CA   C N N 128 
GLY C    C N N 129 
GLY O    O N N 130 
GLY OXT  O N N 131 
GLY H    H N N 132 
GLY H2   H N N 133 
GLY HA2  H N N 134 
GLY HA3  H N N 135 
GLY HXT  H N N 136 
HIS N    N N N 137 
HIS CA   C N S 138 
HIS C    C N N 139 
HIS O    O N N 140 
HIS CB   C N N 141 
HIS CG   C Y N 142 
HIS ND1  N Y N 143 
HIS CD2  C Y N 144 
HIS CE1  C Y N 145 
HIS NE2  N Y N 146 
HIS OXT  O N N 147 
HIS H    H N N 148 
HIS H2   H N N 149 
HIS HA   H N N 150 
HIS HB2  H N N 151 
HIS HB3  H N N 152 
HIS HD1  H N N 153 
HIS HD2  H N N 154 
HIS HE1  H N N 155 
HIS HE2  H N N 156 
HIS HXT  H N N 157 
HOH O    O N N 158 
HOH H1   H N N 159 
HOH H2   H N N 160 
ILE N    N N N 161 
ILE CA   C N S 162 
ILE C    C N N 163 
ILE O    O N N 164 
ILE CB   C N S 165 
ILE CG1  C N N 166 
ILE CG2  C N N 167 
ILE CD1  C N N 168 
ILE OXT  O N N 169 
ILE H    H N N 170 
ILE H2   H N N 171 
ILE HA   H N N 172 
ILE HB   H N N 173 
ILE HG12 H N N 174 
ILE HG13 H N N 175 
ILE HG21 H N N 176 
ILE HG22 H N N 177 
ILE HG23 H N N 178 
ILE HD11 H N N 179 
ILE HD12 H N N 180 
ILE HD13 H N N 181 
ILE HXT  H N N 182 
LEU N    N N N 183 
LEU CA   C N S 184 
LEU C    C N N 185 
LEU O    O N N 186 
LEU CB   C N N 187 
LEU CG   C N N 188 
LEU CD1  C N N 189 
LEU CD2  C N N 190 
LEU OXT  O N N 191 
LEU H    H N N 192 
LEU H2   H N N 193 
LEU HA   H N N 194 
LEU HB2  H N N 195 
LEU HB3  H N N 196 
LEU HG   H N N 197 
LEU HD11 H N N 198 
LEU HD12 H N N 199 
LEU HD13 H N N 200 
LEU HD21 H N N 201 
LEU HD22 H N N 202 
LEU HD23 H N N 203 
LEU HXT  H N N 204 
LYS N    N N N 205 
LYS CA   C N S 206 
LYS C    C N N 207 
LYS O    O N N 208 
LYS CB   C N N 209 
LYS CG   C N N 210 
LYS CD   C N N 211 
LYS CE   C N N 212 
LYS NZ   N N N 213 
LYS OXT  O N N 214 
LYS H    H N N 215 
LYS H2   H N N 216 
LYS HA   H N N 217 
LYS HB2  H N N 218 
LYS HB3  H N N 219 
LYS HG2  H N N 220 
LYS HG3  H N N 221 
LYS HD2  H N N 222 
LYS HD3  H N N 223 
LYS HE2  H N N 224 
LYS HE3  H N N 225 
LYS HZ1  H N N 226 
LYS HZ2  H N N 227 
LYS HZ3  H N N 228 
LYS HXT  H N N 229 
MET N    N N N 230 
MET CA   C N S 231 
MET C    C N N 232 
MET O    O N N 233 
MET CB   C N N 234 
MET CG   C N N 235 
MET SD   S N N 236 
MET CE   C N N 237 
MET OXT  O N N 238 
MET H    H N N 239 
MET H2   H N N 240 
MET HA   H N N 241 
MET HB2  H N N 242 
MET HB3  H N N 243 
MET HG2  H N N 244 
MET HG3  H N N 245 
MET HE1  H N N 246 
MET HE2  H N N 247 
MET HE3  H N N 248 
MET HXT  H N N 249 
PHE N    N N N 250 
PHE CA   C N S 251 
PHE C    C N N 252 
PHE O    O N N 253 
PHE CB   C N N 254 
PHE CG   C Y N 255 
PHE CD1  C Y N 256 
PHE CD2  C Y N 257 
PHE CE1  C Y N 258 
PHE CE2  C Y N 259 
PHE CZ   C Y N 260 
PHE OXT  O N N 261 
PHE H    H N N 262 
PHE H2   H N N 263 
PHE HA   H N N 264 
PHE HB2  H N N 265 
PHE HB3  H N N 266 
PHE HD1  H N N 267 
PHE HD2  H N N 268 
PHE HE1  H N N 269 
PHE HE2  H N N 270 
PHE HZ   H N N 271 
PHE HXT  H N N 272 
PRO N    N N N 273 
PRO CA   C N S 274 
PRO C    C N N 275 
PRO O    O N N 276 
PRO CB   C N N 277 
PRO CG   C N N 278 
PRO CD   C N N 279 
PRO OXT  O N N 280 
PRO H    H N N 281 
PRO HA   H N N 282 
PRO HB2  H N N 283 
PRO HB3  H N N 284 
PRO HG2  H N N 285 
PRO HG3  H N N 286 
PRO HD2  H N N 287 
PRO HD3  H N N 288 
PRO HXT  H N N 289 
SER N    N N N 290 
SER CA   C N S 291 
SER C    C N N 292 
SER O    O N N 293 
SER CB   C N N 294 
SER OG   O N N 295 
SER OXT  O N N 296 
SER H    H N N 297 
SER H2   H N N 298 
SER HA   H N N 299 
SER HB2  H N N 300 
SER HB3  H N N 301 
SER HG   H N N 302 
SER HXT  H N N 303 
THR N    N N N 304 
THR CA   C N S 305 
THR C    C N N 306 
THR O    O N N 307 
THR CB   C N R 308 
THR OG1  O N N 309 
THR CG2  C N N 310 
THR OXT  O N N 311 
THR H    H N N 312 
THR H2   H N N 313 
THR HA   H N N 314 
THR HB   H N N 315 
THR HG1  H N N 316 
THR HG21 H N N 317 
THR HG22 H N N 318 
THR HG23 H N N 319 
THR HXT  H N N 320 
TRP N    N N N 321 
TRP CA   C N S 322 
TRP C    C N N 323 
TRP O    O N N 324 
TRP CB   C N N 325 
TRP CG   C Y N 326 
TRP CD1  C Y N 327 
TRP CD2  C Y N 328 
TRP NE1  N Y N 329 
TRP CE2  C Y N 330 
TRP CE3  C Y N 331 
TRP CZ2  C Y N 332 
TRP CZ3  C Y N 333 
TRP CH2  C Y N 334 
TRP OXT  O N N 335 
TRP H    H N N 336 
TRP H2   H N N 337 
TRP HA   H N N 338 
TRP HB2  H N N 339 
TRP HB3  H N N 340 
TRP HD1  H N N 341 
TRP HE1  H N N 342 
TRP HE3  H N N 343 
TRP HZ2  H N N 344 
TRP HZ3  H N N 345 
TRP HH2  H N N 346 
TRP HXT  H N N 347 
TYR N    N N N 348 
TYR CA   C N S 349 
TYR C    C N N 350 
TYR O    O N N 351 
TYR CB   C N N 352 
TYR CG   C Y N 353 
TYR CD1  C Y N 354 
TYR CD2  C Y N 355 
TYR CE1  C Y N 356 
TYR CE2  C Y N 357 
TYR CZ   C Y N 358 
TYR OH   O N N 359 
TYR OXT  O N N 360 
TYR H    H N N 361 
TYR H2   H N N 362 
TYR HA   H N N 363 
TYR HB2  H N N 364 
TYR HB3  H N N 365 
TYR HD1  H N N 366 
TYR HD2  H N N 367 
TYR HE1  H N N 368 
TYR HE2  H N N 369 
TYR HH   H N N 370 
TYR HXT  H N N 371 
VAL N    N N N 372 
VAL CA   C N S 373 
VAL C    C N N 374 
VAL O    O N N 375 
VAL CB   C N N 376 
VAL CG1  C N N 377 
VAL CG2  C N N 378 
VAL OXT  O N N 379 
VAL H    H N N 380 
VAL H2   H N N 381 
VAL HA   H N N 382 
VAL HB   H N N 383 
VAL HG11 H N N 384 
VAL HG12 H N N 385 
VAL HG13 H N N 386 
VAL HG21 H N N 387 
VAL HG22 H N N 388 
VAL HG23 H N N 389 
VAL HXT  H N N 390 
# 
loop_
_chem_comp_bond.comp_id 
_chem_comp_bond.atom_id_1 
_chem_comp_bond.atom_id_2 
_chem_comp_bond.value_order 
_chem_comp_bond.pdbx_aromatic_flag 
_chem_comp_bond.pdbx_stereo_config 
_chem_comp_bond.pdbx_ordinal 
ALA N   CA   sing N N 1   
ALA N   H    sing N N 2   
ALA N   H2   sing N N 3   
ALA CA  C    sing N N 4   
ALA CA  CB   sing N N 5   
ALA CA  HA   sing N N 6   
ALA C   O    doub N N 7   
ALA C   OXT  sing N N 8   
ALA CB  HB1  sing N N 9   
ALA CB  HB2  sing N N 10  
ALA CB  HB3  sing N N 11  
ALA OXT HXT  sing N N 12  
ARG N   CA   sing N N 13  
ARG N   H    sing N N 14  
ARG N   H2   sing N N 15  
ARG CA  C    sing N N 16  
ARG CA  CB   sing N N 17  
ARG CA  HA   sing N N 18  
ARG C   O    doub N N 19  
ARG C   OXT  sing N N 20  
ARG CB  CG   sing N N 21  
ARG CB  HB2  sing N N 22  
ARG CB  HB3  sing N N 23  
ARG CG  CD   sing N N 24  
ARG CG  HG2  sing N N 25  
ARG CG  HG3  sing N N 26  
ARG CD  NE   sing N N 27  
ARG CD  HD2  sing N N 28  
ARG CD  HD3  sing N N 29  
ARG NE  CZ   sing N N 30  
ARG NE  HE   sing N N 31  
ARG CZ  NH1  sing N N 32  
ARG CZ  NH2  doub N N 33  
ARG NH1 HH11 sing N N 34  
ARG NH1 HH12 sing N N 35  
ARG NH2 HH21 sing N N 36  
ARG NH2 HH22 sing N N 37  
ARG OXT HXT  sing N N 38  
ASN N   CA   sing N N 39  
ASN N   H    sing N N 40  
ASN N   H2   sing N N 41  
ASN CA  C    sing N N 42  
ASN CA  CB   sing N N 43  
ASN CA  HA   sing N N 44  
ASN C   O    doub N N 45  
ASN C   OXT  sing N N 46  
ASN CB  CG   sing N N 47  
ASN CB  HB2  sing N N 48  
ASN CB  HB3  sing N N 49  
ASN CG  OD1  doub N N 50  
ASN CG  ND2  sing N N 51  
ASN ND2 HD21 sing N N 52  
ASN ND2 HD22 sing N N 53  
ASN OXT HXT  sing N N 54  
ASP N   CA   sing N N 55  
ASP N   H    sing N N 56  
ASP N   H2   sing N N 57  
ASP CA  C    sing N N 58  
ASP CA  CB   sing N N 59  
ASP CA  HA   sing N N 60  
ASP C   O    doub N N 61  
ASP C   OXT  sing N N 62  
ASP CB  CG   sing N N 63  
ASP CB  HB2  sing N N 64  
ASP CB  HB3  sing N N 65  
ASP CG  OD1  doub N N 66  
ASP CG  OD2  sing N N 67  
ASP OD2 HD2  sing N N 68  
ASP OXT HXT  sing N N 69  
CYS N   CA   sing N N 70  
CYS N   H    sing N N 71  
CYS N   H2   sing N N 72  
CYS CA  C    sing N N 73  
CYS CA  CB   sing N N 74  
CYS CA  HA   sing N N 75  
CYS C   O    doub N N 76  
CYS C   OXT  sing N N 77  
CYS CB  SG   sing N N 78  
CYS CB  HB2  sing N N 79  
CYS CB  HB3  sing N N 80  
CYS SG  HG   sing N N 81  
CYS OXT HXT  sing N N 82  
GLN N   CA   sing N N 83  
GLN N   H    sing N N 84  
GLN N   H2   sing N N 85  
GLN CA  C    sing N N 86  
GLN CA  CB   sing N N 87  
GLN CA  HA   sing N N 88  
GLN C   O    doub N N 89  
GLN C   OXT  sing N N 90  
GLN CB  CG   sing N N 91  
GLN CB  HB2  sing N N 92  
GLN CB  HB3  sing N N 93  
GLN CG  CD   sing N N 94  
GLN CG  HG2  sing N N 95  
GLN CG  HG3  sing N N 96  
GLN CD  OE1  doub N N 97  
GLN CD  NE2  sing N N 98  
GLN NE2 HE21 sing N N 99  
GLN NE2 HE22 sing N N 100 
GLN OXT HXT  sing N N 101 
GLU N   CA   sing N N 102 
GLU N   H    sing N N 103 
GLU N   H2   sing N N 104 
GLU CA  C    sing N N 105 
GLU CA  CB   sing N N 106 
GLU CA  HA   sing N N 107 
GLU C   O    doub N N 108 
GLU C   OXT  sing N N 109 
GLU CB  CG   sing N N 110 
GLU CB  HB2  sing N N 111 
GLU CB  HB3  sing N N 112 
GLU CG  CD   sing N N 113 
GLU CG  HG2  sing N N 114 
GLU CG  HG3  sing N N 115 
GLU CD  OE1  doub N N 116 
GLU CD  OE2  sing N N 117 
GLU OE2 HE2  sing N N 118 
GLU OXT HXT  sing N N 119 
GLY N   CA   sing N N 120 
GLY N   H    sing N N 121 
GLY N   H2   sing N N 122 
GLY CA  C    sing N N 123 
GLY CA  HA2  sing N N 124 
GLY CA  HA3  sing N N 125 
GLY C   O    doub N N 126 
GLY C   OXT  sing N N 127 
GLY OXT HXT  sing N N 128 
HIS N   CA   sing N N 129 
HIS N   H    sing N N 130 
HIS N   H2   sing N N 131 
HIS CA  C    sing N N 132 
HIS CA  CB   sing N N 133 
HIS CA  HA   sing N N 134 
HIS C   O    doub N N 135 
HIS C   OXT  sing N N 136 
HIS CB  CG   sing N N 137 
HIS CB  HB2  sing N N 138 
HIS CB  HB3  sing N N 139 
HIS CG  ND1  sing Y N 140 
HIS CG  CD2  doub Y N 141 
HIS ND1 CE1  doub Y N 142 
HIS ND1 HD1  sing N N 143 
HIS CD2 NE2  sing Y N 144 
HIS CD2 HD2  sing N N 145 
HIS CE1 NE2  sing Y N 146 
HIS CE1 HE1  sing N N 147 
HIS NE2 HE2  sing N N 148 
HIS OXT HXT  sing N N 149 
HOH O   H1   sing N N 150 
HOH O   H2   sing N N 151 
ILE N   CA   sing N N 152 
ILE N   H    sing N N 153 
ILE N   H2   sing N N 154 
ILE CA  C    sing N N 155 
ILE CA  CB   sing N N 156 
ILE CA  HA   sing N N 157 
ILE C   O    doub N N 158 
ILE C   OXT  sing N N 159 
ILE CB  CG1  sing N N 160 
ILE CB  CG2  sing N N 161 
ILE CB  HB   sing N N 162 
ILE CG1 CD1  sing N N 163 
ILE CG1 HG12 sing N N 164 
ILE CG1 HG13 sing N N 165 
ILE CG2 HG21 sing N N 166 
ILE CG2 HG22 sing N N 167 
ILE CG2 HG23 sing N N 168 
ILE CD1 HD11 sing N N 169 
ILE CD1 HD12 sing N N 170 
ILE CD1 HD13 sing N N 171 
ILE OXT HXT  sing N N 172 
LEU N   CA   sing N N 173 
LEU N   H    sing N N 174 
LEU N   H2   sing N N 175 
LEU CA  C    sing N N 176 
LEU CA  CB   sing N N 177 
LEU CA  HA   sing N N 178 
LEU C   O    doub N N 179 
LEU C   OXT  sing N N 180 
LEU CB  CG   sing N N 181 
LEU CB  HB2  sing N N 182 
LEU CB  HB3  sing N N 183 
LEU CG  CD1  sing N N 184 
LEU CG  CD2  sing N N 185 
LEU CG  HG   sing N N 186 
LEU CD1 HD11 sing N N 187 
LEU CD1 HD12 sing N N 188 
LEU CD1 HD13 sing N N 189 
LEU CD2 HD21 sing N N 190 
LEU CD2 HD22 sing N N 191 
LEU CD2 HD23 sing N N 192 
LEU OXT HXT  sing N N 193 
LYS N   CA   sing N N 194 
LYS N   H    sing N N 195 
LYS N   H2   sing N N 196 
LYS CA  C    sing N N 197 
LYS CA  CB   sing N N 198 
LYS CA  HA   sing N N 199 
LYS C   O    doub N N 200 
LYS C   OXT  sing N N 201 
LYS CB  CG   sing N N 202 
LYS CB  HB2  sing N N 203 
LYS CB  HB3  sing N N 204 
LYS CG  CD   sing N N 205 
LYS CG  HG2  sing N N 206 
LYS CG  HG3  sing N N 207 
LYS CD  CE   sing N N 208 
LYS CD  HD2  sing N N 209 
LYS CD  HD3  sing N N 210 
LYS CE  NZ   sing N N 211 
LYS CE  HE2  sing N N 212 
LYS CE  HE3  sing N N 213 
LYS NZ  HZ1  sing N N 214 
LYS NZ  HZ2  sing N N 215 
LYS NZ  HZ3  sing N N 216 
LYS OXT HXT  sing N N 217 
MET N   CA   sing N N 218 
MET N   H    sing N N 219 
MET N   H2   sing N N 220 
MET CA  C    sing N N 221 
MET CA  CB   sing N N 222 
MET CA  HA   sing N N 223 
MET C   O    doub N N 224 
MET C   OXT  sing N N 225 
MET CB  CG   sing N N 226 
MET CB  HB2  sing N N 227 
MET CB  HB3  sing N N 228 
MET CG  SD   sing N N 229 
MET CG  HG2  sing N N 230 
MET CG  HG3  sing N N 231 
MET SD  CE   sing N N 232 
MET CE  HE1  sing N N 233 
MET CE  HE2  sing N N 234 
MET CE  HE3  sing N N 235 
MET OXT HXT  sing N N 236 
PHE N   CA   sing N N 237 
PHE N   H    sing N N 238 
PHE N   H2   sing N N 239 
PHE CA  C    sing N N 240 
PHE CA  CB   sing N N 241 
PHE CA  HA   sing N N 242 
PHE C   O    doub N N 243 
PHE C   OXT  sing N N 244 
PHE CB  CG   sing N N 245 
PHE CB  HB2  sing N N 246 
PHE CB  HB3  sing N N 247 
PHE CG  CD1  doub Y N 248 
PHE CG  CD2  sing Y N 249 
PHE CD1 CE1  sing Y N 250 
PHE CD1 HD1  sing N N 251 
PHE CD2 CE2  doub Y N 252 
PHE CD2 HD2  sing N N 253 
PHE CE1 CZ   doub Y N 254 
PHE CE1 HE1  sing N N 255 
PHE CE2 CZ   sing Y N 256 
PHE CE2 HE2  sing N N 257 
PHE CZ  HZ   sing N N 258 
PHE OXT HXT  sing N N 259 
PRO N   CA   sing N N 260 
PRO N   CD   sing N N 261 
PRO N   H    sing N N 262 
PRO CA  C    sing N N 263 
PRO CA  CB   sing N N 264 
PRO CA  HA   sing N N 265 
PRO C   O    doub N N 266 
PRO C   OXT  sing N N 267 
PRO CB  CG   sing N N 268 
PRO CB  HB2  sing N N 269 
PRO CB  HB3  sing N N 270 
PRO CG  CD   sing N N 271 
PRO CG  HG2  sing N N 272 
PRO CG  HG3  sing N N 273 
PRO CD  HD2  sing N N 274 
PRO CD  HD3  sing N N 275 
PRO OXT HXT  sing N N 276 
SER N   CA   sing N N 277 
SER N   H    sing N N 278 
SER N   H2   sing N N 279 
SER CA  C    sing N N 280 
SER CA  CB   sing N N 281 
SER CA  HA   sing N N 282 
SER C   O    doub N N 283 
SER C   OXT  sing N N 284 
SER CB  OG   sing N N 285 
SER CB  HB2  sing N N 286 
SER CB  HB3  sing N N 287 
SER OG  HG   sing N N 288 
SER OXT HXT  sing N N 289 
THR N   CA   sing N N 290 
THR N   H    sing N N 291 
THR N   H2   sing N N 292 
THR CA  C    sing N N 293 
THR CA  CB   sing N N 294 
THR CA  HA   sing N N 295 
THR C   O    doub N N 296 
THR C   OXT  sing N N 297 
THR CB  OG1  sing N N 298 
THR CB  CG2  sing N N 299 
THR CB  HB   sing N N 300 
THR OG1 HG1  sing N N 301 
THR CG2 HG21 sing N N 302 
THR CG2 HG22 sing N N 303 
THR CG2 HG23 sing N N 304 
THR OXT HXT  sing N N 305 
TRP N   CA   sing N N 306 
TRP N   H    sing N N 307 
TRP N   H2   sing N N 308 
TRP CA  C    sing N N 309 
TRP CA  CB   sing N N 310 
TRP CA  HA   sing N N 311 
TRP C   O    doub N N 312 
TRP C   OXT  sing N N 313 
TRP CB  CG   sing N N 314 
TRP CB  HB2  sing N N 315 
TRP CB  HB3  sing N N 316 
TRP CG  CD1  doub Y N 317 
TRP CG  CD2  sing Y N 318 
TRP CD1 NE1  sing Y N 319 
TRP CD1 HD1  sing N N 320 
TRP CD2 CE2  doub Y N 321 
TRP CD2 CE3  sing Y N 322 
TRP NE1 CE2  sing Y N 323 
TRP NE1 HE1  sing N N 324 
TRP CE2 CZ2  sing Y N 325 
TRP CE3 CZ3  doub Y N 326 
TRP CE3 HE3  sing N N 327 
TRP CZ2 CH2  doub Y N 328 
TRP CZ2 HZ2  sing N N 329 
TRP CZ3 CH2  sing Y N 330 
TRP CZ3 HZ3  sing N N 331 
TRP CH2 HH2  sing N N 332 
TRP OXT HXT  sing N N 333 
TYR N   CA   sing N N 334 
TYR N   H    sing N N 335 
TYR N   H2   sing N N 336 
TYR CA  C    sing N N 337 
TYR CA  CB   sing N N 338 
TYR CA  HA   sing N N 339 
TYR C   O    doub N N 340 
TYR C   OXT  sing N N 341 
TYR CB  CG   sing N N 342 
TYR CB  HB2  sing N N 343 
TYR CB  HB3  sing N N 344 
TYR CG  CD1  doub Y N 345 
TYR CG  CD2  sing Y N 346 
TYR CD1 CE1  sing Y N 347 
TYR CD1 HD1  sing N N 348 
TYR CD2 CE2  doub Y N 349 
TYR CD2 HD2  sing N N 350 
TYR CE1 CZ   doub Y N 351 
TYR CE1 HE1  sing N N 352 
TYR CE2 CZ   sing Y N 353 
TYR CE2 HE2  sing N N 354 
TYR CZ  OH   sing N N 355 
TYR OH  HH   sing N N 356 
TYR OXT HXT  sing N N 357 
VAL N   CA   sing N N 358 
VAL N   H    sing N N 359 
VAL N   H2   sing N N 360 
VAL CA  C    sing N N 361 
VAL CA  CB   sing N N 362 
VAL CA  HA   sing N N 363 
VAL C   O    doub N N 364 
VAL C   OXT  sing N N 365 
VAL CB  CG1  sing N N 366 
VAL CB  CG2  sing N N 367 
VAL CB  HB   sing N N 368 
VAL CG1 HG11 sing N N 369 
VAL CG1 HG12 sing N N 370 
VAL CG1 HG13 sing N N 371 
VAL CG2 HG21 sing N N 372 
VAL CG2 HG22 sing N N 373 
VAL CG2 HG23 sing N N 374 
VAL OXT HXT  sing N N 375 
# 
_atom_sites.entry_id                    1TOL 
_atom_sites.fract_transf_matrix[1][1]   -0.00444137 
_atom_sites.fract_transf_matrix[1][2]   -0.00195174 
_atom_sites.fract_transf_matrix[1][3]   0.01015135 
_atom_sites.fract_transf_matrix[2][1]   0.00836940 
_atom_sites.fract_transf_matrix[2][2]   -0.00716378 
_atom_sites.fract_transf_matrix[2][3]   0.00228440 
_atom_sites.fract_transf_matrix[3][1]   0.00848487 
_atom_sites.fract_transf_matrix[3][2]   0.01182136 
_atom_sites.fract_transf_matrix[3][3]   0.00598509 
_atom_sites.fract_transf_vector[1]      0.194431 
_atom_sites.fract_transf_vector[2]      0.493686 
_atom_sites.fract_transf_vector[3]      0.282082 
# 
loop_
_atom_type.symbol 
C 
N 
O 
S 
# 
loop_
_atom_site.group_PDB 
_atom_site.id 
_atom_site.type_symbol 
_atom_site.label_atom_id 
_atom_site.label_alt_id 
_atom_site.label_comp_id 
_atom_site.label_asym_id 
_atom_site.label_entity_id 
_atom_site.label_seq_id 
_atom_site.pdbx_PDB_ins_code 
_atom_site.Cartn_x 
_atom_site.Cartn_y 
_atom_site.Cartn_z 
_atom_site.occupancy 
_atom_site.B_iso_or_equiv 
_atom_site.pdbx_formal_charge 
_atom_site.auth_seq_id 
_atom_site.auth_comp_id 
_atom_site.auth_asym_id 
_atom_site.auth_atom_id 
_atom_site.pdbx_PDB_model_num 
ATOM   1    N N   . ALA A 1 1   ? -24.645 13.081  9.614   1.00 39.95  ? 1   ALA A N   1 
ATOM   2    C CA  . ALA A 1 1   ? -24.274 11.824  8.961   1.00 45.02  ? 1   ALA A CA  1 
ATOM   3    C C   . ALA A 1 1   ? -24.069 11.954  7.454   1.00 52.25  ? 1   ALA A C   1 
ATOM   4    O O   . ALA A 1 1   ? -24.612 12.857  6.819   1.00 42.13  ? 1   ALA A O   1 
ATOM   5    C CB  . ALA A 1 1   ? -25.337 10.768  9.222   1.00 37.23  ? 1   ALA A CB  1 
ATOM   6    N N   . GLU A 1 2   ? -23.288 11.035  6.893   1.00 48.80  ? 2   GLU A N   1 
ATOM   7    C CA  . GLU A 1 2   ? -23.080 10.836  5.470   1.00 37.35  ? 2   GLU A CA  1 
ATOM   8    C C   . GLU A 1 2   ? -24.153 10.001  4.806   1.00 35.81  ? 2   GLU A C   1 
ATOM   9    O O   . GLU A 1 2   ? -24.802 9.152   5.416   1.00 44.14  ? 2   GLU A O   1 
ATOM   10   C CB  . GLU A 1 2   ? -21.736 10.097  5.234   1.00 31.82  ? 2   GLU A CB  1 
ATOM   11   C CG  . GLU A 1 2   ? -20.587 10.820  5.934   1.00 30.97  ? 2   GLU A CG  1 
ATOM   12   C CD  . GLU A 1 2   ? -20.168 12.045  5.148   1.00 29.40  ? 2   GLU A CD  1 
ATOM   13   O OE1 . GLU A 1 2   ? -20.640 12.218  4.004   1.00 51.40  ? 2   GLU A OE1 1 
ATOM   14   O OE2 . GLU A 1 2   ? -19.351 12.845  5.659   1.00 44.80  ? 2   GLU A OE2 1 
ATOM   15   N N   . THR A 1 3   ? -24.354 10.201  3.506   1.00 41.05  ? 3   THR A N   1 
ATOM   16   C CA  . THR A 1 3   ? -25.101 9.195   2.754   1.00 51.37  ? 3   THR A CA  1 
ATOM   17   C C   . THR A 1 3   ? -24.110 8.278   2.042   1.00 54.73  ? 3   THR A C   1 
ATOM   18   O O   . THR A 1 3   ? -22.911 8.570   2.016   1.00 37.94  ? 3   THR A O   1 
ATOM   19   C CB  . THR A 1 3   ? -26.044 9.836   1.730   1.00 54.59  ? 3   THR A CB  1 
ATOM   20   O OG1 . THR A 1 3   ? -25.295 10.715  0.875   1.00 57.92  ? 3   THR A OG1 1 
ATOM   21   C CG2 . THR A 1 3   ? -27.089 10.672  2.458   1.00 60.79  ? 3   THR A CG2 1 
ATOM   22   N N   . VAL A 1 4   ? -24.550 7.177   1.447   1.00 51.34  ? 4   VAL A N   1 
ATOM   23   C CA  . VAL A 1 4   ? -23.615 6.382   0.638   1.00 48.51  ? 4   VAL A CA  1 
ATOM   24   C C   . VAL A 1 4   ? -23.102 7.237   -0.513  1.00 49.06  ? 4   VAL A C   1 
ATOM   25   O O   . VAL A 1 4   ? -21.959 7.130   -0.943  1.00 46.12  ? 4   VAL A O   1 
ATOM   26   C CB  . VAL A 1 4   ? -24.295 5.115   0.094   1.00 51.19  ? 4   VAL A CB  1 
ATOM   27   C CG1 . VAL A 1 4   ? -25.475 5.532   -0.778  1.00 43.74  ? 4   VAL A CG1 1 
ATOM   28   C CG2 . VAL A 1 4   ? -23.338 4.223   -0.689  1.00 43.08  ? 4   VAL A CG2 1 
ATOM   29   N N   . GLU A 1 5   ? -23.972 8.116   -1.021  1.00 43.30  ? 5   GLU A N   1 
ATOM   30   C CA  . GLU A 1 5   ? -23.637 8.932   -2.186  1.00 44.81  ? 5   GLU A CA  1 
ATOM   31   C C   . GLU A 1 5   ? -22.755 10.119  -1.829  1.00 46.52  ? 5   GLU A C   1 
ATOM   32   O O   . GLU A 1 5   ? -22.067 10.676  -2.698  1.00 50.51  ? 5   GLU A O   1 
ATOM   33   C CB  . GLU A 1 5   ? -24.950 9.328   -2.867  1.00 43.99  ? 5   GLU A CB  1 
ATOM   34   C CG  . GLU A 1 5   ? -24.801 10.248  -4.065  1.00 46.93  ? 5   GLU A CG  1 
ATOM   35   C CD  . GLU A 1 5   ? -26.145 10.594  -4.678  1.00 60.03  ? 5   GLU A CD  1 
ATOM   36   O OE1 . GLU A 1 5   ? -27.170 10.477  -3.970  1.00 80.22  ? 5   GLU A OE1 1 
ATOM   37   O OE2 . GLU A 1 5   ? -26.186 10.981  -5.866  1.00 88.26  ? 5   GLU A OE2 1 
ATOM   38   N N   . SER A 1 6   ? -22.691 10.533  -0.567  1.00 39.21  ? 6   SER A N   1 
ATOM   39   C CA  . SER A 1 6   ? -21.788 11.642  -0.216  1.00 39.17  ? 6   SER A CA  1 
ATOM   40   C C   . SER A 1 6   ? -20.372 11.082  -0.037  1.00 33.32  ? 6   SER A C   1 
ATOM   41   O O   . SER A 1 6   ? -19.380 11.699  -0.398  1.00 36.13  ? 6   SER A O   1 
ATOM   42   C CB  . SER A 1 6   ? -22.243 12.387  1.029   1.00 35.55  ? 6   SER A CB  1 
ATOM   43   O OG  . SER A 1 6   ? -22.257 11.563  2.185   1.00 40.06  ? 6   SER A OG  1 
ATOM   44   N N   . CYS A 1 7   ? -20.326 9.885   0.512   1.00 35.82  ? 7   CYS A N   1 
ATOM   45   C CA  . CYS A 1 7   ? -19.078 9.142   0.650   1.00 40.22  ? 7   CYS A CA  1 
ATOM   46   C C   . CYS A 1 7   ? -18.386 8.969   -0.697  1.00 39.12  ? 7   CYS A C   1 
ATOM   47   O O   . CYS A 1 7   ? -17.192 9.248   -0.865  1.00 29.51  ? 7   CYS A O   1 
ATOM   48   C CB  . CYS A 1 7   ? -19.359 7.775   1.266   1.00 35.83  ? 7   CYS A CB  1 
ATOM   49   S SG  . CYS A 1 7   ? -19.596 7.830   3.060   1.00 37.69  ? 7   CYS A SG  1 
ATOM   50   N N   . LEU A 1 8   ? -19.154 8.516   -1.683  1.00 38.27  ? 8   LEU A N   1 
ATOM   51   C CA  . LEU A 1 8   ? -18.590 8.176   -2.984  1.00 44.47  ? 8   LEU A CA  1 
ATOM   52   C C   . LEU A 1 8   ? -18.077 9.421   -3.687  1.00 43.45  ? 8   LEU A C   1 
ATOM   53   O O   . LEU A 1 8   ? -17.320 9.307   -4.646  1.00 37.88  ? 8   LEU A O   1 
ATOM   54   C CB  . LEU A 1 8   ? -19.609 7.464   -3.874  1.00 38.86  ? 8   LEU A CB  1 
ATOM   55   C CG  . LEU A 1 8   ? -20.019 6.056   -3.450  1.00 36.91  ? 8   LEU A CG  1 
ATOM   56   C CD1 . LEU A 1 8   ? -21.146 5.566   -4.360  1.00 61.59  ? 8   LEU A CD1 1 
ATOM   57   C CD2 . LEU A 1 8   ? -18.872 5.069   -3.489  1.00 35.12  ? 8   LEU A CD2 1 
ATOM   58   N N   . ALA A 1 9   ? -18.479 10.592  -3.206  1.00 39.80  ? 9   ALA A N   1 
ATOM   59   C CA  . ALA A 1 9   ? -17.993 11.843  -3.780  1.00 35.30  ? 9   ALA A CA  1 
ATOM   60   C C   . ALA A 1 9   ? -16.753 12.346  -3.074  1.00 30.66  ? 9   ALA A C   1 
ATOM   61   O O   . ALA A 1 9   ? -16.101 13.307  -3.493  1.00 41.69  ? 9   ALA A O   1 
ATOM   62   C CB  . ALA A 1 9   ? -19.103 12.889  -3.758  1.00 46.85  ? 9   ALA A CB  1 
ATOM   63   N N   . LYS A 1 10  ? -16.340 11.742  -1.955  1.00 31.46  ? 10  LYS A N   1 
ATOM   64   C CA  . LYS A 1 10  ? -15.128 12.305  -1.360  1.00 29.94  ? 10  LYS A CA  1 
ATOM   65   C C   . LYS A 1 10  ? -13.882 12.145  -2.221  1.00 44.74  ? 10  LYS A C   1 
ATOM   66   O O   . LYS A 1 10  ? -13.746 11.193  -2.986  1.00 40.13  ? 10  LYS A O   1 
ATOM   67   C CB  . LYS A 1 10  ? -14.908 11.643  0.009   1.00 33.83  ? 10  LYS A CB  1 
ATOM   68   C CG  . LYS A 1 10  ? -16.026 12.013  0.987   1.00 36.80  ? 10  LYS A CG  1 
ATOM   69   C CD  . LYS A 1 10  ? -15.714 11.596  2.409   1.00 33.37  ? 10  LYS A CD  1 
ATOM   70   C CE  . LYS A 1 10  ? -16.962 11.785  3.277   1.00 46.77  ? 10  LYS A CE  1 
ATOM   71   N NZ  . LYS A 1 10  ? -16.618 12.160  4.675   1.00 38.86  ? 10  LYS A NZ  1 
ATOM   72   N N   . SER A 1 11  ? -12.943 13.078  -2.106  1.00 35.64  ? 11  SER A N   1 
ATOM   73   C CA  . SER A 1 11  ? -11.639 13.029  -2.731  1.00 41.88  ? 11  SER A CA  1 
ATOM   74   C C   . SER A 1 11  ? -10.788 11.836  -2.276  1.00 41.00  ? 11  SER A C   1 
ATOM   75   O O   . SER A 1 11  ? -10.860 11.444  -1.106  1.00 29.84  ? 11  SER A O   1 
ATOM   76   C CB  . SER A 1 11  ? -10.815 14.285  -2.400  1.00 40.71  ? 11  SER A CB  1 
ATOM   77   O OG  . SER A 1 11  ? -11.422 15.489  -2.830  1.00 57.70  ? 11  SER A OG  1 
ATOM   78   N N   . HIS A 1 12  ? -9.953  11.300  -3.163  1.00 27.49  ? 12  HIS A N   1 
ATOM   79   C CA  . HIS A 1 12  ? -8.994  10.271  -2.764  1.00 26.11  ? 12  HIS A CA  1 
ATOM   80   C C   . HIS A 1 12  ? -7.898  10.887  -1.907  1.00 25.52  ? 12  HIS A C   1 
ATOM   81   O O   . HIS A 1 12  ? -7.524  12.054  -2.085  1.00 18.62  ? 12  HIS A O   1 
ATOM   82   C CB  . HIS A 1 12  ? -8.391  9.567   -3.989  1.00 17.96  ? 12  HIS A CB  1 
ATOM   83   C CG  . HIS A 1 12  ? -9.407  9.074   -4.970  1.00 13.67  ? 12  HIS A CG  1 
ATOM   84   N ND1 . HIS A 1 12  ? -9.086  8.524   -6.190  1.00 18.18  ? 12  HIS A ND1 1 
ATOM   85   C CD2 . HIS A 1 12  ? -10.759 9.039   -4.909  1.00 18.58  ? 12  HIS A CD2 1 
ATOM   86   C CE1 . HIS A 1 12  ? -10.176 8.173   -6.841  1.00 15.90  ? 12  HIS A CE1 1 
ATOM   87   N NE2 . HIS A 1 12  ? -11.207 8.484   -6.075  1.00 21.37  ? 12  HIS A NE2 1 
ATOM   88   N N   . THR A 1 13  ? -7.361  10.111  -0.968  1.00 26.98  ? 13  THR A N   1 
ATOM   89   C CA  . THR A 1 13  ? -6.346  10.640  -0.067  1.00 35.01  ? 13  THR A CA  1 
ATOM   90   C C   . THR A 1 13  ? -5.128  9.727   0.004   1.00 37.09  ? 13  THR A C   1 
ATOM   91   O O   . THR A 1 13  ? -5.236  8.499   -0.023  1.00 34.40  ? 13  THR A O   1 
ATOM   92   C CB  . THR A 1 13  ? -6.835  10.814  1.385   1.00 33.21  ? 13  THR A CB  1 
ATOM   93   O OG1 . THR A 1 13  ? -7.335  9.542   1.838   1.00 32.53  ? 13  THR A OG1 1 
ATOM   94   C CG2 . THR A 1 13  ? -7.977  11.802  1.461   1.00 33.47  ? 13  THR A CG2 1 
ATOM   95   N N   . GLU A 1 14  ? -3.971  10.354  0.109   1.00 27.66  ? 14  GLU A N   1 
ATOM   96   C CA  . GLU A 1 14  ? -2.754  9.554   0.264   1.00 38.86  ? 14  GLU A CA  1 
ATOM   97   C C   . GLU A 1 14  ? -2.345  9.630   1.720   1.00 39.14  ? 14  GLU A C   1 
ATOM   98   O O   . GLU A 1 14  ? -2.060  10.721  2.198   1.00 34.93  ? 14  GLU A O   1 
ATOM   99   C CB  . GLU A 1 14  ? -1.663  10.046  -0.688  1.00 42.61  ? 14  GLU A CB  1 
ATOM   100  C CG  . GLU A 1 14  ? -2.217  10.040  -2.116  1.00 46.59  ? 14  GLU A CG  1 
ATOM   101  C CD  . GLU A 1 14  ? -1.287  9.286   -3.045  1.00 39.19  ? 14  GLU A CD  1 
ATOM   102  O OE1 . GLU A 1 14  ? -0.113  9.111   -2.640  1.00 36.49  ? 14  GLU A OE1 1 
ATOM   103  O OE2 . GLU A 1 14  ? -1.761  8.905   -4.127  1.00 60.99  ? 14  GLU A OE2 1 
ATOM   104  N N   . ASN A 1 15  ? -2.353  8.507   2.424   1.00 35.13  ? 15  ASN A N   1 
ATOM   105  C CA  . ASN A 1 15  ? -2.085  8.525   3.859   1.00 37.34  ? 15  ASN A CA  1 
ATOM   106  C C   . ASN A 1 15  ? -2.060  7.114   4.412   1.00 42.47  ? 15  ASN A C   1 
ATOM   107  O O   . ASN A 1 15  ? -2.335  6.168   3.663   1.00 28.95  ? 15  ASN A O   1 
ATOM   108  C CB  . ASN A 1 15  ? -3.213  9.320   4.548   1.00 32.87  ? 15  ASN A CB  1 
ATOM   109  C CG  . ASN A 1 15  ? -4.518  8.574   4.297   1.00 35.22  ? 15  ASN A CG  1 
ATOM   110  O OD1 . ASN A 1 15  ? -4.952  7.744   5.094   1.00 42.47  ? 15  ASN A OD1 1 
ATOM   111  N ND2 . ASN A 1 15  ? -5.154  8.866   3.173   1.00 34.51  ? 15  ASN A ND2 1 
ATOM   112  N N   . SER A 1 16  ? -1.775  6.943   5.704   1.00 38.22  ? 16  SER A N   1 
ATOM   113  C CA  . SER A 1 16  ? -1.989  5.597   6.250   1.00 39.10  ? 16  SER A CA  1 
ATOM   114  C C   . SER A 1 16  ? -3.161  5.623   7.231   1.00 41.35  ? 16  SER A C   1 
ATOM   115  O O   . SER A 1 16  ? -3.394  6.696   7.798   1.00 36.71  ? 16  SER A O   1 
ATOM   116  C CB  . SER A 1 16  ? -0.748  5.046   6.946   1.00 56.90  ? 16  SER A CB  1 
ATOM   117  O OG  . SER A 1 16  ? -0.235  5.972   7.879   1.00 73.98  ? 16  SER A OG  1 
ATOM   118  N N   . PHE A 1 17  ? -3.833  4.493   7.387   1.00 36.45  ? 17  PHE A N   1 
ATOM   119  C CA  . PHE A 1 17  ? -4.856  4.271   8.401   1.00 35.39  ? 17  PHE A CA  1 
ATOM   120  C C   . PHE A 1 17  ? -4.406  3.134   9.325   1.00 43.18  ? 17  PHE A C   1 
ATOM   121  O O   . PHE A 1 17  ? -3.637  2.263   8.923   1.00 41.22  ? 17  PHE A O   1 
ATOM   122  C CB  . PHE A 1 17  ? -6.223  3.873   7.862   1.00 30.63  ? 17  PHE A CB  1 
ATOM   123  C CG  . PHE A 1 17  ? -7.019  4.946   7.147   1.00 37.50  ? 17  PHE A CG  1 
ATOM   124  C CD1 . PHE A 1 17  ? -7.230  6.194   7.736   1.00 40.38  ? 17  PHE A CD1 1 
ATOM   125  C CD2 . PHE A 1 17  ? -7.547  4.707   5.892   1.00 31.97  ? 17  PHE A CD2 1 
ATOM   126  C CE1 . PHE A 1 17  ? -7.959  7.165   7.070   1.00 42.79  ? 17  PHE A CE1 1 
ATOM   127  C CE2 . PHE A 1 17  ? -8.278  5.666   5.217   1.00 38.88  ? 17  PHE A CE2 1 
ATOM   128  C CZ  . PHE A 1 17  ? -8.477  6.908   5.805   1.00 44.14  ? 17  PHE A CZ  1 
ATOM   129  N N   . THR A 1 18  ? -4.924  3.134   10.545  1.00 39.38  ? 18  THR A N   1 
ATOM   130  C CA  . THR A 1 18  ? -4.754  1.988   11.437  1.00 39.09  ? 18  THR A CA  1 
ATOM   131  C C   . THR A 1 18  ? -6.042  1.174   11.422  1.00 37.77  ? 18  THR A C   1 
ATOM   132  O O   . THR A 1 18  ? -7.011  1.600   10.798  1.00 36.47  ? 18  THR A O   1 
ATOM   133  C CB  . THR A 1 18  ? -4.433  2.442   12.866  1.00 51.93  ? 18  THR A CB  1 
ATOM   134  O OG1 . THR A 1 18  ? -5.598  3.091   13.416  1.00 59.08  ? 18  THR A OG1 1 
ATOM   135  C CG2 . THR A 1 18  ? -3.323  3.482   12.884  1.00 42.48  ? 18  THR A CG2 1 
ATOM   136  N N   . ASN A 1 19  ? -6.115  0.018   12.082  1.00 43.73  ? 19  ASN A N   1 
ATOM   137  C CA  . ASN A 1 19  ? -7.384  -0.710  12.080  1.00 46.19  ? 19  ASN A CA  1 
ATOM   138  C C   . ASN A 1 19  ? -7.822  -1.159  10.703  1.00 42.96  ? 19  ASN A C   1 
ATOM   139  O O   . ASN A 1 19  ? -9.011  -1.283  10.387  1.00 38.88  ? 19  ASN A O   1 
ATOM   140  C CB  . ASN A 1 19  ? -8.450  0.188   12.740  1.00 63.73  ? 19  ASN A CB  1 
ATOM   141  C CG  . ASN A 1 19  ? -8.077  0.444   14.196  1.00 67.69  ? 19  ASN A CG  1 
ATOM   142  O OD1 . ASN A 1 19  ? -7.813  -0.520  14.921  1.00 72.25  ? 19  ASN A OD1 1 
ATOM   143  N ND2 . ASN A 1 19  ? -8.039  1.701   14.625  1.00 44.14  ? 19  ASN A ND2 1 
ATOM   144  N N   . VAL A 1 20  ? -6.818  -1.428  9.861   1.00 40.57  ? 20  VAL A N   1 
ATOM   145  C CA  . VAL A 1 20  ? -7.060  -1.969  8.534   1.00 31.68  ? 20  VAL A CA  1 
ATOM   146  C C   . VAL A 1 20  ? -7.397  -3.454  8.585   1.00 31.16  ? 20  VAL A C   1 
ATOM   147  O O   . VAL A 1 20  ? -6.796  -4.145  9.402   1.00 42.87  ? 20  VAL A O   1 
ATOM   148  C CB  . VAL A 1 20  ? -5.814  -1.810  7.635   1.00 38.01  ? 20  VAL A CB  1 
ATOM   149  C CG1 . VAL A 1 20  ? -6.041  -2.489  6.292   1.00 35.32  ? 20  VAL A CG1 1 
ATOM   150  C CG2 . VAL A 1 20  ? -5.504  -0.334  7.483   1.00 34.91  ? 20  VAL A CG2 1 
ATOM   151  N N   . TRP A 1 21  ? -8.314  -3.907  7.738   1.00 36.18  ? 21  TRP A N   1 
ATOM   152  C CA  . TRP A 1 21  ? -8.555  -5.340  7.607   1.00 41.60  ? 21  TRP A CA  1 
ATOM   153  C C   . TRP A 1 21  ? -8.539  -5.769  6.145   1.00 49.56  ? 21  TRP A C   1 
ATOM   154  O O   . TRP A 1 21  ? -8.837  -5.022  5.205   1.00 46.42  ? 21  TRP A O   1 
ATOM   155  C CB  . TRP A 1 21  ? -9.863  -5.733  8.291   1.00 47.46  ? 21  TRP A CB  1 
ATOM   156  C CG  . TRP A 1 21  ? -11.138 -5.356  7.606   1.00 38.83  ? 21  TRP A CG  1 
ATOM   157  C CD1 . TRP A 1 21  ? -11.828 -6.119  6.713   1.00 34.08  ? 21  TRP A CD1 1 
ATOM   158  C CD2 . TRP A 1 21  ? -11.891 -4.140  7.748   1.00 38.20  ? 21  TRP A CD2 1 
ATOM   159  N NE1 . TRP A 1 21  ? -12.956 -5.466  6.287   1.00 37.25  ? 21  TRP A NE1 1 
ATOM   160  C CE2 . TRP A 1 21  ? -13.016 -4.242  6.907   1.00 33.82  ? 21  TRP A CE2 1 
ATOM   161  C CE3 . TRP A 1 21  ? -11.735 -2.969  8.491   1.00 37.53  ? 21  TRP A CE3 1 
ATOM   162  C CZ2 . TRP A 1 21  ? -13.969 -3.231  6.791   1.00 36.50  ? 21  TRP A CZ2 1 
ATOM   163  C CZ3 . TRP A 1 21  ? -12.682 -1.965  8.380   1.00 37.22  ? 21  TRP A CZ3 1 
ATOM   164  C CH2 . TRP A 1 21  ? -13.793 -2.093  7.537   1.00 32.69  ? 21  TRP A CH2 1 
ATOM   165  N N   . LYS A 1 22  ? -8.175  -7.042  5.945   1.00 43.54  ? 22  LYS A N   1 
ATOM   166  C CA  . LYS A 1 22  ? -8.143  -7.586  4.595   1.00 46.42  ? 22  LYS A CA  1 
ATOM   167  C C   . LYS A 1 22  ? -9.250  -8.607  4.321   1.00 53.46  ? 22  LYS A C   1 
ATOM   168  O O   . LYS A 1 22  ? -9.761  -9.286  5.207   1.00 46.75  ? 22  LYS A O   1 
ATOM   169  C CB  . LYS A 1 22  ? -6.773  -8.217  4.330   1.00 46.60  ? 22  LYS A CB  1 
ATOM   170  C CG  . LYS A 1 22  ? -6.597  -8.732  2.902   1.00 50.11  ? 22  LYS A CG  1 
ATOM   171  C CD  . LYS A 1 22  ? -5.134  -9.028  2.619   1.00 63.80  ? 22  LYS A CD  1 
ATOM   172  C CE  . LYS A 1 22  ? -4.951  -10.217 1.688   1.00 68.30  ? 22  LYS A CE  1 
ATOM   173  N NZ  . LYS A 1 22  ? -3.542  -10.315 1.200   1.00 49.06  ? 22  LYS A NZ  1 
ATOM   174  N N   . ASP A 1 23  ? -9.589  -8.674  3.048   1.00 58.63  ? 23  ASP A N   1 
ATOM   175  C CA  . ASP A 1 23  ? -10.332 -9.689  2.330   1.00 63.86  ? 23  ASP A CA  1 
ATOM   176  C C   . ASP A 1 23  ? -9.334  -10.663 1.694   1.00 61.29  ? 23  ASP A C   1 
ATOM   177  O O   . ASP A 1 23  ? -8.748  -10.405 0.634   1.00 47.10  ? 23  ASP A O   1 
ATOM   178  C CB  . ASP A 1 23  ? -11.223 -9.050  1.274   1.00 64.78  ? 23  ASP A CB  1 
ATOM   179  C CG  . ASP A 1 23  ? -12.326 -9.902  0.694   1.00 64.81  ? 23  ASP A CG  1 
ATOM   180  O OD1 . ASP A 1 23  ? -12.122 -11.101 0.407   1.00 60.27  ? 23  ASP A OD1 1 
ATOM   181  O OD2 . ASP A 1 23  ? -13.435 -9.353  0.500   1.00 68.95  ? 23  ASP A OD2 1 
ATOM   182  N N   . ASP A 1 24  ? -9.132  -11.801 2.349   1.00 58.23  ? 24  ASP A N   1 
ATOM   183  C CA  . ASP A 1 24  ? -8.135  -12.785 1.946   1.00 62.96  ? 24  ASP A CA  1 
ATOM   184  C C   . ASP A 1 24  ? -8.483  -13.468 0.627   1.00 69.67  ? 24  ASP A C   1 
ATOM   185  O O   . ASP A 1 24  ? -7.681  -14.259 0.121   1.00 64.40  ? 24  ASP A O   1 
ATOM   186  C CB  . ASP A 1 24  ? -7.946  -13.833 3.052   1.00 71.24  ? 24  ASP A CB  1 
ATOM   187  C CG  . ASP A 1 24  ? -6.513  -13.874 3.547   1.00 79.02  ? 24  ASP A CG  1 
ATOM   188  O OD1 . ASP A 1 24  ? -6.035  -12.844 4.070   1.00 99.45  ? 24  ASP A OD1 1 
ATOM   189  O OD2 . ASP A 1 24  ? -5.852  -14.928 3.416   1.00 90.23  ? 24  ASP A OD2 1 
ATOM   190  N N   . LYS A 1 25  ? -9.653  -13.165 0.084   1.00 73.96  ? 25  LYS A N   1 
ATOM   191  C CA  . LYS A 1 25  ? -10.081 -13.544 -1.248  1.00 76.47  ? 25  LYS A CA  1 
ATOM   192  C C   . LYS A 1 25  ? -9.616  -12.501 -2.269  1.00 72.55  ? 25  LYS A C   1 
ATOM   193  O O   . LYS A 1 25  ? -8.629  -12.724 -2.971  1.00 92.26  ? 25  LYS A O   1 
ATOM   194  C CB  . LYS A 1 25  ? -11.600 -13.708 -1.323  1.00 83.92  ? 25  LYS A CB  1 
ATOM   195  C CG  . LYS A 1 25  ? -12.164 -13.713 -2.735  1.00 87.69  ? 25  LYS A CG  1 
ATOM   196  C CD  . LYS A 1 25  ? -13.515 -13.017 -2.810  1.00 90.41  ? 25  LYS A CD  1 
ATOM   197  C CE  . LYS A 1 25  ? -14.159 -13.164 -4.178  1.00 86.92  ? 25  LYS A CE  1 
ATOM   198  N NZ  . LYS A 1 25  ? -14.713 -11.871 -4.674  1.00 76.95  ? 25  LYS A NZ  1 
ATOM   199  N N   . THR A 1 26  ? -10.321 -11.380 -2.347  1.00 58.40  ? 26  THR A N   1 
ATOM   200  C CA  . THR A 1 26  ? -10.058 -10.314 -3.297  1.00 44.41  ? 26  THR A CA  1 
ATOM   201  C C   . THR A 1 26  ? -8.657  -9.735  -3.129  1.00 39.91  ? 26  THR A C   1 
ATOM   202  O O   . THR A 1 26  ? -8.098  -9.196  -4.083  1.00 61.24  ? 26  THR A O   1 
ATOM   203  C CB  . THR A 1 26  ? -11.045 -9.131  -3.149  1.00 43.18  ? 26  THR A CB  1 
ATOM   204  O OG1 . THR A 1 26  ? -11.075 -8.745  -1.768  1.00 43.45  ? 26  THR A OG1 1 
ATOM   205  C CG2 . THR A 1 26  ? -12.454 -9.530  -3.548  1.00 59.91  ? 26  THR A CG2 1 
ATOM   206  N N   . LEU A 1 27  ? -8.144  -9.850  -1.913  1.00 39.81  ? 27  LEU A N   1 
ATOM   207  C CA  . LEU A 1 27  ? -6.864  -9.299  -1.519  1.00 35.55  ? 27  LEU A CA  1 
ATOM   208  C C   . LEU A 1 27  ? -7.025  -7.795  -1.256  1.00 38.63  ? 27  LEU A C   1 
ATOM   209  O O   . LEU A 1 27  ? -5.995  -7.114  -1.154  1.00 34.03  ? 27  LEU A O   1 
ATOM   210  C CB  . LEU A 1 27  ? -5.774  -9.522  -2.564  1.00 47.16  ? 27  LEU A CB  1 
ATOM   211  C CG  . LEU A 1 27  ? -5.339  -10.966 -2.836  1.00 53.83  ? 27  LEU A CG  1 
ATOM   212  C CD1 . LEU A 1 27  ? -4.315  -11.019 -3.968  1.00 45.53  ? 27  LEU A CD1 1 
ATOM   213  C CD2 . LEU A 1 27  ? -4.770  -11.612 -1.584  1.00 56.37  ? 27  LEU A CD2 1 
ATOM   214  N N   . ASP A 1 28  ? -8.275  -7.353  -1.179  1.00 43.43  ? 28  ASP A N   1 
ATOM   215  C CA  . ASP A 1 28  ? -8.606  -5.961  -0.857  1.00 38.24  ? 28  ASP A CA  1 
ATOM   216  C C   . ASP A 1 28  ? -8.293  -5.657  0.604   1.00 41.94  ? 28  ASP A C   1 
ATOM   217  O O   . ASP A 1 28  ? -8.451  -6.594  1.392   1.00 42.44  ? 28  ASP A O   1 
ATOM   218  C CB  . ASP A 1 28  ? -10.078 -5.629  -1.100  1.00 29.49  ? 28  ASP A CB  1 
ATOM   219  C CG  . ASP A 1 28  ? -10.373 -5.552  -2.581  1.00 43.22  ? 28  ASP A CG  1 
ATOM   220  O OD1 . ASP A 1 28  ? -9.502  -4.992  -3.276  1.00 46.18  ? 28  ASP A OD1 1 
ATOM   221  O OD2 . ASP A 1 28  ? -11.432 -6.034  -3.022  1.00 55.19  ? 28  ASP A OD2 1 
ATOM   222  N N   . ARG A 1 29  ? -7.883  -4.427  0.881   1.00 34.80  ? 29  ARG A N   1 
ATOM   223  C CA  . ARG A 1 29  ? -7.623  -3.901  2.213   1.00 26.95  ? 29  ARG A CA  1 
ATOM   224  C C   . ARG A 1 29  ? -8.559  -2.699  2.427   1.00 35.63  ? 29  ARG A C   1 
ATOM   225  O O   . ARG A 1 29  ? -8.690  -1.867  1.517   1.00 31.65  ? 29  ARG A O   1 
ATOM   226  C CB  . ARG A 1 29  ? -6.177  -3.483  2.448   1.00 33.82  ? 29  ARG A CB  1 
ATOM   227  C CG  . ARG A 1 29  ? -5.187  -4.618  2.189   1.00 26.21  ? 29  ARG A CG  1 
ATOM   228  C CD  . ARG A 1 29  ? -3.858  -4.344  2.876   1.00 31.93  ? 29  ARG A CD  1 
ATOM   229  N NE  . ARG A 1 29  ? -2.813  -5.238  2.377   1.00 34.39  ? 29  ARG A NE  1 
ATOM   230  C CZ  . ARG A 1 29  ? -2.249  -6.226  3.053   1.00 41.59  ? 29  ARG A CZ  1 
ATOM   231  N NH1 . ARG A 1 29  ? -2.622  -6.471  4.297   1.00 28.44  ? 29  ARG A NH1 1 
ATOM   232  N NH2 . ARG A 1 29  ? -1.306  -6.979  2.490   1.00 31.00  ? 29  ARG A NH2 1 
ATOM   233  N N   . TYR A 1 30  ? -9.191  -2.658  3.589   1.00 35.55  ? 30  TYR A N   1 
ATOM   234  C CA  . TYR A 1 30  ? -10.235 -1.682  3.881   1.00 40.63  ? 30  TYR A CA  1 
ATOM   235  C C   . TYR A 1 30  ? -10.071 -0.962  5.212   1.00 42.85  ? 30  TYR A C   1 
ATOM   236  O O   . TYR A 1 30  ? -9.388  -1.369  6.157   1.00 41.21  ? 30  TYR A O   1 
ATOM   237  C CB  . TYR A 1 30  ? -11.601 -2.371  3.912   1.00 39.90  ? 30  TYR A CB  1 
ATOM   238  C CG  . TYR A 1 30  ? -12.040 -3.051  2.650   1.00 35.48  ? 30  TYR A CG  1 
ATOM   239  C CD1 . TYR A 1 30  ? -12.464 -2.361  1.522   1.00 33.85  ? 30  TYR A CD1 1 
ATOM   240  C CD2 . TYR A 1 30  ? -12.028 -4.446  2.603   1.00 49.10  ? 30  TYR A CD2 1 
ATOM   241  C CE1 . TYR A 1 30  ? -12.861 -3.033  0.377   1.00 40.73  ? 30  TYR A CE1 1 
ATOM   242  C CE2 . TYR A 1 30  ? -12.427 -5.124  1.468   1.00 45.41  ? 30  TYR A CE2 1 
ATOM   243  C CZ  . TYR A 1 30  ? -12.844 -4.417  0.358   1.00 50.51  ? 30  TYR A CZ  1 
ATOM   244  O OH  . TYR A 1 30  ? -13.233 -5.126  -0.760  1.00 43.88  ? 30  TYR A OH  1 
ATOM   245  N N   . ALA A 1 31  ? -10.761 0.186   5.267   1.00 37.88  ? 31  ALA A N   1 
ATOM   246  C CA  . ALA A 1 31  ? -10.776 0.922   6.529   1.00 35.54  ? 31  ALA A CA  1 
ATOM   247  C C   . ALA A 1 31  ? -12.015 1.830   6.536   1.00 40.23  ? 31  ALA A C   1 
ATOM   248  O O   . ALA A 1 31  ? -12.467 2.211   5.464   1.00 41.96  ? 31  ALA A O   1 
ATOM   249  C CB  . ALA A 1 31  ? -9.525  1.727   6.759   1.00 32.45  ? 31  ALA A CB  1 
ATOM   250  N N   . ASN A 1 32  ? -12.498 2.095   7.728   1.00 52.69  ? 32  ASN A N   1 
ATOM   251  C CA  . ASN A 1 32  ? -13.577 2.985   8.107   1.00 37.32  ? 32  ASN A CA  1 
ATOM   252  C C   . ASN A 1 32  ? -12.956 4.296   8.588   1.00 30.11  ? 32  ASN A C   1 
ATOM   253  O O   . ASN A 1 32  ? -12.060 4.318   9.453   1.00 32.37  ? 32  ASN A O   1 
ATOM   254  C CB  . ASN A 1 32  ? -14.413 2.369   9.226   1.00 36.10  ? 32  ASN A CB  1 
ATOM   255  C CG  . ASN A 1 32  ? -15.352 1.247   8.863   1.00 37.72  ? 32  ASN A CG  1 
ATOM   256  O OD1 . ASN A 1 32  ? -15.991 1.173   7.816   1.00 48.31  ? 32  ASN A OD1 1 
ATOM   257  N ND2 . ASN A 1 32  ? -15.495 0.296   9.786   1.00 57.31  ? 32  ASN A ND2 1 
ATOM   258  N N   . TYR A 1 33  ? -13.399 5.421   8.051   1.00 35.24  ? 33  TYR A N   1 
ATOM   259  C CA  . TYR A 1 33  ? -12.870 6.709   8.498   1.00 39.62  ? 33  TYR A CA  1 
ATOM   260  C C   . TYR A 1 33  ? -13.975 7.741   8.287   1.00 39.96  ? 33  TYR A C   1 
ATOM   261  O O   . TYR A 1 33  ? -14.503 7.808   7.173   1.00 43.28  ? 33  TYR A O   1 
ATOM   262  C CB  . TYR A 1 33  ? -11.593 7.092   7.758   1.00 39.51  ? 33  TYR A CB  1 
ATOM   263  C CG  . TYR A 1 33  ? -10.952 8.380   8.228   1.00 48.25  ? 33  TYR A CG  1 
ATOM   264  C CD1 . TYR A 1 33  ? -10.439 8.513   9.515   1.00 46.57  ? 33  TYR A CD1 1 
ATOM   265  C CD2 . TYR A 1 33  ? -10.860 9.480   7.389   1.00 49.89  ? 33  TYR A CD2 1 
ATOM   266  C CE1 . TYR A 1 33  ? -9.854  9.691   9.945   1.00 43.60  ? 33  TYR A CE1 1 
ATOM   267  C CE2 . TYR A 1 33  ? -10.278 10.661  7.805   1.00 45.16  ? 33  TYR A CE2 1 
ATOM   268  C CZ  . TYR A 1 33  ? -9.777  10.765  9.086   1.00 50.35  ? 33  TYR A CZ  1 
ATOM   269  O OH  . TYR A 1 33  ? -9.196  11.949  9.499   1.00 48.57  ? 33  TYR A OH  1 
ATOM   270  N N   . GLU A 1 34  ? -14.317 8.492   9.326   1.00 42.51  ? 34  GLU A N   1 
ATOM   271  C CA  . GLU A 1 34  ? -15.318 9.551   9.225   1.00 36.56  ? 34  GLU A CA  1 
ATOM   272  C C   . GLU A 1 34  ? -16.582 9.098   8.514   1.00 39.10  ? 34  GLU A C   1 
ATOM   273  O O   . GLU A 1 34  ? -17.080 9.801   7.626   1.00 36.77  ? 34  GLU A O   1 
ATOM   274  C CB  . GLU A 1 34  ? -14.742 10.769  8.488   1.00 39.46  ? 34  GLU A CB  1 
ATOM   275  C CG  . GLU A 1 34  ? -13.501 11.363  9.123   1.00 47.89  ? 34  GLU A CG  1 
ATOM   276  C CD  . GLU A 1 34  ? -13.087 12.692  8.520   1.00 48.72  ? 34  GLU A CD  1 
ATOM   277  O OE1 . GLU A 1 34  ? -13.565 13.057  7.429   1.00 75.05  ? 34  GLU A OE1 1 
ATOM   278  O OE2 . GLU A 1 34  ? -12.265 13.401  9.137   1.00 53.61  ? 34  GLU A OE2 1 
ATOM   279  N N   . GLY A 1 35  ? -17.089 7.915   8.874   1.00 32.59  ? 35  GLY A N   1 
ATOM   280  C CA  . GLY A 1 35  ? -18.378 7.488   8.380   1.00 33.24  ? 35  GLY A CA  1 
ATOM   281  C C   . GLY A 1 35  ? -18.406 6.964   6.965   1.00 43.26  ? 35  GLY A C   1 
ATOM   282  O O   . GLY A 1 35  ? -19.486 6.691   6.422   1.00 29.17  ? 35  GLY A O   1 
ATOM   283  N N   . CYS A 1 36  ? -17.237 6.818   6.343   1.00 36.91  ? 36  CYS A N   1 
ATOM   284  C CA  . CYS A 1 36  ? -17.191 6.193   5.023   1.00 38.43  ? 36  CYS A CA  1 
ATOM   285  C C   . CYS A 1 36  ? -16.255 4.973   5.064   1.00 41.00  ? 36  CYS A C   1 
ATOM   286  O O   . CYS A 1 36  ? -15.424 4.816   5.960   1.00 34.06  ? 36  CYS A O   1 
ATOM   287  C CB  . CYS A 1 36  ? -16.768 7.180   3.936   1.00 41.47  ? 36  CYS A CB  1 
ATOM   288  S SG  . CYS A 1 36  ? -17.842 8.638   3.724   1.00 42.72  ? 36  CYS A SG  1 
ATOM   289  N N   . LEU A 1 37  ? -16.403 4.110   4.063   1.00 41.61  ? 37  LEU A N   1 
ATOM   290  C CA  . LEU A 1 37  ? -15.590 2.923   3.871   1.00 37.77  ? 37  LEU A CA  1 
ATOM   291  C C   . LEU A 1 37  ? -14.571 3.181   2.749   1.00 31.68  ? 37  LEU A C   1 
ATOM   292  O O   . LEU A 1 37  ? -15.042 3.594   1.688   1.00 33.67  ? 37  LEU A O   1 
ATOM   293  C CB  . LEU A 1 37  ? -16.470 1.729   3.525   1.00 30.60  ? 37  LEU A CB  1 
ATOM   294  C CG  . LEU A 1 37  ? -15.739 0.403   3.293   1.00 38.37  ? 37  LEU A CG  1 
ATOM   295  C CD1 . LEU A 1 37  ? -14.975 0.010   4.549   1.00 30.32  ? 37  LEU A CD1 1 
ATOM   296  C CD2 . LEU A 1 37  ? -16.727 -0.667  2.853   1.00 39.23  ? 37  LEU A CD2 1 
ATOM   297  N N   . TRP A 1 38  ? -13.296 2.958   3.049   1.00 36.46  ? 38  TRP A N   1 
ATOM   298  C CA  . TRP A 1 38  ? -12.205 3.260   2.117   1.00 35.69  ? 38  TRP A CA  1 
ATOM   299  C C   . TRP A 1 38  ? -11.471 1.991   1.676   1.00 39.31  ? 38  TRP A C   1 
ATOM   300  O O   . TRP A 1 38  ? -11.320 1.076   2.486   1.00 33.92  ? 38  TRP A O   1 
ATOM   301  C CB  . TRP A 1 38  ? -11.197 4.249   2.723   1.00 31.51  ? 38  TRP A CB  1 
ATOM   302  C CG  . TRP A 1 38  ? -11.796 5.568   3.116   1.00 30.70  ? 38  TRP A CG  1 
ATOM   303  C CD1 . TRP A 1 38  ? -12.479 5.793   4.282   1.00 39.12  ? 38  TRP A CD1 1 
ATOM   304  C CD2 . TRP A 1 38  ? -11.797 6.816   2.424   1.00 30.38  ? 38  TRP A CD2 1 
ATOM   305  N NE1 . TRP A 1 38  ? -12.907 7.103   4.362   1.00 29.69  ? 38  TRP A NE1 1 
ATOM   306  C CE2 . TRP A 1 38  ? -12.501 7.748   3.231   1.00 34.56  ? 38  TRP A CE2 1 
ATOM   307  C CE3 . TRP A 1 38  ? -11.278 7.250   1.199   1.00 35.94  ? 38  TRP A CE3 1 
ATOM   308  C CZ2 . TRP A 1 38  ? -12.695 9.074   2.857   1.00 29.89  ? 38  TRP A CZ2 1 
ATOM   309  C CZ3 . TRP A 1 38  ? -11.468 8.564   0.819   1.00 33.97  ? 38  TRP A CZ3 1 
ATOM   310  C CH2 . TRP A 1 38  ? -12.169 9.454   1.649   1.00 34.81  ? 38  TRP A CH2 1 
ATOM   311  N N   . ASN A 1 39  ? -11.001 1.966   0.427   1.00 26.06  ? 39  ASN A N   1 
ATOM   312  C CA  . ASN A 1 39  ? -10.232 0.787   -0.073  1.00 28.61  ? 39  ASN A CA  1 
ATOM   313  C C   . ASN A 1 39  ? -8.842  1.228   -0.491  1.00 26.61  ? 39  ASN A C   1 
ATOM   314  O O   . ASN A 1 39  ? -8.724  2.292   -1.103  1.00 25.37  ? 39  ASN A O   1 
ATOM   315  C CB  . ASN A 1 39  ? -11.027 0.164   -1.195  1.00 33.83  ? 39  ASN A CB  1 
ATOM   316  C CG  . ASN A 1 39  ? -10.405 -0.963  -2.005  1.00 34.10  ? 39  ASN A CG  1 
ATOM   317  O OD1 . ASN A 1 39  ? -10.545 -0.959  -3.230  1.00 32.77  ? 39  ASN A OD1 1 
ATOM   318  N ND2 . ASN A 1 39  ? -9.762  -1.894  -1.324  1.00 27.71  ? 39  ASN A ND2 1 
ATOM   319  N N   . ALA A 1 40  ? -7.766  0.515   -0.170  1.00 26.06  ? 40  ALA A N   1 
ATOM   320  C CA  . ALA A 1 40  ? -6.419  1.029   -0.489  1.00 36.20  ? 40  ALA A CA  1 
ATOM   321  C C   . ALA A 1 40  ? -6.024  0.684   -1.919  1.00 39.35  ? 40  ALA A C   1 
ATOM   322  O O   . ALA A 1 40  ? -6.143  -0.490  -2.297  1.00 26.77  ? 40  ALA A O   1 
ATOM   323  C CB  . ALA A 1 40  ? -5.416  0.475   0.511   1.00 27.24  ? 40  ALA A CB  1 
ATOM   324  N N   . THR A 1 41  ? -5.579  1.662   -2.706  1.00 31.04  ? 41  THR A N   1 
ATOM   325  C CA  . THR A 1 41  ? -5.241  1.414   -4.104  1.00 26.05  ? 41  THR A CA  1 
ATOM   326  C C   . THR A 1 41  ? -3.869  1.930   -4.498  1.00 17.55  ? 41  THR A C   1 
ATOM   327  O O   . THR A 1 41  ? -3.148  2.587   -3.735  1.00 22.30  ? 41  THR A O   1 
ATOM   328  C CB  . THR A 1 41  ? -6.245  2.048   -5.092  1.00 29.63  ? 41  THR A CB  1 
ATOM   329  O OG1 . THR A 1 41  ? -6.112  3.486   -5.085  1.00 31.96  ? 41  THR A OG1 1 
ATOM   330  C CG2 . THR A 1 41  ? -7.671  1.701   -4.696  1.00 28.93  ? 41  THR A CG2 1 
ATOM   331  N N   . GLY A 1 42  ? -3.473  1.653   -5.745  1.00 20.50  ? 42  GLY A N   1 
ATOM   332  C CA  . GLY A 1 42  ? -2.122  1.992   -6.189  1.00 21.13  ? 42  GLY A CA  1 
ATOM   333  C C   . GLY A 1 42  ? -1.090  1.079   -5.568  1.00 26.40  ? 42  GLY A C   1 
ATOM   334  O O   . GLY A 1 42  ? -1.297  -0.134  -5.487  1.00 38.90  ? 42  GLY A O   1 
ATOM   335  N N   . VAL A 1 43  ? 0.021   1.617   -5.077  1.00 22.46  ? 43  VAL A N   1 
ATOM   336  C CA  . VAL A 1 43  ? 0.970   0.843   -4.287  1.00 20.71  ? 43  VAL A CA  1 
ATOM   337  C C   . VAL A 1 43  ? 0.655   1.056   -2.803  1.00 29.84  ? 43  VAL A C   1 
ATOM   338  O O   . VAL A 1 43  ? 0.464   2.199   -2.378  1.00 23.50  ? 43  VAL A O   1 
ATOM   339  C CB  . VAL A 1 43  ? 2.420   1.228   -4.576  1.00 23.24  ? 43  VAL A CB  1 
ATOM   340  C CG1 . VAL A 1 43  ? 3.343   0.623   -3.539  1.00 24.98  ? 43  VAL A CG1 1 
ATOM   341  C CG2 . VAL A 1 43  ? 2.799   0.781   -5.990  1.00 24.93  ? 43  VAL A CG2 1 
ATOM   342  N N   . VAL A 1 44  ? 0.576   -0.038  -2.063  1.00 24.83  ? 44  VAL A N   1 
ATOM   343  C CA  . VAL A 1 44  ? 0.161   -0.026  -0.651  1.00 24.66  ? 44  VAL A CA  1 
ATOM   344  C C   . VAL A 1 44  ? 1.271   -0.614  0.204   1.00 30.63  ? 44  VAL A C   1 
ATOM   345  O O   . VAL A 1 44  ? 1.693   -1.737  -0.107  1.00 22.46  ? 44  VAL A O   1 
ATOM   346  C CB  . VAL A 1 44  ? -1.122  -0.838  -0.415  1.00 25.18  ? 44  VAL A CB  1 
ATOM   347  C CG1 . VAL A 1 44  ? -1.571  -0.737  1.043   1.00 29.80  ? 44  VAL A CG1 1 
ATOM   348  C CG2 . VAL A 1 44  ? -2.247  -0.371  -1.327  1.00 23.08  ? 44  VAL A CG2 1 
ATOM   349  N N   . VAL A 1 45  ? 1.716   0.110   1.224   1.00 23.85  ? 45  VAL A N   1 
ATOM   350  C CA  . VAL A 1 45  ? 2.805   -0.315  2.092   1.00 24.12  ? 45  VAL A CA  1 
ATOM   351  C C   . VAL A 1 45  ? 2.329   -0.463  3.543   1.00 31.22  ? 45  VAL A C   1 
ATOM   352  O O   . VAL A 1 45  ? 1.868   0.515   4.142   1.00 26.76  ? 45  VAL A O   1 
ATOM   353  C CB  . VAL A 1 45  ? 3.982   0.676   2.093   1.00 25.67  ? 45  VAL A CB  1 
ATOM   354  C CG1 . VAL A 1 45  ? 5.098   0.215   3.025   1.00 22.10  ? 45  VAL A CG1 1 
ATOM   355  C CG2 . VAL A 1 45  ? 4.463   0.845   0.658   1.00 36.25  ? 45  VAL A CG2 1 
ATOM   356  N N   . CYS A 1 46  ? 2.459   -1.674  4.073   1.00 26.70  ? 46  CYS A N   1 
ATOM   357  C CA  . CYS A 1 46  ? 1.917   -1.961  5.414   1.00 30.51  ? 46  CYS A CA  1 
ATOM   358  C C   . CYS A 1 46  ? 3.052   -2.244  6.378   1.00 36.96  ? 46  CYS A C   1 
ATOM   359  O O   . CYS A 1 46  ? 4.176   -2.548  5.968   1.00 35.24  ? 46  CYS A O   1 
ATOM   360  C CB  . CYS A 1 46  ? 0.911   -3.107  5.332   1.00 29.56  ? 46  CYS A CB  1 
ATOM   361  S SG  . CYS A 1 46  ? -0.547  -2.890  4.296   1.00 34.69  ? 46  CYS A SG  1 
ATOM   362  N N   . THR A 1 47  ? 2.785   -2.114  7.674   1.00 42.31  ? 47  THR A N   1 
ATOM   363  C CA  . THR A 1 47  ? 3.725   -2.530  8.707   1.00 37.70  ? 47  THR A CA  1 
ATOM   364  C C   . THR A 1 47  ? 3.758   -4.058  8.709   1.00 43.76  ? 47  THR A C   1 
ATOM   365  O O   . THR A 1 47  ? 2.780   -4.668  8.259   1.00 41.55  ? 47  THR A O   1 
ATOM   366  C CB  . THR A 1 47  ? 3.317   -2.068  10.118  1.00 38.28  ? 47  THR A CB  1 
ATOM   367  O OG1 . THR A 1 47  ? 1.933   -2.396  10.344  1.00 38.54  ? 47  THR A OG1 1 
ATOM   368  C CG2 . THR A 1 47  ? 3.437   -0.562  10.271  1.00 36.01  ? 47  THR A CG2 1 
ATOM   369  N N   . GLY A 1 48  ? 4.822   -4.670  9.209   1.00 56.30  ? 48  GLY A N   1 
ATOM   370  C CA  . GLY A 1 48  ? 4.902   -6.115  9.321   1.00 51.92  ? 48  GLY A CA  1 
ATOM   371  C C   . GLY A 1 48  ? 3.659   -6.790  9.851   1.00 56.78  ? 48  GLY A C   1 
ATOM   372  O O   . GLY A 1 48  ? 3.409   -7.950  9.491   1.00 45.92  ? 48  GLY A O   1 
ATOM   373  N N   . ASP A 1 49  ? 2.857   -6.123  10.685  1.00 62.68  ? 49  ASP A N   1 
ATOM   374  C CA  . ASP A 1 49  ? 1.677   -6.736  11.297  1.00 61.41  ? 49  ASP A CA  1 
ATOM   375  C C   . ASP A 1 49  ? 0.386   -6.438  10.549  1.00 59.07  ? 49  ASP A C   1 
ATOM   376  O O   . ASP A 1 49  ? -0.688  -6.962  10.859  1.00 54.87  ? 49  ASP A O   1 
ATOM   377  C CB  . ASP A 1 49  ? 1.536   -6.280  12.754  1.00 74.36  ? 49  ASP A CB  1 
ATOM   378  C CG  . ASP A 1 49  ? 2.606   -5.265  13.111  1.00 76.57  ? 49  ASP A CG  1 
ATOM   379  O OD1 . ASP A 1 49  ? 3.792   -5.651  13.175  1.00 101.01 ? 49  ASP A OD1 1 
ATOM   380  O OD2 . ASP A 1 49  ? 2.249   -4.091  13.321  1.00 79.40  ? 49  ASP A OD2 1 
ATOM   381  N N   . GLU A 1 50  ? 0.497   -5.600  9.525   1.00 52.55  ? 50  GLU A N   1 
ATOM   382  C CA  . GLU A 1 50  ? -0.560  -5.397  8.545   1.00 44.49  ? 50  GLU A CA  1 
ATOM   383  C C   . GLU A 1 50  ? -1.793  -4.698  9.097   1.00 47.13  ? 50  GLU A C   1 
ATOM   384  O O   . GLU A 1 50  ? -2.866  -4.785  8.493   1.00 49.22  ? 50  GLU A O   1 
ATOM   385  C CB  . GLU A 1 50  ? -0.924  -6.766  7.924   1.00 39.40  ? 50  GLU A CB  1 
ATOM   386  C CG  . GLU A 1 50  ? 0.341   -7.454  7.415   1.00 36.49  ? 50  GLU A CG  1 
ATOM   387  C CD  . GLU A 1 50  ? 0.094   -8.639  6.512   1.00 40.57  ? 50  GLU A CD  1 
ATOM   388  O OE1 . GLU A 1 50  ? -1.001  -8.725  5.918   1.00 42.84  ? 50  GLU A OE1 1 
ATOM   389  O OE2 . GLU A 1 50  ? 1.013   -9.476  6.391   1.00 52.87  ? 50  GLU A OE2 1 
ATOM   390  N N   . THR A 1 51  ? -1.606  -4.017  10.221  1.00 49.63  ? 51  THR A N   1 
ATOM   391  C CA  . THR A 1 51  ? -2.645  -3.246  10.882  1.00 52.27  ? 51  THR A CA  1 
ATOM   392  C C   . THR A 1 51  ? -2.665  -1.811  10.372  1.00 40.91  ? 51  THR A C   1 
ATOM   393  O O   . THR A 1 51  ? -3.718  -1.180  10.269  1.00 57.39  ? 51  THR A O   1 
ATOM   394  C CB  . THR A 1 51  ? -2.441  -3.216  12.412  1.00 59.25  ? 51  THR A CB  1 
ATOM   395  O OG1 . THR A 1 51  ? -1.242  -2.492  12.727  1.00 51.65  ? 51  THR A OG1 1 
ATOM   396  C CG2 . THR A 1 51  ? -2.253  -4.623  12.949  1.00 59.98  ? 51  THR A CG2 1 
ATOM   397  N N   . GLN A 1 52  ? -1.466  -1.310  10.063  1.00 38.30  ? 52  GLN A N   1 
ATOM   398  C CA  . GLN A 1 52  ? -1.367  0.064   9.570   1.00 32.40  ? 52  GLN A CA  1 
ATOM   399  C C   . GLN A 1 52  ? -0.877  0.030   8.123   1.00 38.59  ? 52  GLN A C   1 
ATOM   400  O O   . GLN A 1 52  ? 0.212   -0.503  7.864   1.00 34.01  ? 52  GLN A O   1 
ATOM   401  C CB  . GLN A 1 52  ? -0.440  0.856   10.489  1.00 38.27  ? 52  GLN A CB  1 
ATOM   402  C CG  . GLN A 1 52  ? -0.284  2.321   10.115  1.00 44.73  ? 52  GLN A CG  1 
ATOM   403  C CD  . GLN A 1 52  ? 0.499   3.134   11.128  1.00 50.71  ? 52  GLN A CD  1 
ATOM   404  O OE1 . GLN A 1 52  ? 0.794   4.309   10.908  1.00 66.80  ? 52  GLN A OE1 1 
ATOM   405  N NE2 . GLN A 1 52  ? 0.869   2.542   12.257  1.00 59.19  ? 52  GLN A NE2 1 
ATOM   406  N N   . CYS A 1 53  ? -1.661  0.577   7.202   1.00 30.04  ? 53  CYS A N   1 
ATOM   407  C CA  . CYS A 1 53  ? -1.241  0.592   5.793   1.00 35.98  ? 53  CYS A CA  1 
ATOM   408  C C   . CYS A 1 53  ? -1.263  1.985   5.170   1.00 34.94  ? 53  CYS A C   1 
ATOM   409  O O   . CYS A 1 53  ? -2.195  2.754   5.457   1.00 31.23  ? 53  CYS A O   1 
ATOM   410  C CB  . CYS A 1 53  ? -2.141  -0.365  5.002   1.00 34.89  ? 53  CYS A CB  1 
ATOM   411  S SG  . CYS A 1 53  ? -2.033  -2.108  5.490   1.00 36.19  ? 53  CYS A SG  1 
ATOM   412  N N   . TYR A 1 54  ? -0.282  2.313   4.327   1.00 30.27  ? 54  TYR A N   1 
ATOM   413  C CA  . TYR A 1 54  ? -0.193  3.579   3.585   1.00 28.39  ? 54  TYR A CA  1 
ATOM   414  C C   . TYR A 1 54  ? -0.521  3.279   2.122   1.00 30.55  ? 54  TYR A C   1 
ATOM   415  O O   . TYR A 1 54  ? 0.193   2.475   1.510   1.00 27.29  ? 54  TYR A O   1 
ATOM   416  C CB  . TYR A 1 54  ? 1.190   4.230   3.688   1.00 30.18  ? 54  TYR A CB  1 
ATOM   417  C CG  . TYR A 1 54  ? 1.283   5.692   3.317   1.00 29.97  ? 54  TYR A CG  1 
ATOM   418  C CD1 . TYR A 1 54  ? 1.102   6.136   2.017   1.00 27.67  ? 54  TYR A CD1 1 
ATOM   419  C CD2 . TYR A 1 54  ? 1.564   6.692   4.260   1.00 30.69  ? 54  TYR A CD2 1 
ATOM   420  C CE1 . TYR A 1 54  ? 1.177   7.450   1.619   1.00 28.90  ? 54  TYR A CE1 1 
ATOM   421  C CE2 . TYR A 1 54  ? 1.639   8.027   3.865   1.00 36.03  ? 54  TYR A CE2 1 
ATOM   422  C CZ  . TYR A 1 54  ? 1.450   8.420   2.564   1.00 34.76  ? 54  TYR A CZ  1 
ATOM   423  O OH  . TYR A 1 54  ? 1.514   9.735   2.133   1.00 34.09  ? 54  TYR A OH  1 
ATOM   424  N N   . GLY A 1 55  ? -1.551  3.890   1.573   1.00 26.15  ? 55  GLY A N   1 
ATOM   425  C CA  . GLY A 1 55  ? -1.906  3.727   0.177   1.00 26.60  ? 55  GLY A CA  1 
ATOM   426  C C   . GLY A 1 55  ? -2.585  4.957   -0.405  1.00 29.98  ? 55  GLY A C   1 
ATOM   427  O O   . GLY A 1 55  ? -2.616  6.007   0.232   1.00 29.10  ? 55  GLY A O   1 
ATOM   428  N N   . THR A 1 56  ? -3.108  4.826   -1.608  1.00 25.39  ? 56  THR A N   1 
ATOM   429  C CA  . THR A 1 56  ? -4.013  5.767   -2.247  1.00 23.96  ? 56  THR A CA  1 
ATOM   430  C C   . THR A 1 56  ? -5.409  5.303   -1.880  1.00 28.20  ? 56  THR A C   1 
ATOM   431  O O   . THR A 1 56  ? -5.846  4.270   -2.402  1.00 26.36  ? 56  THR A O   1 
ATOM   432  C CB  . THR A 1 56  ? -3.818  5.835   -3.768  1.00 22.38  ? 56  THR A CB  1 
ATOM   433  O OG1 . THR A 1 56  ? -2.481  6.293   -4.003  1.00 23.51  ? 56  THR A OG1 1 
ATOM   434  C CG2 . THR A 1 56  ? -4.769  6.844   -4.404  1.00 26.31  ? 56  THR A CG2 1 
ATOM   435  N N   . TRP A 1 57  ? -6.034  6.045   -0.958  1.00 22.76  ? 57  TRP A N   1 
ATOM   436  C CA  . TRP A 1 57  ? -7.307  5.510   -0.434  1.00 32.18  ? 57  TRP A CA  1 
ATOM   437  C C   . TRP A 1 57  ? -8.500  6.112   -1.170  1.00 28.65  ? 57  TRP A C   1 
ATOM   438  O O   . TRP A 1 57  ? -8.596  7.324   -1.363  1.00 31.32  ? 57  TRP A O   1 
ATOM   439  C CB  . TRP A 1 57  ? -7.476  5.736   1.072   1.00 27.65  ? 57  TRP A CB  1 
ATOM   440  C CG  . TRP A 1 57  ? -6.539  4.978   1.957   1.00 26.91  ? 57  TRP A CG  1 
ATOM   441  C CD1 . TRP A 1 57  ? -5.304  5.349   2.377   1.00 28.23  ? 57  TRP A CD1 1 
ATOM   442  C CD2 . TRP A 1 57  ? -6.782  3.684   2.539   1.00 28.64  ? 57  TRP A CD2 1 
ATOM   443  N NE1 . TRP A 1 57  ? -4.752  4.373   3.187   1.00 29.77  ? 57  TRP A NE1 1 
ATOM   444  C CE2 . TRP A 1 57  ? -5.652  3.345   3.293   1.00 28.67  ? 57  TRP A CE2 1 
ATOM   445  C CE3 . TRP A 1 57  ? -7.871  2.805   2.471   1.00 29.13  ? 57  TRP A CE3 1 
ATOM   446  C CZ2 . TRP A 1 57  ? -5.542  2.142   4.000   1.00 25.12  ? 57  TRP A CZ2 1 
ATOM   447  C CZ3 . TRP A 1 57  ? -7.769  1.612   3.174   1.00 27.25  ? 57  TRP A CZ3 1 
ATOM   448  C CH2 . TRP A 1 57  ? -6.625  1.297   3.922   1.00 23.65  ? 57  TRP A CH2 1 
ATOM   449  N N   . VAL A 1 58  ? -9.423  5.241   -1.549  1.00 26.39  ? 58  VAL A N   1 
ATOM   450  C CA  . VAL A 1 58  ? -10.615 5.566   -2.323  1.00 29.39  ? 58  VAL A CA  1 
ATOM   451  C C   . VAL A 1 58  ? -11.868 5.193   -1.538  1.00 33.65  ? 58  VAL A C   1 
ATOM   452  O O   . VAL A 1 58  ? -11.917 4.137   -0.893  1.00 32.49  ? 58  VAL A O   1 
ATOM   453  C CB  . VAL A 1 58  ? -10.544 4.843   -3.677  1.00 34.10  ? 58  VAL A CB  1 
ATOM   454  C CG1 . VAL A 1 58  ? -11.802 5.072   -4.491  1.00 35.92  ? 58  VAL A CG1 1 
ATOM   455  C CG2 . VAL A 1 58  ? -9.294  5.319   -4.415  1.00 27.62  ? 58  VAL A CG2 1 
ATOM   456  N N   . PRO A 1 59  ? -12.888 6.043   -1.553  1.00 34.88  ? 59  PRO A N   1 
ATOM   457  C CA  . PRO A 1 59  ? -14.104 5.759   -0.784  1.00 33.65  ? 59  PRO A CA  1 
ATOM   458  C C   . PRO A 1 59  ? -15.050 4.853   -1.540  1.00 30.03  ? 59  PRO A C   1 
ATOM   459  O O   . PRO A 1 59  ? -15.314 5.064   -2.729  1.00 33.23  ? 59  PRO A O   1 
ATOM   460  C CB  . PRO A 1 59  ? -14.768 7.153   -0.677  1.00 34.98  ? 59  PRO A CB  1 
ATOM   461  C CG  . PRO A 1 59  ? -14.428 7.743   -2.017  1.00 43.99  ? 59  PRO A CG  1 
ATOM   462  C CD  . PRO A 1 59  ? -12.994 7.324   -2.278  1.00 44.91  ? 59  PRO A CD  1 
ATOM   463  N N   . ILE A 1 60  ? -15.597 3.825   -0.878  1.00 32.78  ? 60  ILE A N   1 
ATOM   464  C CA  . ILE A 1 60  ? -16.496 2.986   -1.685  1.00 38.72  ? 60  ILE A CA  1 
ATOM   465  C C   . ILE A 1 60  ? -17.899 2.857   -1.119  1.00 40.99  ? 60  ILE A C   1 
ATOM   466  O O   . ILE A 1 60  ? -18.622 1.979   -1.612  1.00 42.96  ? 60  ILE A O   1 
ATOM   467  C CB  . ILE A 1 60  ? -15.922 1.561   -1.832  1.00 43.69  ? 60  ILE A CB  1 
ATOM   468  C CG1 . ILE A 1 60  ? -15.772 0.836   -0.494  1.00 48.85  ? 60  ILE A CG1 1 
ATOM   469  C CG2 . ILE A 1 60  ? -14.602 1.565   -2.601  1.00 36.22  ? 60  ILE A CG2 1 
ATOM   470  C CD1 . ILE A 1 60  ? -15.327 -0.606  -0.634  1.00 56.38  ? 60  ILE A CD1 1 
ATOM   471  N N   . GLY A 1 61  ? -18.291 3.650   -0.143  1.00 38.22  ? 61  GLY A N   1 
ATOM   472  C CA  . GLY A 1 61  ? -19.666 3.679   0.370   1.00 38.48  ? 61  GLY A CA  1 
ATOM   473  C C   . GLY A 1 61  ? -19.684 4.022   1.849   1.00 45.37  ? 61  GLY A C   1 
ATOM   474  O O   . GLY A 1 61  ? -18.680 4.539   2.348   1.00 30.23  ? 61  GLY A O   1 
ATOM   475  N N   . LEU A 1 62  ? -20.773 3.741   2.571   1.00 42.02  ? 62  LEU A N   1 
ATOM   476  C CA  . LEU A 1 62  ? -20.810 4.044   3.998   1.00 37.08  ? 62  LEU A CA  1 
ATOM   477  C C   . LEU A 1 62  ? -20.004 3.053   4.829   1.00 40.41  ? 62  LEU A C   1 
ATOM   478  O O   . LEU A 1 62  ? -19.833 1.895   4.459   1.00 51.68  ? 62  LEU A O   1 
ATOM   479  C CB  . LEU A 1 62  ? -22.260 4.065   4.507   1.00 37.33  ? 62  LEU A CB  1 
ATOM   480  C CG  . LEU A 1 62  ? -23.100 5.262   4.056   1.00 46.17  ? 62  LEU A CG  1 
ATOM   481  C CD1 . LEU A 1 62  ? -24.564 4.859   3.926   1.00 56.36  ? 62  LEU A CD1 1 
ATOM   482  C CD2 . LEU A 1 62  ? -22.942 6.442   5.003   1.00 37.06  ? 62  LEU A CD2 1 
ATOM   483  N N   . ALA A 1 63  ? -19.500 3.513   5.973   1.00 40.19  ? 63  ALA A N   1 
ATOM   484  C CA  . ALA A 1 63  ? -18.692 2.654   6.828   1.00 49.72  ? 63  ALA A CA  1 
ATOM   485  C C   . ALA A 1 63  ? -19.528 1.434   7.241   1.00 61.96  ? 63  ALA A C   1 
ATOM   486  O O   . ALA A 1 63  ? -20.757 1.517   7.174   1.00 47.78  ? 63  ALA A O   1 
ATOM   487  C CB  . ALA A 1 63  ? -18.172 3.401   8.040   1.00 41.27  ? 63  ALA A CB  1 
ATOM   488  N N   . ILE A 1 64  ? -18.817 0.384   7.626   1.00 57.62  ? 64  ILE A N   1 
ATOM   489  C CA  . ILE A 1 64  ? -19.339 -0.913  8.009   1.00 49.67  ? 64  ILE A CA  1 
ATOM   490  C C   . ILE A 1 64  ? -19.275 -1.092  9.527   1.00 57.47  ? 64  ILE A C   1 
ATOM   491  O O   . ILE A 1 64  ? -18.186 -1.157  10.090  1.00 69.91  ? 64  ILE A O   1 
ATOM   492  C CB  . ILE A 1 64  ? -18.566 -2.082  7.372   1.00 53.94  ? 64  ILE A CB  1 
ATOM   493  C CG1 . ILE A 1 64  ? -19.036 -2.484  5.974   1.00 55.83  ? 64  ILE A CG1 1 
ATOM   494  C CG2 . ILE A 1 64  ? -18.573 -3.288  8.300   1.00 60.92  ? 64  ILE A CG2 1 
ATOM   495  C CD1 . ILE A 1 64  ? -20.294 -1.789  5.506   1.00 65.30  ? 64  ILE A CD1 1 
ATOM   496  N N   . PRO A 1 65  ? -20.458 -1.169  10.123  1.00 73.23  ? 65  PRO A N   1 
ATOM   497  C CA  . PRO A 1 65  ? -20.659 -1.254  11.572  1.00 76.20  ? 65  PRO A CA  1 
ATOM   498  C C   . PRO A 1 65  ? -19.637 -2.148  12.266  1.00 66.30  ? 65  PRO A C   1 
ATOM   499  O O   . PRO A 1 65  ? -19.204 -3.159  11.721  1.00 70.58  ? 65  PRO A O   1 
ATOM   500  C CB  . PRO A 1 65  ? -22.056 -1.875  11.705  1.00 87.41  ? 65  PRO A CB  1 
ATOM   501  C CG  . PRO A 1 65  ? -22.576 -2.086  10.314  1.00 92.81  ? 65  PRO A CG  1 
ATOM   502  C CD  . PRO A 1 65  ? -21.765 -1.180  9.418   1.00 84.01  ? 65  PRO A CD  1 
ATOM   503  N N   . SER A 1 125 ? 8.622   7.797   15.619  1.00 75.93  ? 125 SER A N   1 
ATOM   504  C CA  . SER A 1 125 ? 7.567   6.783   15.685  1.00 66.36  ? 125 SER A CA  1 
ATOM   505  C C   . SER A 1 125 ? 6.183   7.423   15.581  1.00 65.41  ? 125 SER A C   1 
ATOM   506  O O   . SER A 1 125 ? 6.015   8.613   15.850  1.00 70.54  ? 125 SER A O   1 
ATOM   507  C CB  . SER A 1 125 ? 7.693   5.966   16.965  1.00 54.91  ? 125 SER A CB  1 
ATOM   508  O OG  . SER A 1 125 ? 7.663   4.573   16.716  1.00 73.28  ? 125 SER A OG  1 
ATOM   509  N N   . GLY A 1 126 ? 5.205   6.629   15.173  1.00 56.35  ? 126 GLY A N   1 
ATOM   510  C CA  . GLY A 1 126 ? 3.863   7.120   14.876  1.00 47.72  ? 126 GLY A CA  1 
ATOM   511  C C   . GLY A 1 126 ? 3.870   7.905   13.575  1.00 49.65  ? 126 GLY A C   1 
ATOM   512  O O   . GLY A 1 126 ? 3.420   7.474   12.512  1.00 59.91  ? 126 GLY A O   1 
ATOM   513  N N   . ALA A 1 127 ? 4.433   9.104   13.655  1.00 55.31  ? 127 ALA A N   1 
ATOM   514  C CA  . ALA A 1 127 ? 4.562   9.952   12.480  1.00 62.28  ? 127 ALA A CA  1 
ATOM   515  C C   . ALA A 1 127 ? 5.764   9.567   11.629  1.00 53.70  ? 127 ALA A C   1 
ATOM   516  O O   . ALA A 1 127 ? 5.783   9.781   10.418  1.00 43.99  ? 127 ALA A O   1 
ATOM   517  C CB  . ALA A 1 127 ? 4.661   11.406  12.927  1.00 87.98  ? 127 ALA A CB  1 
ATOM   518  N N   . ASP A 1 128 ? 6.794   9.010   12.263  1.00 49.98  ? 128 ASP A N   1 
ATOM   519  C CA  . ASP A 1 128 ? 7.962   8.547   11.521  1.00 44.74  ? 128 ASP A CA  1 
ATOM   520  C C   . ASP A 1 128 ? 7.602   7.258   10.786  1.00 42.07  ? 128 ASP A C   1 
ATOM   521  O O   . ASP A 1 128 ? 8.082   7.029   9.683   1.00 35.96  ? 128 ASP A O   1 
ATOM   522  C CB  . ASP A 1 128 ? 9.161   8.314   12.425  1.00 58.05  ? 128 ASP A CB  1 
ATOM   523  C CG  . ASP A 1 128 ? 9.788   9.611   12.912  1.00 72.50  ? 128 ASP A CG  1 
ATOM   524  O OD1 . ASP A 1 128 ? 9.148   10.667  12.705  1.00 65.25  ? 128 ASP A OD1 1 
ATOM   525  O OD2 . ASP A 1 128 ? 10.900  9.545   13.482  1.00 67.04  ? 128 ASP A OD2 1 
ATOM   526  N N   . ILE A 1 129 ? 6.763   6.425   11.390  1.00 41.03  ? 129 ILE A N   1 
ATOM   527  C CA  . ILE A 1 129 ? 6.346   5.211   10.670  1.00 46.67  ? 129 ILE A CA  1 
ATOM   528  C C   . ILE A 1 129 ? 5.495   5.605   9.471   1.00 44.29  ? 129 ILE A C   1 
ATOM   529  O O   . ILE A 1 129 ? 5.758   5.190   8.338   1.00 37.90  ? 129 ILE A O   1 
ATOM   530  C CB  . ILE A 1 129 ? 5.614   4.243   11.611  1.00 50.06  ? 129 ILE A CB  1 
ATOM   531  C CG1 . ILE A 1 129 ? 6.562   3.492   12.559  1.00 51.27  ? 129 ILE A CG1 1 
ATOM   532  C CG2 . ILE A 1 129 ? 4.753   3.238   10.869  1.00 44.25  ? 129 ILE A CG2 1 
ATOM   533  C CD1 . ILE A 1 129 ? 5.911   3.092   13.865  1.00 49.36  ? 129 ILE A CD1 1 
ATOM   534  N N   . ASN A 1 130 ? 4.479   6.443   9.666   1.00 35.76  ? 130 ASN A N   1 
ATOM   535  C CA  . ASN A 1 130 ? 3.631   6.829   8.534   1.00 42.35  ? 130 ASN A CA  1 
ATOM   536  C C   . ASN A 1 130 ? 4.443   7.506   7.438   1.00 44.34  ? 130 ASN A C   1 
ATOM   537  O O   . ASN A 1 130 ? 4.236   7.286   6.236   1.00 32.49  ? 130 ASN A O   1 
ATOM   538  C CB  . ASN A 1 130 ? 2.513   7.734   9.041   1.00 46.17  ? 130 ASN A CB  1 
ATOM   539  C CG  . ASN A 1 130 ? 1.967   8.660   7.976   1.00 55.63  ? 130 ASN A CG  1 
ATOM   540  O OD1 . ASN A 1 130 ? 2.618   9.625   7.570   1.00 60.70  ? 130 ASN A OD1 1 
ATOM   541  N ND2 . ASN A 1 130 ? 0.754   8.368   7.522   1.00 52.11  ? 130 ASN A ND2 1 
ATOM   542  N N   . ASN A 1 131 ? 5.405   8.335   7.848   1.00 32.99  ? 131 ASN A N   1 
ATOM   543  C CA  . ASN A 1 131 ? 6.257   9.025   6.883   1.00 34.35  ? 131 ASN A CA  1 
ATOM   544  C C   . ASN A 1 131 ? 7.138   8.089   6.071   1.00 40.59  ? 131 ASN A C   1 
ATOM   545  O O   . ASN A 1 131 ? 7.193   8.217   4.845   1.00 31.86  ? 131 ASN A O   1 
ATOM   546  C CB  . ASN A 1 131 ? 7.135   10.054  7.604   1.00 37.94  ? 131 ASN A CB  1 
ATOM   547  C CG  . ASN A 1 131 ? 7.982   10.834  6.622   1.00 45.74  ? 131 ASN A CG  1 
ATOM   548  O OD1 . ASN A 1 131 ? 9.167   10.546  6.451   1.00 57.37  ? 131 ASN A OD1 1 
ATOM   549  N ND2 . ASN A 1 131 ? 7.365   11.819  5.981   1.00 58.50  ? 131 ASN A ND2 1 
ATOM   550  N N   . TYR A 1 132 ? 7.840   7.132   6.688   1.00 31.20  ? 132 TYR A N   1 
ATOM   551  C CA  . TYR A 1 132 ? 8.673   6.249   5.881   1.00 28.53  ? 132 TYR A CA  1 
ATOM   552  C C   . TYR A 1 132 ? 7.804   5.345   5.017   1.00 27.44  ? 132 TYR A C   1 
ATOM   553  O O   . TYR A 1 132 ? 8.215   5.037   3.899   1.00 33.00  ? 132 TYR A O   1 
ATOM   554  C CB  . TYR A 1 132 ? 9.576   5.375   6.741   1.00 28.77  ? 132 TYR A CB  1 
ATOM   555  C CG  . TYR A 1 132 ? 10.704  4.666   6.042   1.00 36.60  ? 132 TYR A CG  1 
ATOM   556  C CD1 . TYR A 1 132 ? 11.636  5.386   5.298   1.00 30.35  ? 132 TYR A CD1 1 
ATOM   557  C CD2 . TYR A 1 132 ? 10.845  3.283   6.127   1.00 31.00  ? 132 TYR A CD2 1 
ATOM   558  C CE1 . TYR A 1 132 ? 12.673  4.742   4.649   1.00 25.04  ? 132 TYR A CE1 1 
ATOM   559  C CE2 . TYR A 1 132 ? 11.888  2.637   5.486   1.00 28.34  ? 132 TYR A CE2 1 
ATOM   560  C CZ  . TYR A 1 132 ? 12.794  3.374   4.757   1.00 24.71  ? 132 TYR A CZ  1 
ATOM   561  O OH  . TYR A 1 132 ? 13.849  2.769   4.102   1.00 32.68  ? 132 TYR A OH  1 
ATOM   562  N N   . ALA A 1 133 ? 6.647   4.906   5.497   1.00 27.53  ? 133 ALA A N   1 
ATOM   563  C CA  . ALA A 1 133 ? 5.829   4.088   4.582   1.00 31.75  ? 133 ALA A CA  1 
ATOM   564  C C   . ALA A 1 133 ? 5.485   4.854   3.311   1.00 38.89  ? 133 ALA A C   1 
ATOM   565  O O   . ALA A 1 133 ? 5.539   4.300   2.206   1.00 25.32  ? 133 ALA A O   1 
ATOM   566  C CB  . ALA A 1 133 ? 4.580   3.613   5.294   1.00 32.79  ? 133 ALA A CB  1 
ATOM   567  N N   . GLY A 1 134 ? 5.131   6.124   3.463   1.00 26.71  ? 134 GLY A N   1 
ATOM   568  C CA  . GLY A 1 134 ? 4.911   7.020   2.325   1.00 27.31  ? 134 GLY A CA  1 
ATOM   569  C C   . GLY A 1 134 ? 6.125   7.129   1.439   1.00 23.89  ? 134 GLY A C   1 
ATOM   570  O O   . GLY A 1 134 ? 6.050   7.202   0.193   1.00 34.06  ? 134 GLY A O   1 
ATOM   571  N N   . GLN A 1 135 ? 7.328   7.173   2.006   1.00 23.57  ? 135 GLN A N   1 
ATOM   572  C CA  . GLN A 1 135 ? 8.508   7.298   1.153   1.00 20.14  ? 135 GLN A CA  1 
ATOM   573  C C   . GLN A 1 135 ? 8.736   6.018   0.363   1.00 28.33  ? 135 GLN A C   1 
ATOM   574  O O   . GLN A 1 135 ? 9.131   6.058   -0.800  1.00 22.93  ? 135 GLN A O   1 
ATOM   575  C CB  . GLN A 1 135 ? 9.743   7.629   2.012   1.00 26.78  ? 135 GLN A CB  1 
ATOM   576  C CG  . GLN A 1 135 ? 9.614   9.023   2.641   1.00 30.27  ? 135 GLN A CG  1 
ATOM   577  C CD  . GLN A 1 135 ? 10.752  9.362   3.579   1.00 44.65  ? 135 GLN A CD  1 
ATOM   578  O OE1 . GLN A 1 135 ? 11.618  8.552   3.914   1.00 37.68  ? 135 GLN A OE1 1 
ATOM   579  N NE2 . GLN A 1 135 ? 10.767  10.614  4.036   1.00 52.23  ? 135 GLN A NE2 1 
ATOM   580  N N   . ILE A 1 136 ? 8.535   4.846   0.956   1.00 29.33  ? 136 ILE A N   1 
ATOM   581  C CA  . ILE A 1 136 ? 8.678   3.576   0.213   1.00 21.20  ? 136 ILE A CA  1 
ATOM   582  C C   . ILE A 1 136 ? 7.650   3.535   -0.912  1.00 20.92  ? 136 ILE A C   1 
ATOM   583  O O   . ILE A 1 136 ? 7.975   3.146   -2.035  1.00 18.29  ? 136 ILE A O   1 
ATOM   584  C CB  . ILE A 1 136 ? 8.511   2.379   1.161   1.00 22.09  ? 136 ILE A CB  1 
ATOM   585  C CG1 . ILE A 1 136 ? 9.603   2.279   2.243   1.00 23.51  ? 136 ILE A CG1 1 
ATOM   586  C CG2 . ILE A 1 136 ? 8.395   1.059   0.391   1.00 24.76  ? 136 ILE A CG2 1 
ATOM   587  C CD1 . ILE A 1 136 ? 9.293   1.293   3.365   1.00 25.39  ? 136 ILE A CD1 1 
ATOM   588  N N   . LYS A 1 137 ? 6.416   3.922   -0.652  1.00 20.92  ? 137 LYS A N   1 
ATOM   589  C CA  . LYS A 1 137 ? 5.356   3.899   -1.672  1.00 26.77  ? 137 LYS A CA  1 
ATOM   590  C C   . LYS A 1 137 ? 5.708   4.751   -2.878  1.00 24.15  ? 137 LYS A C   1 
ATOM   591  O O   . LYS A 1 137 ? 5.634   4.366   -4.042  1.00 22.15  ? 137 LYS A O   1 
ATOM   592  C CB  . LYS A 1 137 ? 4.040   4.404   -1.069  1.00 25.16  ? 137 LYS A CB  1 
ATOM   593  C CG  . LYS A 1 137 ? 2.954   4.703   -2.113  1.00 21.29  ? 137 LYS A CG  1 
ATOM   594  C CD  . LYS A 1 137 ? 1.681   5.189   -1.448  1.00 25.56  ? 137 LYS A CD  1 
ATOM   595  C CE  . LYS A 1 137 ? 0.686   5.838   -2.386  1.00 22.12  ? 137 LYS A CE  1 
ATOM   596  N NZ  . LYS A 1 137 ? -0.002  4.862   -3.319  1.00 20.14  ? 137 LYS A NZ  1 
ATOM   597  N N   . SER A 1 138 ? 6.110   5.998   -2.604  1.00 19.31  ? 138 SER A N   1 
ATOM   598  C CA  . SER A 1 138 ? 6.506   6.886   -3.705  1.00 17.13  ? 138 SER A CA  1 
ATOM   599  C C   . SER A 1 138 ? 7.708   6.384   -4.464  1.00 20.55  ? 138 SER A C   1 
ATOM   600  O O   . SER A 1 138 ? 7.805   6.442   -5.698  1.00 22.27  ? 138 SER A O   1 
ATOM   601  C CB  . SER A 1 138 ? 6.818   8.279   -3.090  1.00 24.20  ? 138 SER A CB  1 
ATOM   602  O OG  . SER A 1 138 ? 7.666   8.964   -3.989  1.00 33.18  ? 138 SER A OG  1 
ATOM   603  N N   . ALA A 1 139 ? 8.696   5.811   -3.772  1.00 19.12  ? 139 ALA A N   1 
ATOM   604  C CA  . ALA A 1 139 ? 9.893   5.351   -4.475  1.00 20.09  ? 139 ALA A CA  1 
ATOM   605  C C   . ALA A 1 139 ? 9.588   4.207   -5.432  1.00 29.14  ? 139 ALA A C   1 
ATOM   606  O O   . ALA A 1 139 ? 10.142  4.152   -6.538  1.00 22.23  ? 139 ALA A O   1 
ATOM   607  C CB  . ALA A 1 139 ? 10.933  4.895   -3.449  1.00 18.05  ? 139 ALA A CB  1 
ATOM   608  N N   . ILE A 1 140 ? 8.711   3.308   -4.990  1.00 19.80  ? 140 ILE A N   1 
ATOM   609  C CA  . ILE A 1 140 ? 8.391   2.171   -5.885  1.00 15.95  ? 140 ILE A CA  1 
ATOM   610  C C   . ILE A 1 140 ? 7.352   2.523   -6.936  1.00 19.15  ? 140 ILE A C   1 
ATOM   611  O O   . ILE A 1 140 ? 7.498   2.167   -8.121  1.00 17.66  ? 140 ILE A O   1 
ATOM   612  C CB  . ILE A 1 140 ? 7.954   1.008   -4.968  1.00 16.86  ? 140 ILE A CB  1 
ATOM   613  C CG1 . ILE A 1 140 ? 9.120   0.478   -4.108  1.00 19.93  ? 140 ILE A CG1 1 
ATOM   614  C CG2 . ILE A 1 140 ? 7.365   -0.157  -5.733  1.00 16.26  ? 140 ILE A CG2 1 
ATOM   615  C CD1 . ILE A 1 140 ? 8.723   -0.744  -3.295  1.00 22.15  ? 140 ILE A CD1 1 
ATOM   616  N N   . GLU A 1 141 ? 6.285   3.238   -6.550  1.00 21.06  ? 141 GLU A N   1 
ATOM   617  C CA  . GLU A 1 141 ? 5.172   3.531   -7.474  1.00 16.43  ? 141 GLU A CA  1 
ATOM   618  C C   . GLU A 1 141 ? 5.587   4.478   -8.574  1.00 13.47  ? 141 GLU A C   1 
ATOM   619  O O   . GLU A 1 141 ? 5.041   4.460   -9.673  1.00 17.60  ? 141 GLU A O   1 
ATOM   620  C CB  . GLU A 1 141 ? 3.974   4.135   -6.719  1.00 22.48  ? 141 GLU A CB  1 
ATOM   621  C CG  . GLU A 1 141 ? 2.673   4.247   -7.533  1.00 19.30  ? 141 GLU A CG  1 
ATOM   622  C CD  . GLU A 1 141 ? 1.444   4.456   -6.679  1.00 24.59  ? 141 GLU A CD  1 
ATOM   623  O OE1 . GLU A 1 141 ? 1.607   4.793   -5.482  1.00 24.15  ? 141 GLU A OE1 1 
ATOM   624  O OE2 . GLU A 1 141 ? 0.289   4.300   -7.149  1.00 20.52  ? 141 GLU A OE2 1 
ATOM   625  N N   . SER A 1 142 ? 6.556   5.346   -8.280  1.00 15.18  ? 142 SER A N   1 
ATOM   626  C CA  . SER A 1 142 ? 7.069   6.217   -9.347  1.00 15.87  ? 142 SER A CA  1 
ATOM   627  C C   . SER A 1 142 ? 7.779   5.445   -10.447 1.00 18.34  ? 142 SER A C   1 
ATOM   628  O O   . SER A 1 142 ? 7.979   6.009   -11.532 1.00 18.27  ? 142 SER A O   1 
ATOM   629  C CB  . SER A 1 142 ? 8.004   7.280   -8.747  1.00 18.27  ? 142 SER A CB  1 
ATOM   630  O OG  . SER A 1 142 ? 9.233   6.690   -8.327  1.00 21.77  ? 142 SER A OG  1 
ATOM   631  N N   . LYS A 1 143 ? 8.170   4.189   -10.190 1.00 16.93  ? 143 LYS A N   1 
ATOM   632  C CA  . LYS A 1 143 ? 8.801   3.415   -11.259 1.00 21.06  ? 143 LYS A CA  1 
ATOM   633  C C   . LYS A 1 143 ? 7.827   2.472   -11.966 1.00 21.55  ? 143 LYS A C   1 
ATOM   634  O O   . LYS A 1 143 ? 8.244   1.686   -12.835 1.00 16.55  ? 143 LYS A O   1 
ATOM   635  C CB  . LYS A 1 143 ? 9.998   2.610   -10.675 1.00 17.36  ? 143 LYS A CB  1 
ATOM   636  C CG  . LYS A 1 143 ? 11.014  3.561   -10.038 1.00 18.17  ? 143 LYS A CG  1 
ATOM   637  C CD  . LYS A 1 143 ? 11.517  4.536   -11.118 1.00 23.91  ? 143 LYS A CD  1 
ATOM   638  C CE  . LYS A 1 143 ? 12.916  5.061   -10.810 1.00 24.37  ? 143 LYS A CE  1 
ATOM   639  N NZ  . LYS A 1 143 ? 12.863  6.193   -9.853  1.00 23.30  ? 143 LYS A NZ  1 
ATOM   640  N N   . PHE A 1 144 ? 6.535   2.502   -11.615 1.00 17.12  ? 144 PHE A N   1 
ATOM   641  C CA  . PHE A 1 144 ? 5.531   1.625   -12.250 1.00 20.60  ? 144 PHE A CA  1 
ATOM   642  C C   . PHE A 1 144 ? 4.824   2.426   -13.345 1.00 20.48  ? 144 PHE A C   1 
ATOM   643  O O   . PHE A 1 144 ? 3.726   2.948   -13.135 1.00 21.74  ? 144 PHE A O   1 
ATOM   644  C CB  . PHE A 1 144 ? 4.556   1.088   -11.230 1.00 20.59  ? 144 PHE A CB  1 
ATOM   645  C CG  . PHE A 1 144 ? 3.565   0.017   -11.692 1.00 17.38  ? 144 PHE A CG  1 
ATOM   646  C CD1 . PHE A 1 144 ? 3.801   -0.730  -12.834 1.00 23.17  ? 144 PHE A CD1 1 
ATOM   647  C CD2 . PHE A 1 144 ? 2.410   -0.192  -10.950 1.00 22.43  ? 144 PHE A CD2 1 
ATOM   648  C CE1 . PHE A 1 144 ? 2.869   -1.684  -13.240 1.00 25.97  ? 144 PHE A CE1 1 
ATOM   649  C CE2 . PHE A 1 144 ? 1.499   -1.173  -11.329 1.00 27.74  ? 144 PHE A CE2 1 
ATOM   650  C CZ  . PHE A 1 144 ? 1.759   -1.931  -12.458 1.00 22.25  ? 144 PHE A CZ  1 
ATOM   651  N N   . TYR A 1 145 ? 5.494   2.555   -14.487 1.00 17.18  ? 145 TYR A N   1 
ATOM   652  C CA  . TYR A 1 145 ? 5.129   3.611   -15.421 1.00 18.66  ? 145 TYR A CA  1 
ATOM   653  C C   . TYR A 1 145 ? 3.802   3.295   -16.120 1.00 24.54  ? 145 TYR A C   1 
ATOM   654  O O   . TYR A 1 145 ? 3.079   4.206   -16.532 1.00 23.14  ? 145 TYR A O   1 
ATOM   655  C CB  . TYR A 1 145 ? 6.224   3.830   -16.477 1.00 21.33  ? 145 TYR A CB  1 
ATOM   656  C CG  . TYR A 1 145 ? 7.590   4.242   -15.945 1.00 19.39  ? 145 TYR A CG  1 
ATOM   657  C CD1 . TYR A 1 145 ? 7.841   5.502   -15.468 1.00 21.06  ? 145 TYR A CD1 1 
ATOM   658  C CD2 . TYR A 1 145 ? 8.635   3.306   -15.925 1.00 22.88  ? 145 TYR A CD2 1 
ATOM   659  C CE1 . TYR A 1 145 ? 9.079   5.898   -14.976 1.00 24.03  ? 145 TYR A CE1 1 
ATOM   660  C CE2 . TYR A 1 145 ? 9.886   3.686   -15.434 1.00 28.33  ? 145 TYR A CE2 1 
ATOM   661  C CZ  . TYR A 1 145 ? 10.098  4.960   -14.970 1.00 24.83  ? 145 TYR A CZ  1 
ATOM   662  O OH  . TYR A 1 145 ? 11.328  5.348   -14.486 1.00 24.03  ? 145 TYR A OH  1 
ATOM   663  N N   . ASP A 1 146 ? 3.506   2.011   -16.279 1.00 19.46  ? 146 ASP A N   1 
ATOM   664  C CA  . ASP A 1 146 ? 2.354   1.613   -17.102 1.00 23.17  ? 146 ASP A CA  1 
ATOM   665  C C   . ASP A 1 146 ? 1.287   0.926   -16.263 1.00 25.18  ? 146 ASP A C   1 
ATOM   666  O O   . ASP A 1 146 ? 0.673   -0.055  -16.666 1.00 25.91  ? 146 ASP A O   1 
ATOM   667  C CB  . ASP A 1 146 ? 2.804   0.710   -18.257 1.00 24.50  ? 146 ASP A CB  1 
ATOM   668  C CG  . ASP A 1 146 ? 3.459   -0.566  -17.767 1.00 38.49  ? 146 ASP A CG  1 
ATOM   669  O OD1 . ASP A 1 146 ? 3.758   -0.668  -16.551 1.00 34.90  ? 146 ASP A OD1 1 
ATOM   670  O OD2 . ASP A 1 146 ? 3.669   -1.453  -18.623 1.00 40.74  ? 146 ASP A OD2 1 
ATOM   671  N N   . ALA A 1 147 ? 1.015   1.467   -15.070 1.00 22.18  ? 147 ALA A N   1 
ATOM   672  C CA  . ALA A 1 147 ? 0.062   0.838   -14.167 1.00 21.33  ? 147 ALA A CA  1 
ATOM   673  C C   . ALA A 1 147 ? -1.307  0.551   -14.754 1.00 23.40  ? 147 ALA A C   1 
ATOM   674  O O   . ALA A 1 147 ? -1.908  -0.484  -14.400 1.00 22.77  ? 147 ALA A O   1 
ATOM   675  C CB  . ALA A 1 147 ? -0.103  1.743   -12.940 1.00 23.25  ? 147 ALA A CB  1 
ATOM   676  N N   . SER A 1 148 ? -1.832  1.425   -15.613 1.00 26.88  ? 148 SER A N   1 
ATOM   677  C CA  . SER A 1 148 ? -3.220  1.274   -16.078 1.00 30.00  ? 148 SER A CA  1 
ATOM   678  C C   . SER A 1 148 ? -3.404  0.076   -16.996 1.00 28.85  ? 148 SER A C   1 
ATOM   679  O O   . SER A 1 148 ? -4.518  -0.430  -17.219 1.00 23.92  ? 148 SER A O   1 
ATOM   680  C CB  . SER A 1 148 ? -3.681  2.598   -16.706 1.00 29.50  ? 148 SER A CB  1 
ATOM   681  O OG  . SER A 1 148 ? -3.019  2.827   -17.942 1.00 30.74  ? 148 SER A OG  1 
ATOM   682  N N   . SER A 1 149 ? -2.298  -0.455  -17.527 1.00 24.38  ? 149 SER A N   1 
ATOM   683  C CA  . SER A 1 149 ? -2.321  -1.729  -18.243 1.00 26.17  ? 149 SER A CA  1 
ATOM   684  C C   . SER A 1 149 ? -2.736  -2.918  -17.385 1.00 29.26  ? 149 SER A C   1 
ATOM   685  O O   . SER A 1 149 ? -3.025  -3.999  -17.896 1.00 25.01  ? 149 SER A O   1 
ATOM   686  C CB  . SER A 1 149 ? -0.937  -2.041  -18.833 1.00 29.15  ? 149 SER A CB  1 
ATOM   687  O OG  . SER A 1 149 ? -0.703  -1.140  -19.898 1.00 29.91  ? 149 SER A OG  1 
ATOM   688  N N   . TYR A 1 150 ? -2.780  -2.786  -16.070 1.00 19.09  ? 150 TYR A N   1 
ATOM   689  C CA  . TYR A 1 150 ? -3.156  -3.904  -15.215 1.00 22.20  ? 150 TYR A CA  1 
ATOM   690  C C   . TYR A 1 150 ? -4.406  -3.547  -14.417 1.00 25.86  ? 150 TYR A C   1 
ATOM   691  O O   . TYR A 1 150 ? -4.602  -4.045  -13.318 1.00 21.08  ? 150 TYR A O   1 
ATOM   692  C CB  . TYR A 1 150 ? -1.983  -4.217  -14.253 1.00 18.26  ? 150 TYR A CB  1 
ATOM   693  C CG  . TYR A 1 150 ? -0.745  -4.559  -15.058 1.00 17.82  ? 150 TYR A CG  1 
ATOM   694  C CD1 . TYR A 1 150 ? -0.526  -5.862  -15.497 1.00 19.59  ? 150 TYR A CD1 1 
ATOM   695  C CD2 . TYR A 1 150 ? 0.180   -3.576  -15.380 1.00 21.37  ? 150 TYR A CD2 1 
ATOM   696  C CE1 . TYR A 1 150 ? 0.611   -6.144  -16.233 1.00 22.46  ? 150 TYR A CE1 1 
ATOM   697  C CE2 . TYR A 1 150 ? 1.313   -3.851  -16.110 1.00 19.25  ? 150 TYR A CE2 1 
ATOM   698  C CZ  . TYR A 1 150 ? 1.510   -5.150  -16.531 1.00 22.05  ? 150 TYR A CZ  1 
ATOM   699  O OH  . TYR A 1 150 ? 2.649   -5.437  -17.274 1.00 19.72  ? 150 TYR A OH  1 
ATOM   700  N N   . ALA A 1 151 ? -5.254  -2.649  -14.917 1.00 25.73  ? 151 ALA A N   1 
ATOM   701  C CA  . ALA A 1 151 ? -6.398  -2.185  -14.139 1.00 27.53  ? 151 ALA A CA  1 
ATOM   702  C C   . ALA A 1 151 ? -7.352  -3.354  -13.934 1.00 26.46  ? 151 ALA A C   1 
ATOM   703  O O   . ALA A 1 151 ? -7.601  -4.092  -14.887 1.00 26.48  ? 151 ALA A O   1 
ATOM   704  C CB  . ALA A 1 151 ? -7.098  -1.024  -14.830 1.00 29.19  ? 151 ALA A CB  1 
ATOM   705  N N   . GLY A 1 152 ? -7.851  -3.537  -12.726 1.00 28.36  ? 152 GLY A N   1 
ATOM   706  C CA  . GLY A 1 152 ? -8.687  -4.696  -12.437 1.00 32.08  ? 152 GLY A CA  1 
ATOM   707  C C   . GLY A 1 152 ? -7.904  -5.835  -11.812 1.00 33.08  ? 152 GLY A C   1 
ATOM   708  O O   . GLY A 1 152 ? -8.534  -6.776  -11.334 1.00 32.58  ? 152 GLY A O   1 
ATOM   709  N N   . LYS A 1 153 ? -6.575  -5.794  -11.794 1.00 24.00  ? 153 LYS A N   1 
ATOM   710  C CA  . LYS A 1 153 ? -5.713  -6.828  -11.207 1.00 23.54  ? 153 LYS A CA  1 
ATOM   711  C C   . LYS A 1 153 ? -5.083  -6.410  -9.888  1.00 26.47  ? 153 LYS A C   1 
ATOM   712  O O   . LYS A 1 153 ? -4.888  -5.197  -9.727  1.00 25.55  ? 153 LYS A O   1 
ATOM   713  C CB  . LYS A 1 153 ? -4.557  -7.167  -12.172 1.00 23.75  ? 153 LYS A CB  1 
ATOM   714  C CG  . LYS A 1 153 ? -5.071  -7.549  -13.570 1.00 25.74  ? 153 LYS A CG  1 
ATOM   715  C CD  . LYS A 1 153 ? -5.864  -8.847  -13.505 1.00 28.50  ? 153 LYS A CD  1 
ATOM   716  C CE  . LYS A 1 153 ? -6.336  -9.265  -14.901 1.00 39.57  ? 153 LYS A CE  1 
ATOM   717  N NZ  . LYS A 1 153 ? -7.293  -10.400 -14.800 1.00 30.66  ? 153 LYS A NZ  1 
ATOM   718  N N   . THR A 1 154 ? -4.755  -7.367  -9.036  1.00 23.32  ? 154 THR A N   1 
ATOM   719  C CA  . THR A 1 154 ? -3.968  -7.148  -7.823  1.00 23.94  ? 154 THR A CA  1 
ATOM   720  C C   . THR A 1 154 ? -2.804  -8.111  -7.711  1.00 27.62  ? 154 THR A C   1 
ATOM   721  O O   . THR A 1 154 ? -2.928  -9.245  -8.216  1.00 23.78  ? 154 THR A O   1 
ATOM   722  C CB  . THR A 1 154 ? -4.855  -7.332  -6.564  1.00 23.34  ? 154 THR A CB  1 
ATOM   723  O OG1 . THR A 1 154 ? -6.002  -6.471  -6.635  1.00 27.52  ? 154 THR A OG1 1 
ATOM   724  C CG2 . THR A 1 154 ? -4.105  -6.956  -5.310  1.00 28.39  ? 154 THR A CG2 1 
ATOM   725  N N   . CYS A 1 155 ? -1.701  -7.734  -7.079  1.00 20.67  ? 155 CYS A N   1 
ATOM   726  C CA  . CYS A 1 155 ? -0.583  -8.564  -6.662  1.00 19.15  ? 155 CYS A CA  1 
ATOM   727  C C   . CYS A 1 155 ? -0.153  -8.166  -5.251  1.00 23.69  ? 155 CYS A C   1 
ATOM   728  O O   . CYS A 1 155 ? -0.014  -6.990  -4.929  1.00 26.92  ? 155 CYS A O   1 
ATOM   729  C CB  . CYS A 1 155 ? 0.655   -8.468  -7.569  1.00 21.07  ? 155 CYS A CB  1 
ATOM   730  S SG  . CYS A 1 155 ? 2.056   -9.534  -7.118  1.00 24.32  ? 155 CYS A SG  1 
ATOM   731  N N   . THR A 1 156 ? 0.072   -9.143  -4.397  1.00 22.60  ? 156 THR A N   1 
ATOM   732  C CA  . THR A 1 156 ? 0.597   -8.871  -3.058  1.00 24.74  ? 156 THR A CA  1 
ATOM   733  C C   . THR A 1 156 ? 1.994   -9.447  -2.979  1.00 25.80  ? 156 THR A C   1 
ATOM   734  O O   . THR A 1 156 ? 2.270   -10.569 -3.444  1.00 26.05  ? 156 THR A O   1 
ATOM   735  C CB  . THR A 1 156 ? -0.394  -9.402  -2.002  1.00 29.05  ? 156 THR A CB  1 
ATOM   736  O OG1 . THR A 1 156 ? 0.141   -9.033  -0.714  1.00 41.43  ? 156 THR A OG1 1 
ATOM   737  C CG2 . THR A 1 156 ? -0.561  -10.913 -2.096  1.00 28.49  ? 156 THR A CG2 1 
ATOM   738  N N   . LEU A 1 157 ? 2.933   -8.685  -2.436  1.00 22.61  ? 157 LEU A N   1 
ATOM   739  C CA  . LEU A 1 157 ? 4.335   -9.100  -2.369  1.00 22.82  ? 157 LEU A CA  1 
ATOM   740  C C   . LEU A 1 157 ? 4.917   -8.926  -0.971  1.00 24.48  ? 157 LEU A C   1 
ATOM   741  O O   . LEU A 1 157 ? 4.262   -8.364  -0.094  1.00 26.31  ? 157 LEU A O   1 
ATOM   742  C CB  . LEU A 1 157 ? 5.167   -8.288  -3.383  1.00 22.42  ? 157 LEU A CB  1 
ATOM   743  C CG  . LEU A 1 157 ? 4.702   -8.292  -4.845  1.00 26.40  ? 157 LEU A CG  1 
ATOM   744  C CD1 . LEU A 1 157 ? 3.893   -7.039  -5.193  1.00 27.48  ? 157 LEU A CD1 1 
ATOM   745  C CD2 . LEU A 1 157 ? 5.894   -8.437  -5.780  1.00 26.72  ? 157 LEU A CD2 1 
ATOM   746  N N   . ARG A 1 158 ? 6.146   -9.397  -0.729  1.00 24.71  ? 158 ARG A N   1 
ATOM   747  C CA  . ARG A 1 158 ? 6.760   -9.126  0.581   1.00 28.40  ? 158 ARG A CA  1 
ATOM   748  C C   . ARG A 1 158 ? 8.163   -8.604  0.386   1.00 25.37  ? 158 ARG A C   1 
ATOM   749  O O   . ARG A 1 158 ? 8.943   -9.215  -0.366  1.00 30.37  ? 158 ARG A O   1 
ATOM   750  C CB  . ARG A 1 158 ? 6.748   -10.383 1.462   1.00 38.92  ? 158 ARG A CB  1 
ATOM   751  C CG  . ARG A 1 158 ? 7.708   -10.330 2.640   1.00 43.18  ? 158 ARG A CG  1 
ATOM   752  C CD  . ARG A 1 158 ? 7.248   -11.107 3.855   1.00 40.57  ? 158 ARG A CD  1 
ATOM   753  N NE  . ARG A 1 158 ? 5.824   -11.368 3.934   1.00 38.06  ? 158 ARG A NE  1 
ATOM   754  C CZ  . ARG A 1 158 ? 4.874   -10.848 4.685   1.00 45.75  ? 158 ARG A CZ  1 
ATOM   755  N NH1 . ARG A 1 158 ? 5.090   -9.889  5.583   1.00 48.47  ? 158 ARG A NH1 1 
ATOM   756  N NH2 . ARG A 1 158 ? 3.623   -11.279 4.559   1.00 45.12  ? 158 ARG A NH2 1 
ATOM   757  N N   . ILE A 1 159 ? 8.605   -7.493  0.998   1.00 24.02  ? 159 ILE A N   1 
ATOM   758  C CA  . ILE A 1 159 ? 9.987   -7.104  0.701   1.00 22.17  ? 159 ILE A CA  1 
ATOM   759  C C   . ILE A 1 159 ? 10.990  -7.518  1.782   1.00 35.96  ? 159 ILE A C   1 
ATOM   760  O O   . ILE A 1 159 ? 10.545  -7.875  2.874   1.00 29.27  ? 159 ILE A O   1 
ATOM   761  C CB  . ILE A 1 159 ? 10.157  -5.575  0.549   1.00 28.41  ? 159 ILE A CB  1 
ATOM   762  C CG1 . ILE A 1 159 ? 9.919   -4.827  1.861   1.00 34.80  ? 159 ILE A CG1 1 
ATOM   763  C CG2 . ILE A 1 159 ? 9.287   -5.064  -0.588  1.00 39.14  ? 159 ILE A CG2 1 
ATOM   764  C CD1 . ILE A 1 159 ? 10.083  -3.324  1.783   1.00 39.96  ? 159 ILE A CD1 1 
ATOM   765  N N   . LYS A 1 160 ? 12.269  -7.393  1.455   1.00 38.16  ? 160 LYS A N   1 
ATOM   766  C CA  . LYS A 1 160 ? 13.400  -7.468  2.372   1.00 39.01  ? 160 LYS A CA  1 
ATOM   767  C C   . LYS A 1 160 ? 14.269  -6.212  2.303   1.00 33.92  ? 160 LYS A C   1 
ATOM   768  O O   . LYS A 1 160 ? 14.979  -5.981  1.322   1.00 27.28  ? 160 LYS A O   1 
ATOM   769  C CB  . LYS A 1 160 ? 14.279  -8.688  2.082   1.00 51.76  ? 160 LYS A CB  1 
ATOM   770  C CG  . LYS A 1 160 ? 15.421  -8.883  3.066   1.00 58.39  ? 160 LYS A CG  1 
ATOM   771  C CD  . LYS A 1 160 ? 14.996  -9.724  4.256   1.00 70.16  ? 160 LYS A CD  1 
ATOM   772  C CE  . LYS A 1 160 ? 16.145  -10.574 4.774   1.00 79.07  ? 160 LYS A CE  1 
ATOM   773  N NZ  . LYS A 1 160 ? 17.301  -10.580 3.837   1.00 94.37  ? 160 LYS A NZ  1 
ATOM   774  N N   . LEU A 1 161 ? 14.221  -5.396  3.349   1.00 32.42  ? 161 LEU A N   1 
ATOM   775  C CA  . LEU A 1 161 ? 14.949  -4.131  3.381   1.00 40.83  ? 161 LEU A CA  1 
ATOM   776  C C   . LEU A 1 161 ? 16.217  -4.180  4.231   1.00 49.65  ? 161 LEU A C   1 
ATOM   777  O O   . LEU A 1 161 ? 16.152  -4.841  5.278   1.00 33.54  ? 161 LEU A O   1 
ATOM   778  C CB  . LEU A 1 161 ? 13.981  -3.093  3.956   1.00 35.22  ? 161 LEU A CB  1 
ATOM   779  C CG  . LEU A 1 161 ? 13.989  -1.692  3.381   1.00 46.47  ? 161 LEU A CG  1 
ATOM   780  C CD1 . LEU A 1 161 ? 13.792  -1.695  1.866   1.00 32.16  ? 161 LEU A CD1 1 
ATOM   781  C CD2 . LEU A 1 161 ? 12.915  -0.880  4.098   1.00 45.70  ? 161 LEU A CD2 1 
ATOM   782  N N   . ALA A 1 162 ? 17.280  -3.500  3.812   1.00 41.67  ? 162 ALA A N   1 
ATOM   783  C CA  . ALA A 1 162 ? 18.503  -3.289  4.588   1.00 43.69  ? 162 ALA A CA  1 
ATOM   784  C C   . ALA A 1 162 ? 18.408  -2.020  5.438   1.00 43.41  ? 162 ALA A C   1 
ATOM   785  O O   . ALA A 1 162 ? 17.535  -1.185  5.173   1.00 36.95  ? 162 ALA A O   1 
ATOM   786  C CB  . ALA A 1 162 ? 19.746  -3.217  3.700   1.00 28.11  ? 162 ALA A CB  1 
ATOM   787  N N   . PRO A 1 163 ? 19.242  -1.846  6.469   1.00 40.15  ? 163 PRO A N   1 
ATOM   788  C CA  . PRO A 1 163 ? 19.194  -0.638  7.295   1.00 30.03  ? 163 PRO A CA  1 
ATOM   789  C C   . PRO A 1 163 ? 19.612  0.612   6.509   1.00 32.35  ? 163 PRO A C   1 
ATOM   790  O O   . PRO A 1 163 ? 19.249  1.687   6.972   1.00 43.68  ? 163 PRO A O   1 
ATOM   791  C CB  . PRO A 1 163 ? 20.233  -0.885  8.394   1.00 40.88  ? 163 PRO A CB  1 
ATOM   792  C CG  . PRO A 1 163 ? 20.594  -2.339  8.324   1.00 30.98  ? 163 PRO A CG  1 
ATOM   793  C CD  . PRO A 1 163 ? 20.283  -2.789  6.925   1.00 40.86  ? 163 PRO A CD  1 
ATOM   794  N N   . ASP A 1 164 ? 20.303  0.426   5.420   1.00 38.72  ? 164 ASP A N   1 
ATOM   795  C CA  . ASP A 1 164 ? 20.735  1.074   4.217   1.00 44.54  ? 164 ASP A CA  1 
ATOM   796  C C   . ASP A 1 164 ? 19.641  1.744   3.385   1.00 44.85  ? 164 ASP A C   1 
ATOM   797  O O   . ASP A 1 164 ? 19.809  2.749   2.684   1.00 41.95  ? 164 ASP A O   1 
ATOM   798  C CB  . ASP A 1 164 ? 21.339  -0.011  3.280   1.00 39.07  ? 164 ASP A CB  1 
ATOM   799  C CG  . ASP A 1 164 ? 22.510  0.579   2.521   1.00 37.70  ? 164 ASP A CG  1 
ATOM   800  O OD1 . ASP A 1 164 ? 22.892  1.698   2.907   1.00 59.03  ? 164 ASP A OD1 1 
ATOM   801  O OD2 . ASP A 1 164 ? 23.014  -0.049  1.576   1.00 57.26  ? 164 ASP A OD2 1 
ATOM   802  N N   . GLY A 1 165 ? 18.471  1.130   3.442   1.00 34.02  ? 165 GLY A N   1 
ATOM   803  C CA  . GLY A 1 165 ? 17.389  1.385   2.498   1.00 41.77  ? 165 GLY A CA  1 
ATOM   804  C C   . GLY A 1 165 ? 17.562  0.572   1.234   1.00 37.80  ? 165 GLY A C   1 
ATOM   805  O O   . GLY A 1 165 ? 16.806  0.645   0.258   1.00 40.19  ? 165 GLY A O   1 
ATOM   806  N N   . MET A 1 166 ? 18.598  -0.269  1.159   1.00 32.99  ? 166 MET A N   1 
ATOM   807  C CA  . MET A 1 166 ? 18.749  -1.049  -0.070  1.00 32.67  ? 166 MET A CA  1 
ATOM   808  C C   . MET A 1 166 ? 17.730  -2.183  -0.115  1.00 37.34  ? 166 MET A C   1 
ATOM   809  O O   . MET A 1 166 ? 17.474  -2.862  0.888   1.00 36.77  ? 166 MET A O   1 
ATOM   810  C CB  . MET A 1 166 ? 20.174  -1.588  -0.196  1.00 39.50  ? 166 MET A CB  1 
ATOM   811  C CG  . MET A 1 166 ? 20.319  -2.803  -1.101  1.00 41.84  ? 166 MET A CG  1 
ATOM   812  S SD  . MET A 1 166 ? 21.179  -2.399  -2.639  1.00 136.48 ? 166 MET A SD  1 
ATOM   813  C CE  . MET A 1 166 ? 21.040  -0.616  -2.651  1.00 63.25  ? 166 MET A CE  1 
ATOM   814  N N   . LEU A 1 167 ? 17.115  -2.396  -1.280  1.00 33.95  ? 167 LEU A N   1 
ATOM   815  C CA  . LEU A 1 167 ? 16.184  -3.511  -1.445  1.00 28.59  ? 167 LEU A CA  1 
ATOM   816  C C   . LEU A 1 167 ? 16.935  -4.829  -1.514  1.00 31.84  ? 167 LEU A C   1 
ATOM   817  O O   . LEU A 1 167 ? 17.584  -5.119  -2.512  1.00 35.33  ? 167 LEU A O   1 
ATOM   818  C CB  . LEU A 1 167 ? 15.342  -3.315  -2.723  1.00 28.79  ? 167 LEU A CB  1 
ATOM   819  C CG  . LEU A 1 167 ? 14.141  -4.234  -2.910  1.00 29.76  ? 167 LEU A CG  1 
ATOM   820  C CD1 . LEU A 1 167 ? 13.161  -4.114  -1.755  1.00 24.83  ? 167 LEU A CD1 1 
ATOM   821  C CD2 . LEU A 1 167 ? 13.414  -3.928  -4.225  1.00 33.47  ? 167 LEU A CD2 1 
ATOM   822  N N   . LEU A 1 168 ? 16.869  -5.653  -0.460  1.00 41.71  ? 168 LEU A N   1 
ATOM   823  C CA  . LEU A 1 168 ? 17.622  -6.909  -0.449  1.00 45.91  ? 168 LEU A CA  1 
ATOM   824  C C   . LEU A 1 168 ? 16.949  -7.955  -1.324  1.00 43.37  ? 168 LEU A C   1 
ATOM   825  O O   . LEU A 1 168 ? 17.541  -8.761  -2.035  1.00 40.90  ? 168 LEU A O   1 
ATOM   826  C CB  . LEU A 1 168 ? 17.758  -7.445  0.987   1.00 41.92  ? 168 LEU A CB  1 
ATOM   827  C CG  . LEU A 1 168 ? 19.047  -7.034  1.706   1.00 42.08  ? 168 LEU A CG  1 
ATOM   828  C CD1 . LEU A 1 168 ? 19.720  -5.914  0.933   1.00 37.54  ? 168 LEU A CD1 1 
ATOM   829  C CD2 . LEU A 1 168 ? 18.786  -6.623  3.143   1.00 52.74  ? 168 LEU A CD2 1 
ATOM   830  N N   . ASP A 1 169 ? 15.618  -7.933  -1.262  1.00 39.98  ? 169 ASP A N   1 
ATOM   831  C CA  . ASP A 1 169 ? 14.849  -8.920  -2.007  1.00 37.07  ? 169 ASP A CA  1 
ATOM   832  C C   . ASP A 1 169 ? 13.386  -8.531  -2.082  1.00 39.05  ? 169 ASP A C   1 
ATOM   833  O O   . ASP A 1 169 ? 12.900  -7.732  -1.284  1.00 33.00  ? 169 ASP A O   1 
ATOM   834  C CB  . ASP A 1 169 ? 15.011  -10.278 -1.325  1.00 50.65  ? 169 ASP A CB  1 
ATOM   835  C CG  . ASP A 1 169 ? 14.291  -11.375 -2.089  1.00 61.55  ? 169 ASP A CG  1 
ATOM   836  O OD1 . ASP A 1 169 ? 14.548  -11.491 -3.305  1.00 48.77  ? 169 ASP A OD1 1 
ATOM   837  O OD2 . ASP A 1 169 ? 13.494  -12.089 -1.451  1.00 68.95  ? 169 ASP A OD2 1 
ATOM   838  N N   . ILE A 1 170 ? 12.641  -9.060  -3.044  1.00 30.55  ? 170 ILE A N   1 
ATOM   839  C CA  . ILE A 1 170 ? 11.200  -8.832  -3.060  1.00 25.42  ? 170 ILE A CA  1 
ATOM   840  C C   . ILE A 1 170 ? 10.565  -10.090 -3.661  1.00 32.67  ? 170 ILE A C   1 
ATOM   841  O O   . ILE A 1 170 ? 11.133  -10.605 -4.625  1.00 47.25  ? 170 ILE A O   1 
ATOM   842  C CB  . ILE A 1 170 ? 10.786  -7.580  -3.853  1.00 28.72  ? 170 ILE A CB  1 
ATOM   843  C CG1 . ILE A 1 170 ? 9.281   -7.513  -4.114  1.00 28.63  ? 170 ILE A CG1 1 
ATOM   844  C CG2 . ILE A 1 170 ? 11.583  -7.416  -5.149  1.00 27.41  ? 170 ILE A CG2 1 
ATOM   845  C CD1 . ILE A 1 170 ? 8.714   -6.129  -4.353  1.00 27.53  ? 170 ILE A CD1 1 
ATOM   846  N N   . LYS A 1 171 ? 9.468   -10.558 -3.097  1.00 27.99  ? 171 LYS A N   1 
ATOM   847  C CA  . LYS A 1 171 ? 8.890   -11.815 -3.561  1.00 37.25  ? 171 LYS A CA  1 
ATOM   848  C C   . LYS A 1 171 ? 7.379   -11.751 -3.686  1.00 28.00  ? 171 LYS A C   1 
ATOM   849  O O   . LYS A 1 171 ? 6.685   -11.334 -2.760  1.00 32.16  ? 171 LYS A O   1 
ATOM   850  C CB  . LYS A 1 171 ? 9.213   -12.964 -2.596  1.00 46.54  ? 171 LYS A CB  1 
ATOM   851  C CG  . LYS A 1 171 ? 10.614  -12.950 -2.016  1.00 66.11  ? 171 LYS A CG  1 
ATOM   852  C CD  . LYS A 1 171 ? 10.596  -13.249 -0.523  1.00 80.75  ? 171 LYS A CD  1 
ATOM   853  C CE  . LYS A 1 171 ? 11.294  -12.159 0.277   1.00 89.02  ? 171 LYS A CE  1 
ATOM   854  N NZ  . LYS A 1 171 ? 12.561  -12.655 0.889   1.00 97.88  ? 171 LYS A NZ  1 
ATOM   855  N N   . PRO A 1 172 ? 6.843   -12.214 -4.810  1.00 24.62  ? 172 PRO A N   1 
ATOM   856  C CA  . PRO A 1 172 ? 5.392   -12.284 -4.907  1.00 20.53  ? 172 PRO A CA  1 
ATOM   857  C C   . PRO A 1 172 ? 4.874   -13.323 -3.912  1.00 35.39  ? 172 PRO A C   1 
ATOM   858  O O   . PRO A 1 172 ? 5.592   -14.295 -3.649  1.00 30.84  ? 172 PRO A O   1 
ATOM   859  C CB  . PRO A 1 172 ? 5.108   -12.793 -6.323  1.00 29.40  ? 172 PRO A CB  1 
ATOM   860  C CG  . PRO A 1 172 ? 6.424   -12.881 -7.006  1.00 34.54  ? 172 PRO A CG  1 
ATOM   861  C CD  . PRO A 1 172 ? 7.528   -12.706 -6.009  1.00 26.47  ? 172 PRO A CD  1 
ATOM   862  N N   . GLU A 1 173 ? 3.681   -13.060 -3.425  1.00 23.94  ? 173 GLU A N   1 
ATOM   863  C CA  . GLU A 1 173 ? 2.964   -13.906 -2.495  1.00 29.24  ? 173 GLU A CA  1 
ATOM   864  C C   . GLU A 1 173 ? 1.584   -14.197 -3.038  1.00 27.77  ? 173 GLU A C   1 
ATOM   865  O O   . GLU A 1 173 ? 0.905   -15.062 -2.497  1.00 37.07  ? 173 GLU A O   1 
ATOM   866  C CB  . GLU A 1 173 ? 2.910   -13.292 -1.077  1.00 29.21  ? 173 GLU A CB  1 
ATOM   867  C CG  . GLU A 1 173 ? 4.229   -13.498 -0.348  1.00 28.41  ? 173 GLU A CG  1 
ATOM   868  C CD  . GLU A 1 173 ? 4.264   -13.169 1.127   1.00 48.02  ? 173 GLU A CD  1 
ATOM   869  O OE1 . GLU A 1 173 ? 3.273   -12.679 1.706   1.00 46.57  ? 173 GLU A OE1 1 
ATOM   870  O OE2 . GLU A 1 173 ? 5.328   -13.400 1.749   1.00 47.59  ? 173 GLU A OE2 1 
ATOM   871  N N   . GLY A 1 174 ? 1.115   -13.550 -4.105  1.00 31.39  ? 174 GLY A N   1 
ATOM   872  C CA  . GLY A 1 174 ? -0.168  -13.969 -4.678  1.00 23.66  ? 174 GLY A CA  1 
ATOM   873  C C   . GLY A 1 174 ? -0.727  -12.936 -5.635  1.00 32.81  ? 174 GLY A C   1 
ATOM   874  O O   . GLY A 1 174 ? -0.266  -11.791 -5.550  1.00 30.57  ? 174 GLY A O   1 
ATOM   875  N N   . GLY A 1 175 ? -1.668  -13.292 -6.499  1.00 22.83  ? 175 GLY A N   1 
ATOM   876  C CA  . GLY A 1 175 ? -2.347  -12.377 -7.401  1.00 29.89  ? 175 GLY A CA  1 
ATOM   877  C C   . GLY A 1 175 ? -1.992  -12.543 -8.856  1.00 32.58  ? 175 GLY A C   1 
ATOM   878  O O   . GLY A 1 175 ? -1.405  -13.566 -9.239  1.00 31.60  ? 175 GLY A O   1 
ATOM   879  N N   . ASP A 1 176 ? -2.321  -11.603 -9.730  1.00 23.73  ? 176 ASP A N   1 
ATOM   880  C CA  . ASP A 1 176 ? -2.133  -11.785 -11.176 1.00 20.70  ? 176 ASP A CA  1 
ATOM   881  C C   . ASP A 1 176 ? -0.679  -11.931 -11.609 1.00 22.81  ? 176 ASP A C   1 
ATOM   882  O O   . ASP A 1 176 ? 0.110   -11.044 -11.275 1.00 23.23  ? 176 ASP A O   1 
ATOM   883  C CB  . ASP A 1 176 ? -2.752  -10.591 -11.877 1.00 29.02  ? 176 ASP A CB  1 
ATOM   884  C CG  . ASP A 1 176 ? -2.665  -10.589 -13.377 1.00 28.63  ? 176 ASP A CG  1 
ATOM   885  O OD1 . ASP A 1 176 ? -3.299  -11.419 -14.051 1.00 26.18  ? 176 ASP A OD1 1 
ATOM   886  O OD2 . ASP A 1 176 ? -1.975  -9.704  -13.934 1.00 22.90  ? 176 ASP A OD2 1 
ATOM   887  N N   . PRO A 1 177 ? -0.265  -12.992 -12.304 1.00 24.72  ? 177 PRO A N   1 
ATOM   888  C CA  . PRO A 1 177 ? 1.146   -13.166 -12.659 1.00 21.76  ? 177 PRO A CA  1 
ATOM   889  C C   . PRO A 1 177 ? 1.725   -12.045 -13.507 1.00 19.60  ? 177 PRO A C   1 
ATOM   890  O O   . PRO A 1 177 ? 2.871   -11.638 -13.266 1.00 18.43  ? 177 PRO A O   1 
ATOM   891  C CB  . PRO A 1 177 ? 1.224   -14.476 -13.479 1.00 22.90  ? 177 PRO A CB  1 
ATOM   892  C CG  . PRO A 1 177 ? -0.138  -15.050 -13.428 1.00 28.74  ? 177 PRO A CG  1 
ATOM   893  C CD  . PRO A 1 177 ? -1.091  -14.129 -12.743 1.00 25.86  ? 177 PRO A CD  1 
ATOM   894  N N   . ALA A 1 178 ? 1.025   -11.497 -14.502 1.00 18.02  ? 178 ALA A N   1 
ATOM   895  C CA  . ALA A 1 178 ? 1.694   -10.431 -15.277 1.00 17.73  ? 178 ALA A CA  1 
ATOM   896  C C   . ALA A 1 178 ? 1.863   -9.158  -14.465 1.00 23.80  ? 178 ALA A C   1 
ATOM   897  O O   . ALA A 1 178 ? 2.899   -8.498  -14.561 1.00 19.32  ? 178 ALA A O   1 
ATOM   898  C CB  . ALA A 1 178 ? 0.868   -10.123 -16.529 1.00 16.61  ? 178 ALA A CB  1 
ATOM   899  N N   . LEU A 1 179 ? 0.856   -8.822  -13.639 1.00 18.84  ? 179 LEU A N   1 
ATOM   900  C CA  . LEU A 1 179 ? 1.070   -7.694  -12.704 1.00 16.48  ? 179 LEU A CA  1 
ATOM   901  C C   . LEU A 1 179 ? 2.163   -7.974  -11.700 1.00 17.35  ? 179 LEU A C   1 
ATOM   902  O O   . LEU A 1 179 ? 3.028   -7.127  -11.407 1.00 16.61  ? 179 LEU A O   1 
ATOM   903  C CB  . LEU A 1 179 ? -0.265  -7.361  -12.005 1.00 18.24  ? 179 LEU A CB  1 
ATOM   904  C CG  . LEU A 1 179 ? -0.163  -6.284  -10.914 1.00 20.98  ? 179 LEU A CG  1 
ATOM   905  C CD1 . LEU A 1 179 ? 0.414   -4.989  -11.489 1.00 18.65  ? 179 LEU A CD1 1 
ATOM   906  C CD2 . LEU A 1 179 ? -1.515  -5.992  -10.269 1.00 25.94  ? 179 LEU A CD2 1 
ATOM   907  N N   . CYS A 1 180 ? 2.219   -9.165  -11.091 1.00 22.08  ? 180 CYS A N   1 
ATOM   908  C CA  . CYS A 1 180 ? 3.343   -9.443  -10.179 1.00 20.41  ? 180 CYS A CA  1 
ATOM   909  C C   . CYS A 1 180 ? 4.702   -9.281  -10.834 1.00 18.30  ? 180 CYS A C   1 
ATOM   910  O O   . CYS A 1 180 ? 5.628   -8.774  -10.173 1.00 18.53  ? 180 CYS A O   1 
ATOM   911  C CB  . CYS A 1 180 ? 3.227   -10.858 -9.592  1.00 24.44  ? 180 CYS A CB  1 
ATOM   912  S SG  . CYS A 1 180 ? 1.870   -11.105 -8.410  1.00 23.39  ? 180 CYS A SG  1 
ATOM   913  N N   . GLN A 1 181 ? 4.920   -9.694  -12.086 1.00 16.59  ? 181 GLN A N   1 
ATOM   914  C CA  . GLN A 1 181 ? 6.211   -9.497  -12.740 1.00 17.59  ? 181 GLN A CA  1 
ATOM   915  C C   . GLN A 1 181 ? 6.499   -8.009  -12.988 1.00 21.36  ? 181 GLN A C   1 
ATOM   916  O O   . GLN A 1 181 ? 7.632   -7.544  -12.831 1.00 21.35  ? 181 GLN A O   1 
ATOM   917  C CB  . GLN A 1 181 ? 6.309   -10.306 -14.060 1.00 16.52  ? 181 GLN A CB  1 
ATOM   918  C CG  . GLN A 1 181 ? 6.245   -11.805 -13.773 1.00 19.25  ? 181 GLN A CG  1 
ATOM   919  C CD  . GLN A 1 181 ? 7.345   -12.355 -12.885 1.00 27.63  ? 181 GLN A CD  1 
ATOM   920  O OE1 . GLN A 1 181 ? 7.109   -13.108 -11.937 1.00 26.02  ? 181 GLN A OE1 1 
ATOM   921  N NE2 . GLN A 1 181 ? 8.595   -11.998 -13.136 1.00 17.40  ? 181 GLN A NE2 1 
ATOM   922  N N   . ALA A 1 182 ? 5.503   -7.208  -13.359 1.00 19.38  ? 182 ALA A N   1 
ATOM   923  C CA  . ALA A 1 182 ? 5.709   -5.772  -13.535 1.00 16.56  ? 182 ALA A CA  1 
ATOM   924  C C   . ALA A 1 182 ? 6.040   -5.076  -12.221 1.00 17.41  ? 182 ALA A C   1 
ATOM   925  O O   . ALA A 1 182 ? 6.835   -4.142  -12.131 1.00 19.26  ? 182 ALA A O   1 
ATOM   926  C CB  . ALA A 1 182 ? 4.419   -5.163  -14.086 1.00 18.45  ? 182 ALA A CB  1 
ATOM   927  N N   . ALA A 1 183 ? 5.365   -5.515  -11.153 1.00 17.05  ? 183 ALA A N   1 
ATOM   928  C CA  . ALA A 1 183 ? 5.674   -4.988  -9.820  1.00 21.73  ? 183 ALA A CA  1 
ATOM   929  C C   . ALA A 1 183 ? 7.111   -5.290  -9.403  1.00 22.62  ? 183 ALA A C   1 
ATOM   930  O O   . ALA A 1 183 ? 7.835   -4.427  -8.880  1.00 23.96  ? 183 ALA A O   1 
ATOM   931  C CB  . ALA A 1 183 ? 4.708   -5.572  -8.807  1.00 18.67  ? 183 ALA A CB  1 
ATOM   932  N N   . LEU A 1 184 ? 7.581   -6.527  -9.588  1.00 21.02  ? 184 LEU A N   1 
ATOM   933  C CA  . LEU A 1 184 ? 8.988   -6.820  -9.319  1.00 23.34  ? 184 LEU A CA  1 
ATOM   934  C C   . LEU A 1 184 ? 9.934   -5.909  -10.075 1.00 21.66  ? 184 LEU A C   1 
ATOM   935  O O   . LEU A 1 184 ? 10.880  -5.392  -9.482  1.00 24.37  ? 184 LEU A O   1 
ATOM   936  C CB  . LEU A 1 184 ? 9.344   -8.262  -9.713  1.00 24.91  ? 184 LEU A CB  1 
ATOM   937  C CG  . LEU A 1 184 ? 8.654   -9.312  -8.836  1.00 29.25  ? 184 LEU A CG  1 
ATOM   938  C CD1 . LEU A 1 184 ? 8.793   -10.682 -9.491  1.00 31.59  ? 184 LEU A CD1 1 
ATOM   939  C CD2 . LEU A 1 184 ? 9.224   -9.266  -7.428  1.00 28.76  ? 184 LEU A CD2 1 
ATOM   940  N N   . ALA A 1 185 ? 9.697   -5.710  -11.371 1.00 20.42  ? 185 ALA A N   1 
ATOM   941  C CA  . ALA A 1 185 ? 10.561  -4.842  -12.166 1.00 23.09  ? 185 ALA A CA  1 
ATOM   942  C C   . ALA A 1 185 ? 10.529  -3.407  -11.662 1.00 24.54  ? 185 ALA A C   1 
ATOM   943  O O   . ALA A 1 185 ? 11.611  -2.803  -11.541 1.00 25.74  ? 185 ALA A O   1 
ATOM   944  C CB  . ALA A 1 185 ? 10.192  -4.956  -13.650 1.00 21.85  ? 185 ALA A CB  1 
ATOM   945  N N   . ALA A 1 186 ? 9.376   -2.841  -11.347 1.00 16.87  ? 186 ALA A N   1 
ATOM   946  C CA  . ALA A 1 186 ? 9.317   -1.500  -10.757 1.00 18.96  ? 186 ALA A CA  1 
ATOM   947  C C   . ALA A 1 186 ? 10.048  -1.421  -9.418  1.00 22.57  ? 186 ALA A C   1 
ATOM   948  O O   . ALA A 1 186 ? 10.883  -0.534  -9.192  1.00 23.39  ? 186 ALA A O   1 
ATOM   949  C CB  . ALA A 1 186 ? 7.860   -1.079  -10.535 1.00 14.33  ? 186 ALA A CB  1 
ATOM   950  N N   . ALA A 1 187 ? 9.753   -2.334  -8.502  1.00 18.19  ? 187 ALA A N   1 
ATOM   951  C CA  . ALA A 1 187 ? 10.498  -2.321  -7.233  1.00 25.36  ? 187 ALA A CA  1 
ATOM   952  C C   . ALA A 1 187 ? 12.011  -2.369  -7.404  1.00 25.42  ? 187 ALA A C   1 
ATOM   953  O O   . ALA A 1 187 ? 12.713  -1.720  -6.619  1.00 27.89  ? 187 ALA A O   1 
ATOM   954  C CB  . ALA A 1 187 ? 10.073  -3.485  -6.346  1.00 23.72  ? 187 ALA A CB  1 
ATOM   955  N N   . LYS A 1 188 ? 12.544  -3.113  -8.360  1.00 24.20  ? 188 LYS A N   1 
ATOM   956  C CA  . LYS A 1 188 ? 13.998  -3.273  -8.497  1.00 34.47  ? 188 LYS A CA  1 
ATOM   957  C C   . LYS A 1 188 ? 14.670  -2.035  -9.055  1.00 32.95  ? 188 LYS A C   1 
ATOM   958  O O   . LYS A 1 188 ? 15.884  -1.812  -8.931  1.00 28.29  ? 188 LYS A O   1 
ATOM   959  C CB  . LYS A 1 188 ? 14.263  -4.540  -9.348  1.00 29.72  ? 188 LYS A CB  1 
ATOM   960  C CG  . LYS A 1 188 ? 13.724  -5.754  -8.579  1.00 36.25  ? 188 LYS A CG  1 
ATOM   961  C CD  . LYS A 1 188 ? 13.913  -7.077  -9.277  1.00 43.92  ? 188 LYS A CD  1 
ATOM   962  C CE  . LYS A 1 188 ? 13.863  -8.272  -8.326  1.00 42.85  ? 188 LYS A CE  1 
ATOM   963  N NZ  . LYS A 1 188 ? 13.381  -9.505  -9.043  1.00 35.35  ? 188 LYS A NZ  1 
ATOM   964  N N   . LEU A 1 189 ? 13.868  -1.153  -9.668  1.00 22.13  ? 189 LEU A N   1 
ATOM   965  C CA  . LEU A 1 189 ? 14.350  0.140   -10.134 1.00 20.20  ? 189 LEU A CA  1 
ATOM   966  C C   . LEU A 1 189 ? 14.296  1.207   -9.052  1.00 21.92  ? 189 LEU A C   1 
ATOM   967  O O   . LEU A 1 189 ? 14.820  2.328   -9.143  1.00 24.51  ? 189 LEU A O   1 
ATOM   968  C CB  . LEU A 1 189 ? 13.490  0.612   -11.315 1.00 24.44  ? 189 LEU A CB  1 
ATOM   969  C CG  . LEU A 1 189 ? 13.637  -0.111  -12.654 1.00 28.82  ? 189 LEU A CG  1 
ATOM   970  C CD1 . LEU A 1 189 ? 12.479  0.247   -13.569 1.00 28.35  ? 189 LEU A CD1 1 
ATOM   971  C CD2 . LEU A 1 189 ? 14.954  0.258   -13.327 1.00 34.96  ? 189 LEU A CD2 1 
ATOM   972  N N   . ALA A 1 190 ? 13.596  0.958   -7.955  1.00 23.49  ? 190 ALA A N   1 
ATOM   973  C CA  . ALA A 1 190 ? 13.355  2.041   -7.018  1.00 21.33  ? 190 ALA A CA  1 
ATOM   974  C C   . ALA A 1 190 ? 14.581  2.476   -6.208  1.00 21.53  ? 190 ALA A C   1 
ATOM   975  O O   . ALA A 1 190 ? 15.434  1.655   -5.893  1.00 28.91  ? 190 ALA A O   1 
ATOM   976  C CB  . ALA A 1 190 ? 12.294  1.641   -5.987  1.00 19.04  ? 190 ALA A CB  1 
ATOM   977  N N   . LYS A 1 191 ? 14.587  3.753   -5.861  1.00 22.17  ? 191 LYS A N   1 
ATOM   978  C CA  . LYS A 1 191 ? 15.640  4.227   -4.940  1.00 30.84  ? 191 LYS A CA  1 
ATOM   979  C C   . LYS A 1 191 ? 14.961  4.572   -3.629  1.00 26.58  ? 191 LYS A C   1 
ATOM   980  O O   . LYS A 1 191 ? 14.425  5.661   -3.455  1.00 28.02  ? 191 LYS A O   1 
ATOM   981  C CB  . LYS A 1 191 ? 16.429  5.379   -5.547  1.00 40.14  ? 191 LYS A CB  1 
ATOM   982  C CG  . LYS A 1 191 ? 17.734  4.919   -6.189  1.00 57.11  ? 191 LYS A CG  1 
ATOM   983  C CD  . LYS A 1 191 ? 18.060  5.730   -7.434  1.00 64.19  ? 191 LYS A CD  1 
ATOM   984  C CE  . LYS A 1 191 ? 19.549  5.702   -7.748  1.00 55.62  ? 191 LYS A CE  1 
ATOM   985  N NZ  . LYS A 1 191 ? 20.081  7.083   -7.957  1.00 57.16  ? 191 LYS A NZ  1 
ATOM   986  N N   . ILE A 1 192 ? 14.941  3.605   -2.706  1.00 25.99  ? 192 ILE A N   1 
ATOM   987  C CA  . ILE A 1 192 ? 14.262  3.763   -1.416  1.00 24.37  ? 192 ILE A CA  1 
ATOM   988  C C   . ILE A 1 192 ? 15.153  4.534   -0.451  1.00 38.46  ? 192 ILE A C   1 
ATOM   989  O O   . ILE A 1 192 ? 16.315  4.159   -0.243  1.00 33.09  ? 192 ILE A O   1 
ATOM   990  C CB  . ILE A 1 192 ? 13.932  2.392   -0.800  1.00 28.84  ? 192 ILE A CB  1 
ATOM   991  C CG1 . ILE A 1 192 ? 13.305  1.420   -1.801  1.00 36.20  ? 192 ILE A CG1 1 
ATOM   992  C CG2 . ILE A 1 192 ? 13.060  2.536   0.432   1.00 31.17  ? 192 ILE A CG2 1 
ATOM   993  C CD1 . ILE A 1 192 ? 12.589  0.239   -1.164  1.00 29.88  ? 192 ILE A CD1 1 
ATOM   994  N N   . PRO A 1 193 ? 14.685  5.626   0.129   1.00 31.60  ? 193 PRO A N   1 
ATOM   995  C CA  . PRO A 1 193 ? 15.547  6.376   1.057   1.00 29.70  ? 193 PRO A CA  1 
ATOM   996  C C   . PRO A 1 193 ? 15.970  5.552   2.264   1.00 34.73  ? 193 PRO A C   1 
ATOM   997  O O   . PRO A 1 193 ? 15.275  4.618   2.675   1.00 33.39  ? 193 PRO A O   1 
ATOM   998  C CB  . PRO A 1 193 ? 14.633  7.513   1.528   1.00 30.60  ? 193 PRO A CB  1 
ATOM   999  C CG  . PRO A 1 193 ? 13.571  7.632   0.487   1.00 45.03  ? 193 PRO A CG  1 
ATOM   1000 C CD  . PRO A 1 193 ? 13.365  6.247   -0.071  1.00 41.38  ? 193 PRO A CD  1 
ATOM   1001 N N   . LYS A 1 194 ? 17.093  5.897   2.909   1.00 32.11  ? 194 LYS A N   1 
ATOM   1002 C CA  . LYS A 1 194 ? 17.401  5.232   4.178   1.00 34.43  ? 194 LYS A CA  1 
ATOM   1003 C C   . LYS A 1 194 ? 16.341  5.456   5.239   1.00 32.56  ? 194 LYS A C   1 
ATOM   1004 O O   . LYS A 1 194 ? 15.746  6.532   5.399   1.00 33.04  ? 194 LYS A O   1 
ATOM   1005 C CB  . LYS A 1 194 ? 18.752  5.753   4.707   1.00 49.78  ? 194 LYS A CB  1 
ATOM   1006 C CG  . LYS A 1 194 ? 19.370  4.875   5.786   1.00 50.24  ? 194 LYS A CG  1 
ATOM   1007 C CD  . LYS A 1 194 ? 20.159  5.671   6.811   1.00 58.41  ? 194 LYS A CD  1 
ATOM   1008 C CE  . LYS A 1 194 ? 21.207  4.821   7.515   1.00 57.48  ? 194 LYS A CE  1 
ATOM   1009 N NZ  . LYS A 1 194 ? 22.496  5.556   7.692   1.00 48.13  ? 194 LYS A NZ  1 
ATOM   1010 N N   . PRO A 1 195 ? 16.078  4.432   6.043   1.00 32.25  ? 195 PRO A N   1 
ATOM   1011 C CA  . PRO A 1 195 ? 15.178  4.601   7.180   1.00 37.98  ? 195 PRO A CA  1 
ATOM   1012 C C   . PRO A 1 195 ? 15.734  5.714   8.070   1.00 40.01  ? 195 PRO A C   1 
ATOM   1013 O O   . PRO A 1 195 ? 16.942  5.959   8.034   1.00 39.98  ? 195 PRO A O   1 
ATOM   1014 C CB  . PRO A 1 195 ? 15.247  3.255   7.899   1.00 33.67  ? 195 PRO A CB  1 
ATOM   1015 C CG  . PRO A 1 195 ? 15.613  2.302   6.802   1.00 35.70  ? 195 PRO A CG  1 
ATOM   1016 C CD  . PRO A 1 195 ? 16.600  3.053   5.957   1.00 36.54  ? 195 PRO A CD  1 
ATOM   1017 N N   . PRO A 1 196 ? 14.841  6.351   8.804   1.00 30.15  ? 196 PRO A N   1 
ATOM   1018 C CA  . PRO A 1 196 ? 15.215  7.489   9.643   1.00 39.35  ? 196 PRO A CA  1 
ATOM   1019 C C   . PRO A 1 196 ? 15.742  7.032   11.005  1.00 49.40  ? 196 PRO A C   1 
ATOM   1020 O O   . PRO A 1 196 ? 16.348  7.847   11.703  1.00 52.06  ? 196 PRO A O   1 
ATOM   1021 C CB  . PRO A 1 196 ? 13.870  8.197   9.799   1.00 42.79  ? 196 PRO A CB  1 
ATOM   1022 C CG  . PRO A 1 196 ? 12.867  7.078   9.802   1.00 40.76  ? 196 PRO A CG  1 
ATOM   1023 C CD  . PRO A 1 196 ? 13.411  6.023   8.902   1.00 32.25  ? 196 PRO A CD  1 
ATOM   1024 N N   . SER A 1 197 ? 15.502  5.771   11.350  1.00 45.78  ? 197 SER A N   1 
ATOM   1025 C CA  . SER A 1 197 ? 15.920  5.195   12.624  1.00 51.13  ? 197 SER A CA  1 
ATOM   1026 C C   . SER A 1 197 ? 15.908  3.671   12.634  1.00 54.91  ? 197 SER A C   1 
ATOM   1027 O O   . SER A 1 197 ? 15.037  3.081   11.988  1.00 43.95  ? 197 SER A O   1 
ATOM   1028 C CB  . SER A 1 197 ? 14.976  5.698   13.727  1.00 45.74  ? 197 SER A CB  1 
ATOM   1029 O OG  . SER A 1 197 ? 13.809  4.880   13.756  1.00 51.76  ? 197 SER A OG  1 
ATOM   1030 N N   . GLN A 1 198 ? 16.827  3.024   13.358  1.00 49.52  ? 198 GLN A N   1 
ATOM   1031 C CA  . GLN A 1 198 ? 16.813  1.564   13.488  1.00 42.85  ? 198 GLN A CA  1 
ATOM   1032 C C   . GLN A 1 198 ? 15.428  1.085   13.903  1.00 43.97  ? 198 GLN A C   1 
ATOM   1033 O O   . GLN A 1 198 ? 14.940  0.049   13.445  1.00 41.41  ? 198 GLN A O   1 
ATOM   1034 C CB  . GLN A 1 198 ? 17.865  1.064   14.479  1.00 49.69  ? 198 GLN A CB  1 
ATOM   1035 C CG  . GLN A 1 198 ? 17.711  -0.406  14.863  1.00 43.01  ? 198 GLN A CG  1 
ATOM   1036 C CD  . GLN A 1 198 ? 18.449  -1.317  13.910  1.00 39.71  ? 198 GLN A CD  1 
ATOM   1037 O OE1 . GLN A 1 198 ? 18.265  -2.537  13.856  1.00 54.73  ? 198 GLN A OE1 1 
ATOM   1038 N NE2 . GLN A 1 198 ? 19.316  -0.714  13.110  1.00 37.65  ? 198 GLN A NE2 1 
ATOM   1039 N N   . ALA A 1 199 ? 14.761  1.856   14.769  1.00 39.98  ? 199 ALA A N   1 
ATOM   1040 C CA  . ALA A 1 199 ? 13.427  1.433   15.180  1.00 40.31  ? 199 ALA A CA  1 
ATOM   1041 C C   . ALA A 1 199 ? 12.501  1.377   13.970  1.00 40.24  ? 199 ALA A C   1 
ATOM   1042 O O   . ALA A 1 199 ? 11.652  0.505   13.870  1.00 37.19  ? 199 ALA A O   1 
ATOM   1043 C CB  . ALA A 1 199 ? 12.798  2.372   16.203  1.00 41.73  ? 199 ALA A CB  1 
ATOM   1044 N N   . VAL A 1 200 ? 12.648  2.338   13.055  1.00 45.97  ? 200 VAL A N   1 
ATOM   1045 C CA  . VAL A 1 200 ? 11.676  2.329   11.948  1.00 45.42  ? 200 VAL A CA  1 
ATOM   1046 C C   . VAL A 1 200 ? 12.074  1.281   10.926  1.00 34.88  ? 200 VAL A C   1 
ATOM   1047 O O   . VAL A 1 200 ? 11.251  0.609   10.323  1.00 36.96  ? 200 VAL A O   1 
ATOM   1048 C CB  . VAL A 1 200 ? 11.546  3.718   11.309  1.00 43.89  ? 200 VAL A CB  1 
ATOM   1049 C CG1 . VAL A 1 200 ? 10.684  3.632   10.056  1.00 41.92  ? 200 VAL A CG1 1 
ATOM   1050 C CG2 . VAL A 1 200 ? 10.980  4.688   12.344  1.00 35.64  ? 200 VAL A CG2 1 
ATOM   1051 N N   . TYR A 1 201 ? 13.380  1.104   10.736  1.00 36.31  ? 201 TYR A N   1 
ATOM   1052 C CA  . TYR A 1 201 ? 13.832  -0.020  9.927   1.00 43.17  ? 201 TYR A CA  1 
ATOM   1053 C C   . TYR A 1 201 ? 13.243  -1.353  10.374  1.00 54.99  ? 201 TYR A C   1 
ATOM   1054 O O   . TYR A 1 201 ? 12.724  -2.129  9.552   1.00 35.75  ? 201 TYR A O   1 
ATOM   1055 C CB  . TYR A 1 201 ? 15.356  -0.034  9.990   1.00 36.94  ? 201 TYR A CB  1 
ATOM   1056 C CG  . TYR A 1 201 ? 15.966  -1.377  9.681   1.00 42.02  ? 201 TYR A CG  1 
ATOM   1057 C CD1 . TYR A 1 201 ? 15.929  -1.923  8.403   1.00 46.15  ? 201 TYR A CD1 1 
ATOM   1058 C CD2 . TYR A 1 201 ? 16.591  -2.078  10.706  1.00 39.58  ? 201 TYR A CD2 1 
ATOM   1059 C CE1 . TYR A 1 201 ? 16.511  -3.164  8.168   1.00 56.52  ? 201 TYR A CE1 1 
ATOM   1060 C CE2 . TYR A 1 201 ? 17.166  -3.311  10.469  1.00 45.37  ? 201 TYR A CE2 1 
ATOM   1061 C CZ  . TYR A 1 201 ? 17.125  -3.851  9.201   1.00 53.65  ? 201 TYR A CZ  1 
ATOM   1062 O OH  . TYR A 1 201 ? 17.710  -5.083  8.997   1.00 44.42  ? 201 TYR A OH  1 
ATOM   1063 N N   . GLU A 1 202 ? 13.280  -1.675  11.670  1.00 45.21  ? 202 GLU A N   1 
ATOM   1064 C CA  . GLU A 1 202 ? 12.726  -2.958  12.107  1.00 41.13  ? 202 GLU A CA  1 
ATOM   1065 C C   . GLU A 1 202 ? 11.252  -3.096  11.763  1.00 38.20  ? 202 GLU A C   1 
ATOM   1066 O O   . GLU A 1 202 ? 10.703  -4.180  11.527  1.00 39.71  ? 202 GLU A O   1 
ATOM   1067 C CB  . GLU A 1 202 ? 12.874  -3.158  13.618  1.00 44.76  ? 202 GLU A CB  1 
ATOM   1068 C CG  . GLU A 1 202 ? 14.134  -2.553  14.210  1.00 53.85  ? 202 GLU A CG  1 
ATOM   1069 C CD  . GLU A 1 202 ? 15.113  -3.596  14.700  1.00 54.64  ? 202 GLU A CD  1 
ATOM   1070 O OE1 . GLU A 1 202 ? 15.307  -4.583  13.962  1.00 63.79  ? 202 GLU A OE1 1 
ATOM   1071 O OE2 . GLU A 1 202 ? 15.682  -3.438  15.800  1.00 50.93  ? 202 GLU A OE2 1 
ATOM   1072 N N   . VAL A 1 203 ? 10.569  -1.950  11.738  1.00 40.20  ? 203 VAL A N   1 
ATOM   1073 C CA  . VAL A 1 203 ? 9.138   -2.000  11.424  1.00 40.92  ? 203 VAL A CA  1 
ATOM   1074 C C   . VAL A 1 203 ? 8.884   -2.425  9.983   1.00 33.52  ? 203 VAL A C   1 
ATOM   1075 O O   . VAL A 1 203 ? 7.898   -3.111  9.711   1.00 32.47  ? 203 VAL A O   1 
ATOM   1076 C CB  . VAL A 1 203 ? 8.489   -0.635  11.704  1.00 39.18  ? 203 VAL A CB  1 
ATOM   1077 C CG1 . VAL A 1 203 ? 7.071   -0.570  11.172  1.00 25.55  ? 203 VAL A CG1 1 
ATOM   1078 C CG2 . VAL A 1 203 ? 8.493   -0.373  13.208  1.00 37.12  ? 203 VAL A CG2 1 
ATOM   1079 N N   . PHE A 1 204 ? 9.767   -2.033  9.065   1.00 32.16  ? 204 PHE A N   1 
ATOM   1080 C CA  . PHE A 1 204 ? 9.514   -2.262  7.645   1.00 29.14  ? 204 PHE A CA  1 
ATOM   1081 C C   . PHE A 1 204 ? 10.480  -3.246  7.018   1.00 32.01  ? 204 PHE A C   1 
ATOM   1082 O O   . PHE A 1 204 ? 10.326  -3.573  5.836   1.00 34.20  ? 204 PHE A O   1 
ATOM   1083 C CB  . PHE A 1 204 ? 9.612   -0.920  6.871   1.00 28.05  ? 204 PHE A CB  1 
ATOM   1084 C CG  . PHE A 1 204 ? 8.422   -0.044  7.205   1.00 29.76  ? 204 PHE A CG  1 
ATOM   1085 C CD1 . PHE A 1 204 ? 7.156   -0.354  6.733   1.00 29.15  ? 204 PHE A CD1 1 
ATOM   1086 C CD2 . PHE A 1 204 ? 8.594   1.076   8.007   1.00 31.94  ? 204 PHE A CD2 1 
ATOM   1087 C CE1 . PHE A 1 204 ? 6.055   0.423   7.061   1.00 34.72  ? 204 PHE A CE1 1 
ATOM   1088 C CE2 . PHE A 1 204 ? 7.493   1.851   8.320   1.00 25.02  ? 204 PHE A CE2 1 
ATOM   1089 C CZ  . PHE A 1 204 ? 6.228   1.543   7.874   1.00 29.52  ? 204 PHE A CZ  1 
ATOM   1090 N N   . LYS A 1 205 ? 11.469  -3.715  7.770   1.00 30.32  ? 205 LYS A N   1 
ATOM   1091 C CA  . LYS A 1 205 ? 12.486  -4.581  7.170   1.00 36.76  ? 205 LYS A CA  1 
ATOM   1092 C C   . LYS A 1 205 ? 11.895  -5.795  6.453   1.00 37.16  ? 205 LYS A C   1 
ATOM   1093 O O   . LYS A 1 205 ? 12.552  -6.287  5.527   1.00 37.86  ? 205 LYS A O   1 
ATOM   1094 C CB  . LYS A 1 205 ? 13.502  -5.005  8.218   1.00 47.99  ? 205 LYS A CB  1 
ATOM   1095 C CG  . LYS A 1 205 ? 13.207  -6.241  9.037   1.00 58.16  ? 205 LYS A CG  1 
ATOM   1096 C CD  . LYS A 1 205 ? 14.294  -6.417  10.096  1.00 65.73  ? 205 LYS A CD  1 
ATOM   1097 C CE  . LYS A 1 205 ? 14.558  -7.889  10.373  1.00 71.30  ? 205 LYS A CE  1 
ATOM   1098 N NZ  . LYS A 1 205 ? 13.796  -8.378  11.557  1.00 73.04  ? 205 LYS A NZ  1 
ATOM   1099 N N   . ASN A 1 206 ? 10.714  -6.275  6.800   1.00 37.12  ? 206 ASN A N   1 
ATOM   1100 C CA  . ASN A 1 206 ? 10.085  -7.383  6.079   1.00 37.10  ? 206 ASN A CA  1 
ATOM   1101 C C   . ASN A 1 206 ? 8.652   -7.086  5.655   1.00 42.86  ? 206 ASN A C   1 
ATOM   1102 O O   . ASN A 1 206 ? 7.765   -7.939  5.802   1.00 37.25  ? 206 ASN A O   1 
ATOM   1103 C CB  . ASN A 1 206 ? 10.099  -8.654  6.947   1.00 41.48  ? 206 ASN A CB  1 
ATOM   1104 C CG  . ASN A 1 206 ? 11.419  -9.390  6.801   1.00 53.48  ? 206 ASN A CG  1 
ATOM   1105 O OD1 . ASN A 1 206 ? 11.693  -9.979  5.752   1.00 82.91  ? 206 ASN A OD1 1 
ATOM   1106 N ND2 . ASN A 1 206 ? 12.241  -9.359  7.839   1.00 68.05  ? 206 ASN A ND2 1 
ATOM   1107 N N   . ALA A 1 207 ? 8.375   -5.894  5.129   1.00 34.27  ? 207 ALA A N   1 
ATOM   1108 C CA  . ALA A 1 207 ? 7.010   -5.417  4.967   1.00 30.98  ? 207 ALA A CA  1 
ATOM   1109 C C   . ALA A 1 207 ? 6.260   -6.023  3.786   1.00 31.93  ? 207 ALA A C   1 
ATOM   1110 O O   . ALA A 1 207 ? 6.855   -6.237  2.740   1.00 30.54  ? 207 ALA A O   1 
ATOM   1111 C CB  . ALA A 1 207 ? 7.000   -3.899  4.761   1.00 30.06  ? 207 ALA A CB  1 
ATOM   1112 N N   . PRO A 1 208 ? 4.966   -6.250  3.989   1.00 29.01  ? 208 PRO A N   1 
ATOM   1113 C CA  . PRO A 1 208 ? 4.034   -6.538  2.916   1.00 26.06  ? 208 PRO A CA  1 
ATOM   1114 C C   . PRO A 1 208 ? 3.758   -5.317  2.032   1.00 32.33  ? 208 PRO A C   1 
ATOM   1115 O O   . PRO A 1 208 ? 3.618   -4.209  2.538   1.00 34.00  ? 208 PRO A O   1 
ATOM   1116 C CB  . PRO A 1 208 ? 2.744   -6.929  3.642   1.00 37.11  ? 208 PRO A CB  1 
ATOM   1117 C CG  . PRO A 1 208 ? 2.870   -6.332  5.000   1.00 39.19  ? 208 PRO A CG  1 
ATOM   1118 C CD  . PRO A 1 208 ? 4.330   -6.262  5.313   1.00 32.50  ? 208 PRO A CD  1 
ATOM   1119 N N   . LEU A 1 209 ? 3.667   -5.534  0.730   1.00 22.67  ? 209 LEU A N   1 
ATOM   1120 C CA  . LEU A 1 209 ? 3.500   -4.511  -0.301  1.00 21.30  ? 209 LEU A CA  1 
ATOM   1121 C C   . LEU A 1 209 ? 2.433   -4.954  -1.258  1.00 26.69  ? 209 LEU A C   1 
ATOM   1122 O O   . LEU A 1 209 ? 2.605   -6.067  -1.773  1.00 28.77  ? 209 LEU A O   1 
ATOM   1123 C CB  . LEU A 1 209 ? 4.873   -4.431  -0.988  1.00 26.23  ? 209 LEU A CB  1 
ATOM   1124 C CG  . LEU A 1 209 ? 5.213   -3.288  -1.925  1.00 46.73  ? 209 LEU A CG  1 
ATOM   1125 C CD1 . LEU A 1 209 ? 5.666   -2.061  -1.142  1.00 42.07  ? 209 LEU A CD1 1 
ATOM   1126 C CD2 . LEU A 1 209 ? 6.296   -3.718  -2.905  1.00 42.39  ? 209 LEU A CD2 1 
ATOM   1127 N N   . ASP A 1 210 ? 1.371   -4.220  -1.538  1.00 22.62  ? 210 ASP A N   1 
ATOM   1128 C CA  . ASP A 1 210 ? 0.461   -4.635  -2.580  1.00 19.46  ? 210 ASP A CA  1 
ATOM   1129 C C   . ASP A 1 210 ? 0.541   -3.666  -3.767  1.00 30.78  ? 210 ASP A C   1 
ATOM   1130 O O   . ASP A 1 210 ? 0.827   -2.481  -3.570  1.00 24.30  ? 210 ASP A O   1 
ATOM   1131 C CB  . ASP A 1 210 ? -0.994  -4.672  -2.164  1.00 19.97  ? 210 ASP A CB  1 
ATOM   1132 C CG  . ASP A 1 210 ? -1.311  -5.496  -0.926  1.00 27.95  ? 210 ASP A CG  1 
ATOM   1133 O OD1 . ASP A 1 210 ? -0.434  -6.236  -0.469  1.00 29.55  ? 210 ASP A OD1 1 
ATOM   1134 O OD2 . ASP A 1 210 ? -2.466  -5.388  -0.434  1.00 31.46  ? 210 ASP A OD2 1 
ATOM   1135 N N   . PHE A 1 211 ? 0.234   -4.204  -4.947  1.00 22.48  ? 211 PHE A N   1 
ATOM   1136 C CA  . PHE A 1 211 ? -0.039  -3.369  -6.108  1.00 24.00  ? 211 PHE A CA  1 
ATOM   1137 C C   . PHE A 1 211 ? -1.500  -3.495  -6.510  1.00 24.44  ? 211 PHE A C   1 
ATOM   1138 O O   . PHE A 1 211 ? -2.036  -4.546  -6.888  1.00 24.81  ? 211 PHE A O   1 
ATOM   1139 C CB  . PHE A 1 211 ? 0.863   -3.739  -7.299  1.00 18.86  ? 211 PHE A CB  1 
ATOM   1140 C CG  . PHE A 1 211 ? 2.297   -3.236  -7.203  1.00 23.25  ? 211 PHE A CG  1 
ATOM   1141 C CD1 . PHE A 1 211 ? 3.110   -3.517  -6.130  1.00 18.56  ? 211 PHE A CD1 1 
ATOM   1142 C CD2 . PHE A 1 211 ? 2.787   -2.466  -8.249  1.00 25.73  ? 211 PHE A CD2 1 
ATOM   1143 C CE1 . PHE A 1 211 ? 4.416   -3.044  -6.086  1.00 15.92  ? 211 PHE A CE1 1 
ATOM   1144 C CE2 . PHE A 1 211 ? 4.084   -1.987  -8.225  1.00 28.89  ? 211 PHE A CE2 1 
ATOM   1145 C CZ  . PHE A 1 211 ? 4.884   -2.269  -7.127  1.00 21.26  ? 211 PHE A CZ  1 
ATOM   1146 N N   . LYS A 1 212 ? -2.268  -2.411  -6.488  1.00 15.19  ? 212 LYS A N   1 
ATOM   1147 C CA  . LYS A 1 212 ? -3.650  -2.507  -6.985  1.00 18.26  ? 212 LYS A CA  1 
ATOM   1148 C C   . LYS A 1 212 ? -3.992  -1.330  -7.881  1.00 26.40  ? 212 LYS A C   1 
ATOM   1149 O O   . LYS A 1 212 ? -4.599  -0.344  -7.436  1.00 24.06  ? 212 LYS A O   1 
ATOM   1150 C CB  . LYS A 1 212 ? -4.588  -2.565  -5.766  1.00 25.55  ? 212 LYS A CB  1 
ATOM   1151 C CG  . LYS A 1 212 ? -6.051  -2.735  -6.157  1.00 22.67  ? 212 LYS A CG  1 
ATOM   1152 C CD  . LYS A 1 212 ? -6.940  -2.824  -4.913  1.00 36.55  ? 212 LYS A CD  1 
ATOM   1153 C CE  . LYS A 1 212 ? -8.281  -2.164  -5.213  1.00 55.34  ? 212 LYS A CE  1 
ATOM   1154 N NZ  . LYS A 1 212 ? -9.367  -3.168  -5.397  1.00 47.15  ? 212 LYS A NZ  1 
ATOM   1155 N N   . PRO A 1 213 ? -3.591  -1.382  -9.152  1.00 24.83  ? 213 PRO A N   1 
ATOM   1156 C CA  . PRO A 1 213 ? -3.591  -0.236  -10.049 1.00 22.34  ? 213 PRO A CA  1 
ATOM   1157 C C   . PRO A 1 213 ? -4.942  0.292   -10.505 1.00 31.78  ? 213 PRO A C   1 
ATOM   1158 O O   . PRO A 1 213 ? -5.902  -0.462  -10.645 1.00 29.03  ? 213 PRO A O   1 
ATOM   1159 C CB  . PRO A 1 213 ? -2.904  -0.772  -11.318 1.00 35.63  ? 213 PRO A CB  1 
ATOM   1160 C CG  . PRO A 1 213 ? -2.446  -2.151  -11.053 1.00 30.10  ? 213 PRO A CG  1 
ATOM   1161 C CD  . PRO A 1 213 ? -3.049  -2.614  -9.775  1.00 25.69  ? 213 PRO A CD  1 
ATOM   1162 N N   . ALA A 1 214 ? -4.999  1.605   -10.775 1.00 24.56  ? 214 ALA A N   1 
ATOM   1163 C CA  . ALA A 1 214 ? -6.311  2.112   -11.228 1.00 39.85  ? 214 ALA A CA  1 
ATOM   1164 C C   . ALA A 1 214 ? -6.502  2.060   -12.733 1.00 39.60  ? 214 ALA A C   1 
ATOM   1165 O O   . ALA A 1 214 ? -5.578  1.934   -13.533 1.00 28.31  ? 214 ALA A O   1 
ATOM   1166 C CB  . ALA A 1 214 ? -6.496  3.552   -10.732 1.00 41.19  ? 214 ALA A CB  1 
ATOM   1167 N N   . ALA A 1 215 ? -7.751  2.192   -13.178 1.00 45.60  ? 215 ALA A N   1 
ATOM   1168 C CA  . ALA A 1 215 ? -8.087  2.316   -14.585 1.00 37.94  ? 215 ALA A CA  1 
ATOM   1169 C C   . ALA A 1 215 ? -7.359  3.479   -15.257 1.00 44.65  ? 215 ALA A C   1 
ATOM   1170 O O   . ALA A 1 215 ? -7.190  4.531   -14.609 1.00 41.85  ? 215 ALA A O   1 
ATOM   1171 C CB  . ALA A 1 215 ? -9.595  2.505   -14.732 1.00 38.81  ? 215 ALA A CB  1 
ATOM   1172 N N   . ALA A 1 216 ? -6.945  3.378   -16.421 1.00 41.48  ? 216 ALA A N   1 
HETATM 1173 O O   . HOH B 2 .   ? 2.323   3.751   -10.912 1.00 20.60  ? 301 HOH A O   1 
HETATM 1174 O O   . HOH B 2 .   ? -2.768  -9.087  -16.513 1.00 22.46  ? 302 HOH A O   1 
HETATM 1175 O O   . HOH B 2 .   ? -0.240  0.095   -8.703  1.00 24.62  ? 303 HOH A O   1 
HETATM 1176 O O   . HOH B 2 .   ? -5.837  -10.130 -9.852  1.00 27.37  ? 304 HOH A O   1 
HETATM 1177 O O   . HOH B 2 .   ? 0.027   2.852   -9.396  1.00 20.62  ? 305 HOH A O   1 
HETATM 1178 O O   . HOH B 2 .   ? -0.450  8.467   -7.311  1.00 29.44  ? 306 HOH A O   1 
HETATM 1179 O O   . HOH B 2 .   ? -4.761  -4.799  -2.077  1.00 30.02  ? 307 HOH A O   1 
HETATM 1180 O O   . HOH B 2 .   ? -1.731  6.062   -6.663  1.00 21.36  ? 308 HOH A O   1 
HETATM 1181 O O   . HOH B 2 .   ? -6.607  -2.936  -9.861  1.00 28.79  ? 309 HOH A O   1 
HETATM 1182 O O   . HOH B 2 .   ? -3.254  3.459   -13.097 1.00 27.20  ? 310 HOH A O   1 
HETATM 1183 O O   . HOH B 2 .   ? -4.183  -6.846  -17.195 1.00 27.09  ? 311 HOH A O   1 
HETATM 1184 O O   . HOH B 2 .   ? -0.813  4.284   -15.462 1.00 34.30  ? 312 HOH A O   1 
HETATM 1185 O O   . HOH B 2 .   ? 7.137   -2.344  -14.272 1.00 25.45  ? 313 HOH A O   1 
HETATM 1186 O O   . HOH B 2 .   ? -1.669  -12.639 -15.937 1.00 27.70  ? 314 HOH A O   1 
HETATM 1187 O O   . HOH B 2 .   ? 9.092   -0.501  -14.252 1.00 38.67  ? 315 HOH A O   1 
HETATM 1188 O O   . HOH B 2 .   ? -2.657  3.119   -10.127 1.00 25.40  ? 316 HOH A O   1 
HETATM 1189 O O   . HOH B 2 .   ? -3.394  -7.941  -0.137  1.00 35.01  ? 317 HOH A O   1 
HETATM 1190 O O   . HOH B 2 .   ? 17.386  -1.056  -3.747  1.00 35.49  ? 318 HOH A O   1 
HETATM 1191 O O   . HOH B 2 .   ? 18.716  2.145   9.557   1.00 45.08  ? 319 HOH A O   1 
HETATM 1192 O O   . HOH B 2 .   ? -16.155 6.278   10.627  1.00 59.27  ? 320 HOH A O   1 
HETATM 1193 O O   . HOH B 2 .   ? -6.713  -3.073  -1.402  1.00 29.38  ? 321 HOH A O   1 
HETATM 1194 O O   . HOH B 2 .   ? 15.315  -1.049  -5.495  1.00 31.18  ? 322 HOH A O   1 
HETATM 1195 O O   . HOH B 2 .   ? 11.431  -12.298 -12.741 1.00 42.50  ? 323 HOH A O   1 
HETATM 1196 O O   . HOH B 2 .   ? 10.420  8.464   -1.475  1.00 26.23  ? 324 HOH A O   1 
HETATM 1197 O O   . HOH B 2 .   ? 16.447  3.562   -11.024 1.00 40.84  ? 325 HOH A O   1 
HETATM 1198 O O   . HOH B 2 .   ? 8.774   -6.302  8.572   1.00 48.75  ? 326 HOH A O   1 
HETATM 1199 O O   . HOH B 2 .   ? 11.156  9.720   -7.969  1.00 30.56  ? 327 HOH A O   1 
HETATM 1200 O O   . HOH B 2 .   ? 4.795   -3.984  -18.262 1.00 39.35  ? 328 HOH A O   1 
HETATM 1201 O O   . HOH B 2 .   ? -11.567 0.828   -5.639  1.00 53.56  ? 329 HOH A O   1 
HETATM 1202 O O   . HOH B 2 .   ? 12.403  5.446   -6.946  1.00 27.32  ? 330 HOH A O   1 
HETATM 1203 O O   . HOH B 2 .   ? 20.181  1.094   11.620  1.00 43.62  ? 331 HOH A O   1 
HETATM 1204 O O   . HOH B 2 .   ? -10.994 0.749   10.086  1.00 45.99  ? 332 HOH A O   1 
HETATM 1205 O O   . HOH B 2 .   ? 7.410   -16.116 -4.739  1.00 32.17  ? 333 HOH A O   1 
HETATM 1206 O O   . HOH B 2 .   ? 13.559  -3.728  -13.184 1.00 31.66  ? 334 HOH A O   1 
HETATM 1207 O O   . HOH B 2 .   ? -11.722 12.992  0.929   1.00 46.03  ? 335 HOH A O   1 
HETATM 1208 O O   . HOH B 2 .   ? 2.041   -2.893  -20.053 1.00 46.56  ? 336 HOH A O   1 
HETATM 1209 O O   . HOH B 2 .   ? -13.725 7.822   11.677  1.00 55.85  ? 337 HOH A O   1 
HETATM 1210 O O   . HOH B 2 .   ? -6.165  4.841   -7.293  1.00 26.81  ? 338 HOH A O   1 
HETATM 1211 O O   . HOH B 2 .   ? 17.566  -6.609  14.121  1.00 57.72  ? 339 HOH A O   1 
HETATM 1212 O O   . HOH B 2 .   ? 0.012   -9.562  3.362   1.00 37.66  ? 340 HOH A O   1 
HETATM 1213 O O   . HOH B 2 .   ? 6.109   10.340  3.198   1.00 41.81  ? 341 HOH A O   1 
HETATM 1214 O O   . HOH B 2 .   ? -4.521  -5.540  6.024   1.00 43.06  ? 342 HOH A O   1 
HETATM 1215 O O   . HOH B 2 .   ? -4.021  -4.059  -20.833 1.00 43.27  ? 343 HOH A O   1 
HETATM 1216 O O   . HOH B 2 .   ? 6.037   -0.237  -15.824 1.00 43.27  ? 344 HOH A O   1 
HETATM 1217 O O   . HOH B 2 .   ? -15.197 10.014  5.086   1.00 46.09  ? 345 HOH A O   1 
HETATM 1218 O O   . HOH B 2 .   ? 16.765  1.323   -2.304  1.00 33.67  ? 346 HOH A O   1 
HETATM 1219 O O   . HOH B 2 .   ? 14.760  -11.038 -5.965  1.00 98.61  ? 347 HOH A O   1 
HETATM 1220 O O   . HOH B 2 .   ? -1.436  -2.120  -22.456 1.00 65.52  ? 348 HOH A O   1 
HETATM 1221 O O   . HOH B 2 .   ? -5.405  -12.696 -13.280 1.00 42.80  ? 349 HOH A O   1 
HETATM 1222 O O   . HOH B 2 .   ? 21.794  4.978   1.907   1.00 51.54  ? 350 HOH A O   1 
HETATM 1223 O O   . HOH B 2 .   ? 3.602   10.960  3.987   1.00 54.93  ? 351 HOH A O   1 
HETATM 1224 O O   . HOH B 2 .   ? -9.717  12.662  -5.633  1.00 55.29  ? 352 HOH A O   1 
HETATM 1225 O O   . HOH B 2 .   ? -6.372  -0.802  -19.904 1.00 63.62  ? 353 HOH A O   1 
HETATM 1226 O O   . HOH B 2 .   ? 19.780  -5.386  13.007  1.00 43.64  ? 354 HOH A O   1 
HETATM 1227 O O   . HOH B 2 .   ? -10.834 11.831  3.985   1.00 39.00  ? 355 HOH A O   1 
HETATM 1228 O O   . HOH B 2 .   ? 18.336  4.737   10.334  1.00 50.67  ? 356 HOH A O   1 
HETATM 1229 O O   . HOH B 2 .   ? -21.472 9.849   8.764   1.00 62.66  ? 357 HOH A O   1 
HETATM 1230 O O   . HOH B 2 .   ? -7.973  6.625   -16.840 1.00 50.99  ? 358 HOH A O   1 
HETATM 1231 O O   . HOH B 2 .   ? -9.630  2.691   -11.166 1.00 49.57  ? 359 HOH A O   1 
HETATM 1232 O O   . HOH B 2 .   ? -3.674  5.257   -8.545  1.00 24.31  ? 360 HOH A O   1 
HETATM 1233 O O   . HOH B 2 .   ? 12.664  -2.759  -16.093 1.00 31.42  ? 361 HOH A O   1 
HETATM 1234 O O   . HOH B 2 .   ? 11.593  -13.142 -10.282 1.00 41.44  ? 362 HOH A O   1 
HETATM 1235 O O   . HOH B 2 .   ? -9.413  9.462   3.560   1.00 36.51  ? 363 HOH A O   1 
HETATM 1236 O O   . HOH B 2 .   ? 10.689  -0.784  -16.272 1.00 32.91  ? 364 HOH A O   1 
HETATM 1237 O O   . HOH B 2 .   ? 9.199   10.838  -0.855  1.00 40.28  ? 365 HOH A O   1 
HETATM 1238 O O   . HOH B 2 .   ? -22.277 1.605   2.036   1.00 42.23  ? 366 HOH A O   1 
HETATM 1239 O O   . HOH B 2 .   ? 1.274   -14.703 -9.150  1.00 42.10  ? 367 HOH A O   1 
HETATM 1240 O O   . HOH B 2 .   ? -20.551 15.287  6.380   1.00 39.24  ? 368 HOH A O   1 
HETATM 1241 O O   . HOH B 2 .   ? 10.025  8.781   -5.490  1.00 44.26  ? 369 HOH A O   1 
HETATM 1242 O O   . HOH B 2 .   ? -4.183  10.205  -5.476  1.00 44.69  ? 370 HOH A O   1 
HETATM 1243 O O   . HOH B 2 .   ? 15.300  4.168   -13.366 1.00 46.21  ? 371 HOH A O   1 
HETATM 1244 O O   . HOH B 2 .   ? -9.629  15.818  1.278   1.00 50.49  ? 372 HOH A O   1 
HETATM 1245 O O   . HOH B 2 .   ? 18.733  7.967   1.765   1.00 50.61  ? 373 HOH A O   1 
HETATM 1246 O O   . HOH B 2 .   ? -7.775  -6.504  -4.683  1.00 33.70  ? 374 HOH A O   1 
HETATM 1247 O O   . HOH B 2 .   ? 16.096  -8.325  -4.829  1.00 58.14  ? 375 HOH A O   1 
HETATM 1248 O O   . HOH B 2 .   ? -7.331  0.149   -7.743  1.00 49.03  ? 376 HOH A O   1 
HETATM 1249 O O   . HOH B 2 .   ? 11.977  8.809   -3.618  1.00 39.02  ? 377 HOH A O   1 
HETATM 1250 O O   . HOH B 2 .   ? -13.806 15.281  -0.569  1.00 45.13  ? 378 HOH A O   1 
HETATM 1251 O O   . HOH B 2 .   ? 13.397  7.301   -4.995  1.00 45.02  ? 379 HOH A O   1 
HETATM 1252 O O   . HOH B 2 .   ? -8.207  -5.930  -8.399  1.00 64.82  ? 380 HOH A O   1 
HETATM 1253 O O   . HOH B 2 .   ? -9.849  -8.068  -14.226 1.00 60.60  ? 381 HOH A O   1 
HETATM 1254 O O   . HOH B 2 .   ? -22.236 13.964  9.173   1.00 50.32  ? 382 HOH A O   1 
HETATM 1255 O O   . HOH B 2 .   ? -6.686  12.091  -7.620  1.00 58.58  ? 383 HOH A O   1 
HETATM 1256 O O   . HOH B 2 .   ? 19.286  8.014   8.067   1.00 92.91  ? 384 HOH A O   1 
HETATM 1257 O O   . HOH B 2 .   ? 0.749   5.258   -18.701 1.00 70.48  ? 385 HOH A O   1 
HETATM 1258 O O   . HOH B 2 .   ? 5.426   -3.105  13.513  1.00 66.64  ? 386 HOH A O   1 
HETATM 1259 O O   . HOH B 2 .   ? -3.246  1.131   -20.638 1.00 67.60  ? 387 HOH A O   1 
HETATM 1260 O O   . HOH B 2 .   ? -6.644  14.528  -0.668  1.00 54.87  ? 388 HOH A O   1 
HETATM 1261 O O   . HOH B 2 .   ? -21.933 6.428   8.105   1.00 42.07  ? 389 HOH A O   1 
HETATM 1262 O O   . HOH B 2 .   ? 6.675   -15.923 -1.166  1.00 55.03  ? 390 HOH A O   1 
HETATM 1263 O O   . HOH B 2 .   ? -28.362 13.064  -5.616  1.00 76.88  ? 391 HOH A O   1 
HETATM 1264 O O   . HOH B 2 .   ? -8.900  -0.905  -11.433 1.00 46.79  ? 392 HOH A O   1 
HETATM 1265 O O   . HOH B 2 .   ? -18.268 1.678   -4.905  1.00 62.54  ? 393 HOH A O   1 
HETATM 1266 O O   . HOH B 2 .   ? 9.991   -15.803 -4.575  1.00 44.99  ? 394 HOH A O   1 
HETATM 1267 O O   . HOH B 2 .   ? -0.492  1.702   -18.842 1.00 59.30  ? 395 HOH A O   1 
HETATM 1268 O O   . HOH B 2 .   ? 18.117  -6.216  6.798   1.00 64.02  ? 396 HOH A O   1 
HETATM 1269 O O   . HOH B 2 .   ? 22.065  8.598   -10.185 1.00 90.66  ? 397 HOH A O   1 
HETATM 1270 O O   . HOH B 2 .   ? 5.330   -14.787 4.087   1.00 61.83  ? 398 HOH A O   1 
HETATM 1271 O O   . HOH B 2 .   ? -7.257  -8.327  8.734   1.00 54.80  ? 399 HOH A O   1 
HETATM 1272 O O   . HOH B 2 .   ? -5.053  6.055   -13.807 1.00 53.50  ? 400 HOH A O   1 
HETATM 1273 O O   . HOH B 2 .   ? 13.279  3.783   -14.762 1.00 39.40  ? 401 HOH A O   1 
HETATM 1274 O O   . HOH B 2 .   ? 20.290  -5.844  10.274  1.00 39.66  ? 402 HOH A O   1 
HETATM 1275 O O   . HOH B 2 .   ? 15.752  3.624   16.867  1.00 47.78  ? 403 HOH A O   1 
HETATM 1276 O O   . HOH B 2 .   ? 11.262  -12.857 -6.164  1.00 54.42  ? 404 HOH A O   1 
HETATM 1277 O O   . HOH B 2 .   ? 9.656   4.616   18.826  1.00 49.50  ? 405 HOH A O   1 
HETATM 1278 O O   . HOH B 2 .   ? -10.007 -3.024  12.076  1.00 55.88  ? 406 HOH A O   1 
HETATM 1279 O O   . HOH B 2 .   ? 2.427   -15.502 -7.332  1.00 67.22  ? 407 HOH A O   1 
HETATM 1280 O O   . HOH B 2 .   ? -20.223 0.610   2.307   1.00 54.12  ? 408 HOH A O   1 
HETATM 1281 O O   . HOH B 2 .   ? 17.831  0.768   -8.394  1.00 105.04 ? 409 HOH A O   1 
HETATM 1282 O O   . HOH B 2 .   ? -13.393 11.753  5.094   1.00 47.91  ? 410 HOH A O   1 
HETATM 1283 O O   . HOH B 2 .   ? -4.347  7.225   -10.198 1.00 57.28  ? 411 HOH A O   1 
HETATM 1284 O O   . HOH B 2 .   ? 12.592  -11.667 -8.080  1.00 46.79  ? 412 HOH A O   1 
HETATM 1285 O O   . HOH B 2 .   ? 12.921  -8.953  -12.006 1.00 58.36  ? 413 HOH A O   1 
HETATM 1286 O O   . HOH B 2 .   ? -7.054  -14.783 -14.255 1.00 42.62  ? 414 HOH A O   1 
HETATM 1287 O O   . HOH B 2 .   ? -13.141 -2.448  -3.571  1.00 80.90  ? 415 HOH A O   1 
HETATM 1288 O O   . HOH B 2 .   ? 9.593   12.418  2.742   1.00 49.27  ? 416 HOH A O   1 
HETATM 1289 O O   . HOH B 2 .   ? -10.745 -1.334  -13.111 1.00 48.34  ? 417 HOH A O   1 
HETATM 1290 O O   . HOH B 2 .   ? 15.296  -2.086  -17.018 1.00 48.11  ? 418 HOH A O   1 
HETATM 1291 O O   . HOH B 2 .   ? -9.681  2.643   -7.977  1.00 62.03  ? 419 HOH A O   1 
HETATM 1292 O O   . HOH B 2 .   ? 11.822  1.356   -17.624 1.00 57.24  ? 420 HOH A O   1 
HETATM 1293 O O   . HOH B 2 .   ? -18.746 8.203   11.986  1.00 59.18  ? 421 HOH A O   1 
HETATM 1294 O O   . HOH B 2 .   ? 2.511   -0.377  14.077  1.00 59.28  ? 422 HOH A O   1 
HETATM 1295 O O   . HOH B 2 .   ? -11.695 12.540  12.569  1.00 61.53  ? 423 HOH A O   1 
HETATM 1296 O O   . HOH B 2 .   ? -14.999 -0.985  -5.107  1.00 70.95  ? 424 HOH A O   1 
HETATM 1297 O O   . HOH B 2 .   ? 16.875  10.732  11.154  1.00 76.09  ? 425 HOH A O   1 
HETATM 1298 O O   . HOH B 2 .   ? -20.428 10.152  10.790  1.00 63.85  ? 426 HOH A O   1 
HETATM 1299 O O   . HOH B 2 .   ? 14.220  -2.067  -20.215 1.00 63.49  ? 427 HOH A O   1 
HETATM 1300 O O   . HOH B 2 .   ? 11.845  12.998  5.983   1.00 60.93  ? 428 HOH A O   1 
HETATM 1301 O O   . HOH B 2 .   ? 10.696  -0.620  16.162  1.00 59.32  ? 429 HOH A O   1 
HETATM 1302 O O   . HOH B 2 .   ? -14.392 10.296  -4.999  1.00 56.40  ? 430 HOH A O   1 
HETATM 1303 O O   . HOH B 2 .   ? 15.871  10.216  4.462   1.00 75.10  ? 431 HOH A O   1 
HETATM 1304 O O   . HOH B 2 .   ? -8.699  -10.176 -10.790 1.00 87.90  ? 432 HOH A O   1 
HETATM 1305 O O   . HOH B 2 .   ? 13.897  8.509   5.556   1.00 55.36  ? 433 HOH A O   1 
HETATM 1306 O O   . HOH B 2 .   ? 17.287  -3.268  -6.702  1.00 53.90  ? 434 HOH A O   1 
HETATM 1307 O O   . HOH B 2 .   ? 14.840  -6.582  12.940  1.00 78.00  ? 435 HOH A O   1 
HETATM 1308 O O   . HOH B 2 .   ? -8.602  9.637   -17.324 1.00 57.94  ? 436 HOH A O   1 
HETATM 1309 O O   . HOH B 2 .   ? 23.496  3.729   6.031   1.00 48.64  ? 437 HOH A O   1 
HETATM 1310 O O   . HOH B 2 .   ? -15.535 -6.149  9.294   1.00 73.20  ? 438 HOH A O   1 
HETATM 1311 O O   . HOH B 2 .   ? 0.436   -3.841  11.938  1.00 69.22  ? 439 HOH A O   1 
HETATM 1312 O O   . HOH B 2 .   ? -5.657  11.103  6.973   1.00 75.18  ? 440 HOH A O   1 
HETATM 1313 O O   . HOH B 2 .   ? 16.506  -3.323  -13.078 1.00 47.03  ? 441 HOH A O   1 
HETATM 1314 O O   . HOH B 2 .   ? -24.837 0.678   5.334   1.00 103.34 ? 442 HOH A O   1 
HETATM 1315 O O   . HOH B 2 .   ? -6.906  5.592   11.651  1.00 84.24  ? 443 HOH A O   1 
HETATM 1316 O O   . HOH B 2 .   ? -15.449 -3.581  11.988  1.00 66.33  ? 444 HOH A O   1 
HETATM 1317 O O   . HOH B 2 .   ? -13.107 4.717   -8.333  1.00 59.09  ? 445 HOH A O   1 
HETATM 1318 O O   . HOH B 2 .   ? 17.169  -2.778  -15.677 1.00 60.82  ? 446 HOH A O   1 
HETATM 1319 O O   . HOH B 2 .   ? 12.224  -0.735  -20.198 1.00 61.78  ? 447 HOH A O   1 
HETATM 1320 O O   . HOH B 2 .   ? 2.229   1.064   7.099   1.00 67.76  ? 448 HOH A O   1 
HETATM 1321 O O   . HOH B 2 .   ? 15.064  0.511   -17.184 1.00 61.23  ? 449 HOH A O   1 
HETATM 1322 O O   . HOH B 2 .   ? -27.214 11.093  -8.501  1.00 88.72  ? 450 HOH A O   1 
HETATM 1323 O O   . HOH B 2 .   ? -15.835 -5.974  4.321   1.00 58.76  ? 451 HOH A O   1 
HETATM 1324 O O   . HOH B 2 .   ? 23.292  5.502   4.107   1.00 66.88  ? 452 HOH A O   1 
HETATM 1325 O O   . HOH B 2 .   ? -15.599 4.200   -6.378  1.00 81.08  ? 453 HOH A O   1 
HETATM 1326 O O   . HOH B 2 .   ? -21.626 1.732   -2.351  1.00 59.59  ? 454 HOH A O   1 
HETATM 1327 O O   . HOH B 2 .   ? 15.873  6.405   -13.956 1.00 58.93  ? 455 HOH A O   1 
HETATM 1328 O O   . HOH B 2 .   ? -12.468 16.995  -1.310  1.00 72.88  ? 456 HOH A O   1 
HETATM 1329 O O   . HOH B 2 .   ? 9.223   14.199  6.759   1.00 78.93  ? 457 HOH A O   1 
HETATM 1330 O O   . HOH B 2 .   ? 19.599  -1.362  -5.920  1.00 82.53  ? 458 HOH A O   1 
HETATM 1331 O O   . HOH B 2 .   ? 14.199  10.851  13.005  1.00 72.54  ? 459 HOH A O   1 
# 
